data_5FYL
#
_entry.id   5FYL
#
_cell.length_a   129.780
_cell.length_b   129.780
_cell.length_c   313.060
_cell.angle_alpha   90.00
_cell.angle_beta   90.00
_cell.angle_gamma   120.00
#
_symmetry.space_group_name_H-M   'P 63'
#
loop_
_entity.id
_entity.type
_entity.pdbx_description
1 polymer 'BG505 GP120 ENV ECTODOMAIN'
2 polymer '35O22 ANTIBODY FAB HEAVY CHAIN'
3 polymer '35O22 ANTIBODY FAB LIGHT CHAIN'
4 polymer 'BG505 GP120 ENV ECTODOMAIN'
5 polymer 'PGT122 ANTIBODY FAB HEAVY CHAIN'
6 polymer 'PGT122 ANTIBODY FAB LIGHT CHAIN'
7 branched beta-D-mannopyranose-(1-4)-2-acetamido-2-deoxy-beta-D-glucopyranose-(1-4)-2-acetamido-2-deoxy-beta-D-glucopyranose
8 branched alpha-D-mannopyranose-(1-3)-[alpha-D-mannopyranose-(1-6)]alpha-D-mannopyranose-(1-6)-[alpha-D-mannopyranose-(1-3)]beta-D-mannopyranose-(1-4)-2-acetamido-2-deoxy-beta-D-glucopyranose-(1-4)-2-acetamido-2-deoxy-beta-D-glucopyranose
9 branched 2-acetamido-2-deoxy-beta-D-glucopyranose-(1-4)-2-acetamido-2-deoxy-beta-D-glucopyranose
10 branched alpha-D-mannopyranose-(1-2)-alpha-D-mannopyranose-(1-6)-[alpha-D-mannopyranose-(1-3)]alpha-D-mannopyranose-(1-6)-[alpha-D-mannopyranose-(1-2)-alpha-D-mannopyranose-(1-3)]beta-D-mannopyranose-(1-4)-2-acetamido-2-deoxy-beta-D-glucopyranose-(1-4)-2-acetamido-2-deoxy-beta-D-glucopyranose
11 branched alpha-D-mannopyranose-(1-2)-alpha-D-mannopyranose-(1-2)-alpha-D-mannopyranose-(1-3)-[alpha-D-mannopyranose-(1-3)-alpha-D-mannopyranose-(1-6)]beta-D-mannopyranose-(1-4)-2-acetamido-2-deoxy-beta-D-glucopyranose-(1-4)-2-acetamido-2-deoxy-beta-D-glucopyranose
12 branched alpha-D-mannopyranose-(1-3)-alpha-D-mannopyranose-(1-6)-[alpha-D-mannopyranose-(1-3)]beta-D-mannopyranose-(1-4)-2-acetamido-2-deoxy-beta-D-glucopyranose-(1-4)-2-acetamido-2-deoxy-beta-D-glucopyranose
13 branched alpha-D-mannopyranose-(1-3)-[alpha-D-mannopyranose-(1-6)]beta-D-mannopyranose-(1-4)-2-acetamido-2-deoxy-beta-D-glucopyranose-(1-4)-2-acetamido-2-deoxy-beta-D-glucopyranose
14 branched alpha-D-mannopyranose-(1-2)-alpha-D-mannopyranose-(1-3)-alpha-D-mannopyranose-(1-6)-[alpha-D-mannopyranose-(1-2)-alpha-D-mannopyranose-(1-3)]beta-D-mannopyranose-(1-4)-2-acetamido-2-deoxy-beta-D-glucopyranose-(1-4)-2-acetamido-2-deoxy-beta-D-glucopyranose
15 branched alpha-D-mannopyranose-(1-2)-alpha-D-mannopyranose-(1-3)-[alpha-D-mannopyranose-(1-3)-alpha-D-mannopyranose-(1-6)]beta-D-mannopyranose-(1-4)-2-acetamido-2-deoxy-beta-D-glucopyranose-(1-4)-2-acetamido-2-deoxy-beta-D-glucopyranose
16 branched alpha-D-mannopyranose-(1-2)-alpha-D-mannopyranose-(1-3)-[alpha-D-mannopyranose-(1-3)-[alpha-D-mannopyranose-(1-6)]alpha-D-mannopyranose-(1-6)]beta-D-mannopyranose-(1-4)-2-acetamido-2-deoxy-beta-D-glucopyranose-(1-4)-2-acetamido-2-deoxy-beta-D-glucopyranose
17 branched alpha-D-mannopyranose-(1-2)-alpha-D-mannopyranose-(1-2)-alpha-D-mannopyranose-(1-3)-[alpha-D-mannopyranose-(1-2)-alpha-D-mannopyranose-(1-3)-[alpha-D-mannopyranose-(1-6)]alpha-D-mannopyranose-(1-6)]beta-D-mannopyranose-(1-4)-2-acetamido-2-deoxy-beta-D-glucopyranose-(1-4)-2-acetamido-2-deoxy-beta-D-glucopyranose
18 branched alpha-D-mannopyranose-(1-2)-alpha-D-mannopyranose-(1-3)-[alpha-D-mannopyranose-(1-6)]beta-D-mannopyranose-(1-4)-2-acetamido-2-deoxy-beta-D-glucopyranose-(1-4)-2-acetamido-2-deoxy-beta-D-glucopyranose
19 branched alpha-D-mannopyranose-(1-2)-alpha-D-mannopyranose-(1-6)-alpha-D-mannopyranose-(1-6)-beta-D-mannopyranose-(1-4)-2-acetamido-2-deoxy-beta-D-glucopyranose-(1-4)-2-acetamido-2-deoxy-beta-D-glucopyranose
20 branched alpha-D-mannopyranose-(1-3)-beta-D-mannopyranose-(1-4)-2-acetamido-2-deoxy-beta-D-glucopyranose-(1-4)-2-acetamido-2-deoxy-beta-D-glucopyranose
21 non-polymer 2-acetamido-2-deoxy-beta-D-glucopyranose
#
loop_
_entity_poly.entity_id
_entity_poly.type
_entity_poly.pdbx_seq_one_letter_code
_entity_poly.pdbx_strand_id
1 'polypeptide(L)'
;AVGIGAVFLGFLGAAGSTMGAASMTLTVQARNLLSGIVQQQSNLLRAPEAQQHLLKLTVWGIKQLQARVLAVERYLRDQQ
LLGIWGCSGKLICCTNVPWNSSWSNRNLSEIWDNMTWLQWDKEISNYTQIIYGLLEESQNQQEKNEQDLLALD
;
B
2 'polypeptide(L)'
;QGQLVQSGAELKKPGASVKISCKTSGYRFNFYHINWIRQTAGRGPEWMGWISPYSGDKNLAPAFQDRVIMTTDTEVPVTS
FTSTGAAYMEIRNLKFDDTGTYFCAKGLLRDGSSTWLPYLWGQGTLLTVSSASTKGPSVFPLAPSSKSTSGGTAALGCLV
KDYFPEPVTVSWNSGALTSGVHTFPAVLQSSGLYSLSSVVTVPSSSLGTQTYICNVNHKPSNTKVDKRVEPKSCDKGLEV
LFQ
;
D
3 'polypeptide(L)'
;QSVLTQSASVSGSLGQSVTISCTGPNSVCCSHKSISWYQWPPGRAPTLIIYEDNERAPGISPRFSGYKSYWSAYLTISDL
RPEDETTYYCCSYTHNSGCVFGTGTKVSVLGQSKANPSVTLFPPSSEELQANKATLVCLISDFYPGAVTVAWKADSSPVK
AGVETTTPSKQSNNKYAASSYLSLTPEQWKSHRSYSCQVTHEGSTVEKTVAPTECS
;
E
4 'polypeptide(L)'
;AENLWVTVYYGVPVWKDAETTLFCASDAKAYETEKHNVWATHACVPTDPNPQEIHLENVTEEFNMWKNNMVEQMHTDIIS
LWDQSLKPCVKLTPLCVTLQCTNVTNNITDDMRGELKNCSFNMTTELRDKKQKVYSLFYRLDVVQINENQGNRSNNSNKE
YRLINCNTSAITQACPKVSFEPIPIHYCAPAGFAILKCKDKKFNGTGPCPSVSTVQCTHGIKPVVSTQLLLNGSLAEEEV
MIRSENITNNAKNILVQFNTPVQINCTRPNNNTRKSIRIGPGQAFYATGDIIGDIRQAHCNVSKATWNETLGKVVKQLRK
HFGNNTIIRFANSSGGDLEVTTHSFNCGGEFFYCNTSGLFNSTWISNTSVQGSNSTGSNDSITLPCRIKQIINMWQRIGQ
AMYAPPIQGVIRCVSNITGLILTRDGGSTNSTTETFRPGGGDMRDNWRSELYKYKVVKIEPLGVAPTRCKRRVVGRRRRR
R
;
G
5 'polypeptide(L)'
;QVHLQESGPGLVKPSETLSLTCNVSGTLVRDNYWSWIRQPLGKQPEWIGYVHDSGDTNYNPSLKSRVHLSLDKSKNLVSL
RLTGVTAADSAIYYCATTKHGRRIYGVVAFKEWFTYFYMDVWGKGTSVTVSSASTKGPSVFPLAPSSKSTSGGTAALGCL
VKDYFPEPVTVSWNSGALTSGVHTFPAVLQSSGLYSLSSVVTVPSSSLGTQTYICNVNHKPSNTKVDKRVEPKSCDKGLE
VLFQ
;
H
6 'polypeptide(L)'
;APTFVSVAPGQTARITCGEESLGSRSVIWYQQRPGQAPSLIIYNNNDRPSGIPDRFSGSPGSTFGTTATLTITSVEAGDE
ADYYCHIWDSRRPTNWVFGEGTTLIVLSQPKAAPSVTLFPPSSEELQANKATLVCLISDFYPGAVTVAWKADSSPVKAGV
ETTTPSKQSNNKYAASSYLSLTPEQWKSHKSYSCQVTHEGSTVEKTVAPTECS
;
L
#
# COMPACT_ATOMS: atom_id res chain seq x y z
N VAL A 7 19.21 -25.45 -32.32
CA VAL A 7 18.79 -25.02 -30.99
C VAL A 7 17.25 -24.97 -30.89
N PHE A 8 16.75 -25.03 -29.66
CA PHE A 8 15.31 -25.07 -29.43
C PHE A 8 14.87 -23.92 -28.52
N LEU A 9 14.16 -22.96 -29.11
CA LEU A 9 13.78 -21.73 -28.41
C LEU A 9 12.53 -21.89 -27.57
N GLY A 10 11.49 -22.43 -28.18
CA GLY A 10 10.20 -22.55 -27.52
C GLY A 10 9.09 -22.04 -28.42
N PHE A 11 7.86 -22.39 -28.05
CA PHE A 11 6.68 -21.95 -28.78
C PHE A 11 6.66 -20.42 -28.86
N LEU A 12 6.69 -19.92 -30.10
CA LEU A 12 6.71 -18.50 -30.43
C LEU A 12 8.06 -17.82 -30.19
N GLY A 13 9.06 -18.60 -29.76
CA GLY A 13 10.38 -18.07 -29.45
C GLY A 13 11.02 -17.24 -30.55
N ALA A 14 10.77 -17.63 -31.81
CA ALA A 14 11.28 -16.88 -32.96
C ALA A 14 10.32 -15.78 -33.38
N ALA A 15 9.74 -15.09 -32.41
CA ALA A 15 8.83 -13.98 -32.67
C ALA A 15 9.61 -12.85 -33.32
N GLY A 16 10.64 -12.38 -32.61
CA GLY A 16 11.50 -11.32 -33.11
C GLY A 16 12.71 -11.85 -33.86
N SER A 17 12.55 -13.00 -34.51
CA SER A 17 13.60 -13.55 -35.35
C SER A 17 13.27 -13.31 -36.81
N THR A 18 14.30 -13.33 -37.66
CA THR A 18 14.12 -13.09 -39.08
C THR A 18 13.28 -14.20 -39.71
N MET A 19 12.53 -13.87 -40.75
CA MET A 19 11.61 -14.81 -41.38
C MET A 19 12.29 -16.06 -41.92
N GLY A 20 13.61 -15.99 -42.04
CA GLY A 20 14.38 -17.16 -42.42
C GLY A 20 14.60 -18.05 -41.23
N ALA A 21 15.01 -17.45 -40.13
CA ALA A 21 15.26 -18.18 -38.89
C ALA A 21 13.96 -18.67 -38.26
N ALA A 22 12.90 -17.91 -38.48
CA ALA A 22 11.58 -18.29 -37.95
C ALA A 22 10.96 -19.38 -38.82
N SER A 23 11.42 -19.50 -40.06
CA SER A 23 10.93 -20.52 -40.97
C SER A 23 11.64 -21.84 -40.72
N MET A 24 12.51 -21.86 -39.73
CA MET A 24 13.11 -23.10 -39.26
C MET A 24 12.14 -23.72 -38.25
N THR A 25 11.94 -23.01 -37.16
CA THR A 25 11.02 -23.45 -36.12
C THR A 25 9.56 -23.27 -36.52
N LEU A 26 9.08 -24.13 -37.41
CA LEU A 26 7.68 -24.09 -37.81
C LEU A 26 6.94 -25.22 -37.13
N THR A 27 7.66 -26.32 -36.91
CA THR A 27 7.07 -27.52 -36.35
C THR A 27 6.84 -27.39 -34.84
N VAL A 28 7.27 -26.28 -34.27
CA VAL A 28 7.09 -26.03 -32.83
C VAL A 28 5.82 -25.23 -32.60
N GLN A 29 5.54 -24.28 -33.49
CA GLN A 29 4.31 -23.51 -33.40
C GLN A 29 3.15 -24.39 -33.88
N ALA A 30 3.43 -25.26 -34.85
CA ALA A 30 2.43 -26.18 -35.38
C ALA A 30 2.12 -27.27 -34.36
N ARG A 31 3.07 -27.51 -33.46
CA ARG A 31 2.97 -28.56 -32.46
C ARG A 31 2.00 -28.17 -31.34
N ASN A 32 2.39 -27.16 -30.57
CA ASN A 32 1.58 -26.68 -29.46
C ASN A 32 0.34 -25.94 -29.95
N LEU A 33 -0.57 -26.65 -30.58
CA LEU A 33 -1.69 -26.02 -31.27
C LEU A 33 -3.00 -26.81 -31.19
N LEU A 34 -2.98 -27.94 -30.48
CA LEU A 34 -4.17 -28.77 -30.38
C LEU A 34 -4.46 -29.21 -28.95
N SER A 35 -3.76 -30.23 -28.49
CA SER A 35 -3.94 -30.73 -27.13
C SER A 35 -3.42 -29.70 -26.12
N GLY A 36 -2.41 -28.96 -26.54
CA GLY A 36 -1.82 -27.92 -25.70
C GLY A 36 -0.40 -27.56 -26.11
N THR A 58 -21.80 -26.45 -12.73
CA THR A 58 -20.94 -26.61 -13.89
C THR A 58 -20.66 -25.27 -14.57
N VAL A 59 -19.99 -24.38 -13.85
CA VAL A 59 -19.60 -23.08 -14.40
C VAL A 59 -18.36 -23.19 -15.28
N TRP A 60 -17.25 -23.66 -14.71
CA TRP A 60 -16.02 -23.88 -15.49
C TRP A 60 -16.24 -24.91 -16.60
N GLY A 61 -17.23 -25.76 -16.43
CA GLY A 61 -17.49 -26.88 -17.31
C GLY A 61 -17.87 -26.46 -18.71
N ILE A 62 -18.60 -25.35 -18.81
CA ILE A 62 -19.04 -24.86 -20.11
C ILE A 62 -17.91 -24.12 -20.81
N LYS A 63 -17.15 -23.34 -20.04
CA LYS A 63 -15.98 -22.64 -20.55
C LYS A 63 -15.05 -23.61 -21.27
N GLN A 64 -14.79 -24.75 -20.63
CA GLN A 64 -13.94 -25.79 -21.18
C GLN A 64 -14.45 -26.30 -22.53
N LEU A 65 -15.77 -26.39 -22.67
CA LEU A 65 -16.35 -27.03 -23.84
C LEU A 65 -16.33 -26.15 -25.09
N GLN A 66 -16.63 -24.87 -24.93
CA GLN A 66 -16.64 -23.95 -26.07
C GLN A 66 -15.24 -23.37 -26.32
N ALA A 67 -14.27 -23.85 -25.55
CA ALA A 67 -12.86 -23.59 -25.82
C ALA A 67 -12.28 -24.81 -26.51
N ARG A 68 -12.81 -25.97 -26.16
CA ARG A 68 -12.37 -27.24 -26.75
C ARG A 68 -12.79 -27.35 -28.21
N VAL A 69 -13.94 -26.80 -28.55
CA VAL A 69 -14.41 -26.83 -29.93
C VAL A 69 -13.77 -25.72 -30.75
N LEU A 70 -13.57 -24.57 -30.11
CA LEU A 70 -12.98 -23.41 -30.74
C LEU A 70 -11.60 -23.74 -31.29
N ALA A 71 -10.87 -24.59 -30.56
CA ALA A 71 -9.50 -24.93 -30.91
C ALA A 71 -9.44 -25.85 -32.13
N VAL A 72 -10.43 -26.72 -32.29
CA VAL A 72 -10.44 -27.63 -33.44
C VAL A 72 -11.08 -26.94 -34.63
N GLU A 73 -12.02 -26.04 -34.37
CA GLU A 73 -12.62 -25.28 -35.44
C GLU A 73 -11.54 -24.40 -36.08
N ARG A 74 -10.82 -23.68 -35.24
CA ARG A 74 -9.76 -22.77 -35.68
C ARG A 74 -8.62 -23.54 -36.36
N TYR A 75 -8.35 -24.74 -35.87
CA TYR A 75 -7.28 -25.57 -36.44
C TYR A 75 -7.66 -26.12 -37.80
N LEU A 76 -8.89 -26.63 -37.89
CA LEU A 76 -9.36 -27.26 -39.12
C LEU A 76 -9.49 -26.25 -40.25
N ARG A 77 -9.77 -25.00 -39.90
CA ARG A 77 -9.94 -23.95 -40.89
C ARG A 77 -8.62 -23.67 -41.63
N ASP A 78 -7.50 -24.03 -41.01
CA ASP A 78 -6.20 -23.89 -41.65
C ASP A 78 -5.88 -25.10 -42.52
N GLN A 79 -6.22 -26.28 -42.03
CA GLN A 79 -6.05 -27.51 -42.79
C GLN A 79 -6.97 -27.50 -44.00
N GLN A 80 -8.13 -26.89 -43.80
CA GLN A 80 -9.08 -26.64 -44.87
C GLN A 80 -8.42 -25.90 -46.03
N LEU A 81 -7.69 -24.84 -45.71
CA LEU A 81 -6.99 -24.04 -46.71
C LEU A 81 -5.85 -24.81 -47.37
N LEU A 82 -5.00 -25.43 -46.55
CA LEU A 82 -3.87 -26.21 -47.06
C LEU A 82 -4.34 -27.31 -48.00
N GLY A 83 -5.55 -27.83 -47.73
CA GLY A 83 -6.13 -28.91 -48.51
C GLY A 83 -6.80 -28.47 -49.80
N ILE A 84 -7.37 -27.27 -49.80
CA ILE A 84 -7.97 -26.73 -51.01
C ILE A 84 -6.90 -26.03 -51.85
N TRP A 85 -5.70 -25.97 -51.28
CA TRP A 85 -4.50 -25.74 -52.06
C TRP A 85 -3.86 -27.12 -52.17
N GLY A 86 -2.59 -27.20 -52.53
CA GLY A 86 -1.97 -28.50 -52.64
C GLY A 86 -1.10 -28.85 -51.45
N CYS A 87 -1.19 -28.03 -50.41
CA CYS A 87 -0.18 -27.99 -49.36
C CYS A 87 -0.57 -28.72 -48.09
N SER A 88 -1.06 -29.96 -48.21
CA SER A 88 -1.41 -30.76 -47.05
C SER A 88 -0.18 -31.40 -46.40
N GLY A 89 1.00 -31.00 -46.87
CA GLY A 89 2.26 -31.60 -46.48
C GLY A 89 2.70 -31.63 -45.02
N LYS A 90 2.96 -30.47 -44.42
CA LYS A 90 2.75 -29.18 -45.08
C LYS A 90 3.93 -28.25 -44.86
N LEU A 91 3.81 -27.39 -43.85
CA LEU A 91 4.82 -26.39 -43.52
C LEU A 91 5.08 -25.47 -44.72
N ILE A 92 6.23 -25.63 -45.36
CA ILE A 92 6.52 -24.89 -46.58
C ILE A 92 5.94 -25.63 -47.79
N CYS A 93 5.25 -24.89 -48.66
CA CYS A 93 4.69 -25.46 -49.87
C CYS A 93 4.72 -24.45 -51.00
N CYS A 94 5.42 -24.79 -52.08
CA CYS A 94 5.50 -23.90 -53.23
C CYS A 94 4.23 -24.01 -54.05
N THR A 95 4.00 -23.04 -54.93
CA THR A 95 2.80 -23.02 -55.75
C THR A 95 3.03 -22.47 -57.14
N ASN A 96 1.94 -22.30 -57.90
CA ASN A 96 2.02 -21.86 -59.29
C ASN A 96 1.46 -20.47 -59.51
N VAL A 97 1.04 -19.80 -58.44
CA VAL A 97 0.62 -18.42 -58.58
C VAL A 97 1.83 -17.52 -58.33
N PRO A 98 2.20 -16.70 -59.32
CA PRO A 98 3.39 -15.85 -59.22
C PRO A 98 3.15 -14.62 -58.35
N TRP A 99 4.22 -14.13 -57.72
CA TRP A 99 4.10 -13.04 -56.77
C TRP A 99 3.85 -11.69 -57.46
N ASN A 100 2.63 -11.17 -57.30
CA ASN A 100 2.31 -9.83 -57.74
C ASN A 100 3.12 -8.81 -56.95
N SER A 101 4.01 -8.11 -57.66
CA SER A 101 4.93 -7.16 -57.01
C SER A 101 4.19 -6.10 -56.21
N SER A 102 2.96 -5.79 -56.63
CA SER A 102 2.11 -4.82 -55.96
C SER A 102 1.90 -5.15 -54.47
N TRP A 103 1.93 -6.46 -54.17
CA TRP A 103 1.70 -6.94 -52.82
C TRP A 103 2.80 -6.52 -51.85
N SER A 104 4.04 -6.71 -52.27
CA SER A 104 5.18 -6.34 -51.44
C SER A 104 6.23 -5.57 -52.24
N ASN A 105 6.83 -6.25 -53.22
CA ASN A 105 7.85 -5.71 -54.13
C ASN A 105 9.27 -5.63 -53.52
N ARG A 106 9.39 -6.03 -52.26
CA ARG A 106 10.69 -6.05 -51.58
C ARG A 106 11.56 -7.18 -52.10
N ASN A 107 12.88 -7.05 -51.93
CA ASN A 107 13.80 -8.08 -52.40
C ASN A 107 13.87 -9.24 -51.42
N LEU A 108 14.38 -10.38 -51.88
CA LEU A 108 14.41 -11.61 -51.10
C LEU A 108 15.12 -11.43 -49.76
N SER A 109 16.34 -10.92 -49.83
CA SER A 109 17.20 -10.76 -48.66
C SER A 109 16.52 -9.96 -47.56
N GLU A 110 15.83 -8.88 -47.95
CA GLU A 110 15.30 -7.95 -46.98
C GLU A 110 13.96 -8.41 -46.38
N ILE A 111 13.56 -9.63 -46.68
CA ILE A 111 12.39 -10.19 -46.01
C ILE A 111 12.73 -11.49 -45.29
N TRP A 112 13.64 -12.28 -45.87
CA TRP A 112 13.97 -13.57 -45.27
C TRP A 112 15.13 -13.43 -44.29
N ASP A 113 16.09 -12.57 -44.63
CA ASP A 113 17.23 -12.33 -43.75
C ASP A 113 17.11 -10.99 -43.04
N ASN A 114 15.92 -10.40 -43.07
CA ASN A 114 15.71 -9.11 -42.44
C ASN A 114 14.42 -9.05 -41.62
N MET A 115 13.28 -8.99 -42.31
CA MET A 115 12.00 -8.77 -41.64
C MET A 115 11.49 -9.95 -40.83
N THR A 116 10.59 -9.66 -39.90
CA THR A 116 9.97 -10.69 -39.08
C THR A 116 8.53 -10.88 -39.52
N TRP A 117 7.97 -12.05 -39.20
CA TRP A 117 6.65 -12.42 -39.67
C TRP A 117 5.54 -11.56 -39.10
N LEU A 118 5.72 -11.10 -37.86
CA LEU A 118 4.82 -10.13 -37.25
C LEU A 118 4.73 -8.90 -38.12
N GLN A 119 5.90 -8.42 -38.53
CA GLN A 119 6.02 -7.26 -39.38
C GLN A 119 5.48 -7.55 -40.78
N TRP A 120 6.03 -8.61 -41.39
CA TRP A 120 5.68 -9.03 -42.75
C TRP A 120 4.18 -9.25 -42.94
N ASP A 121 3.51 -9.80 -41.91
CA ASP A 121 2.08 -10.08 -42.00
C ASP A 121 1.25 -8.83 -42.29
N LYS A 122 1.64 -7.70 -41.72
CA LYS A 122 0.84 -6.48 -41.84
C LYS A 122 0.93 -5.85 -43.24
N GLU A 123 2.02 -6.14 -43.95
CA GLU A 123 2.16 -5.63 -45.32
C GLU A 123 1.25 -6.37 -46.28
N ILE A 124 1.36 -7.70 -46.30
CA ILE A 124 0.59 -8.56 -47.20
C ILE A 124 -0.84 -8.78 -46.72
N SER A 125 -1.19 -8.16 -45.59
CA SER A 125 -2.49 -8.36 -44.97
C SER A 125 -3.62 -7.86 -45.85
N ASN A 126 -3.35 -6.84 -46.66
CA ASN A 126 -4.38 -6.22 -47.47
C ASN A 126 -4.91 -7.12 -48.59
N TYR A 127 -4.16 -8.16 -48.96
CA TYR A 127 -4.55 -8.99 -50.10
C TYR A 127 -4.46 -10.49 -49.84
N THR A 128 -4.41 -10.90 -48.58
CA THR A 128 -4.21 -12.31 -48.26
C THR A 128 -5.36 -13.18 -48.77
N GLN A 129 -6.58 -12.66 -48.66
CA GLN A 129 -7.76 -13.40 -49.10
C GLN A 129 -7.91 -13.38 -50.62
N ILE A 130 -7.37 -12.34 -51.25
CA ILE A 130 -7.33 -12.28 -52.70
C ILE A 130 -6.28 -13.25 -53.22
N ILE A 131 -5.15 -13.32 -52.50
CA ILE A 131 -4.09 -14.27 -52.82
C ILE A 131 -4.58 -15.71 -52.67
N TYR A 132 -5.35 -15.97 -51.62
CA TYR A 132 -5.90 -17.29 -51.38
C TYR A 132 -6.79 -17.76 -52.53
N GLY A 133 -7.55 -16.82 -53.10
CA GLY A 133 -8.42 -17.13 -54.22
C GLY A 133 -7.65 -17.59 -55.44
N LEU A 134 -6.49 -16.98 -55.67
CA LEU A 134 -5.61 -17.38 -56.77
C LEU A 134 -5.16 -18.82 -56.58
N LEU A 135 -4.96 -19.19 -55.32
CA LEU A 135 -4.53 -20.54 -54.95
C LEU A 135 -5.63 -21.57 -55.17
N GLU A 136 -6.85 -21.21 -54.77
CA GLU A 136 -7.99 -22.11 -54.86
C GLU A 136 -8.23 -22.62 -56.27
N GLU A 137 -8.30 -21.70 -57.24
CA GLU A 137 -8.52 -22.08 -58.64
C GLU A 137 -7.36 -22.88 -59.20
N SER A 138 -6.15 -22.56 -58.75
CA SER A 138 -4.94 -23.16 -59.28
C SER A 138 -4.80 -24.64 -58.93
N GLN A 139 -5.30 -25.03 -57.75
CA GLN A 139 -5.20 -26.42 -57.32
C GLN A 139 -6.16 -27.32 -58.10
N ASN A 140 -7.44 -26.93 -58.16
CA ASN A 140 -8.42 -27.71 -58.90
C ASN A 140 -8.03 -27.80 -60.36
N GLN A 141 -7.39 -26.74 -60.85
CA GLN A 141 -6.85 -26.71 -62.21
C GLN A 141 -5.78 -27.78 -62.38
N GLN A 142 -4.97 -27.98 -61.33
CA GLN A 142 -3.96 -29.04 -61.37
C GLN A 142 -4.60 -30.42 -61.45
N GLU A 143 -5.59 -30.65 -60.60
CA GLU A 143 -6.26 -31.95 -60.53
C GLU A 143 -6.98 -32.28 -61.83
N LYS A 144 -7.77 -31.34 -62.33
CA LYS A 144 -8.52 -31.53 -63.57
C LYS A 144 -7.56 -31.85 -64.72
N ASN A 145 -6.31 -31.40 -64.58
CA ASN A 145 -5.28 -31.65 -65.58
C ASN A 145 -4.63 -33.02 -65.39
N GLU A 146 -4.27 -33.32 -64.15
CA GLU A 146 -3.53 -34.55 -63.85
C GLU A 146 -4.35 -35.81 -64.14
N GLN A 147 -5.67 -35.69 -64.09
CA GLN A 147 -6.54 -36.80 -64.46
C GLN A 147 -6.34 -37.10 -65.94
N ASP A 148 -6.16 -36.06 -66.73
CA ASP A 148 -5.99 -36.21 -68.18
C ASP A 148 -4.68 -36.90 -68.53
N LEU A 149 -3.66 -36.72 -67.68
CA LEU A 149 -2.38 -37.38 -67.89
C LEU A 149 -2.48 -38.88 -67.62
N LEU A 150 -3.03 -39.23 -66.46
CA LEU A 150 -3.23 -40.64 -66.10
C LEU A 150 -4.29 -41.28 -67.00
N ALA A 151 -5.13 -40.46 -67.62
CA ALA A 151 -6.13 -40.95 -68.55
C ALA A 151 -5.48 -41.45 -69.83
N LEU A 152 -4.63 -40.61 -70.42
CA LEU A 152 -3.95 -40.97 -71.67
C LEU A 152 -2.86 -41.99 -71.39
N ASP A 153 -2.27 -41.92 -70.20
CA ASP A 153 -1.24 -42.88 -69.78
C ASP A 153 -1.68 -43.64 -68.55
N GLN B 1 14.61 4.42 -43.81
CA GLN B 1 13.53 4.05 -42.90
C GLN B 1 13.32 5.13 -41.83
N GLY B 2 14.35 5.39 -41.04
CA GLY B 2 14.29 6.41 -40.01
C GLY B 2 15.56 7.24 -39.98
N GLN B 3 15.46 8.47 -39.46
CA GLN B 3 16.59 9.39 -39.50
C GLN B 3 17.59 9.14 -38.38
N LEU B 4 18.76 9.76 -38.51
CA LEU B 4 19.90 9.46 -37.64
C LEU B 4 20.71 10.73 -37.35
N VAL B 5 20.18 11.59 -36.51
CA VAL B 5 20.79 12.89 -36.23
C VAL B 5 22.00 12.78 -35.30
N GLN B 6 22.89 13.76 -35.39
CA GLN B 6 24.15 13.72 -34.65
C GLN B 6 24.47 15.03 -33.93
N SER B 7 25.53 15.02 -33.14
CA SER B 7 25.98 16.20 -32.40
C SER B 7 26.61 17.23 -33.35
N GLY B 8 26.70 18.47 -32.87
CA GLY B 8 27.28 19.55 -33.65
C GLY B 8 28.80 19.55 -33.64
N ALA B 9 29.39 20.54 -34.30
CA ALA B 9 30.85 20.63 -34.39
C ALA B 9 31.45 21.13 -33.08
N GLU B 10 32.74 20.88 -32.90
CA GLU B 10 33.46 21.36 -31.73
C GLU B 10 34.98 21.31 -31.95
N LEU B 11 35.69 22.25 -31.35
CA LEU B 11 37.14 22.28 -31.44
C LEU B 11 37.76 21.72 -30.16
N LYS B 12 38.85 20.97 -30.32
CA LYS B 12 39.59 20.46 -29.18
C LYS B 12 41.09 20.55 -29.44
N LYS B 13 41.81 21.18 -28.52
CA LYS B 13 43.24 21.34 -28.63
C LYS B 13 43.94 19.98 -28.63
N PRO B 14 45.08 19.86 -29.34
CA PRO B 14 45.79 18.58 -29.46
C PRO B 14 46.21 18.01 -28.11
N GLY B 15 46.29 16.69 -28.04
CA GLY B 15 46.63 16.00 -26.81
C GLY B 15 45.47 15.92 -25.84
N ALA B 16 44.26 16.00 -26.38
CA ALA B 16 43.05 15.95 -25.56
C ALA B 16 42.14 14.80 -25.99
N SER B 17 40.84 14.98 -25.81
CA SER B 17 39.88 13.91 -26.08
C SER B 17 38.56 14.45 -26.65
N VAL B 18 37.67 13.55 -27.04
CA VAL B 18 36.41 13.94 -27.67
C VAL B 18 35.38 12.80 -27.62
N LYS B 19 34.10 13.15 -27.67
CA LYS B 19 33.02 12.17 -27.67
C LYS B 19 31.88 12.62 -28.58
N ILE B 20 31.58 11.80 -29.59
CA ILE B 20 30.60 12.15 -30.61
C ILE B 20 29.32 11.32 -30.47
N SER B 21 28.19 11.99 -30.27
CA SER B 21 26.92 11.30 -30.07
C SER B 21 26.12 11.17 -31.37
N CYS B 22 25.11 10.30 -31.35
CA CYS B 22 24.31 10.02 -32.54
C CYS B 22 22.98 9.36 -32.17
N LYS B 23 21.88 10.11 -32.33
CA LYS B 23 20.56 9.62 -31.92
C LYS B 23 19.88 8.80 -33.01
N THR B 24 18.97 7.92 -32.59
CA THR B 24 18.27 7.01 -33.49
C THR B 24 16.76 7.24 -33.47
N SER B 25 16.12 7.11 -34.62
CA SER B 25 14.68 7.23 -34.73
C SER B 25 14.15 6.52 -35.98
N GLY B 26 12.91 6.06 -35.91
CA GLY B 26 12.24 5.47 -37.06
C GLY B 26 12.63 4.04 -37.39
N TYR B 27 13.40 3.41 -36.52
CA TYR B 27 13.79 2.01 -36.72
C TYR B 27 14.23 1.38 -35.40
N ARG B 28 14.13 0.05 -35.33
CA ARG B 28 14.54 -0.68 -34.14
C ARG B 28 16.05 -0.61 -33.95
N PHE B 29 16.47 0.17 -32.96
CA PHE B 29 17.89 0.40 -32.69
C PHE B 29 18.68 -0.89 -32.52
N ASN B 30 18.16 -1.80 -31.71
CA ASN B 30 18.84 -3.06 -31.43
C ASN B 30 18.88 -4.00 -32.62
N PHE B 31 18.06 -3.73 -33.63
CA PHE B 31 17.93 -4.65 -34.76
C PHE B 31 19.05 -4.49 -35.80
N TYR B 32 19.85 -3.44 -35.68
CA TYR B 32 20.91 -3.18 -36.66
C TYR B 32 22.17 -2.66 -36.00
N HIS B 33 23.31 -2.87 -36.66
CA HIS B 33 24.61 -2.41 -36.18
C HIS B 33 24.76 -0.91 -36.34
N ILE B 34 25.73 -0.33 -35.64
CA ILE B 34 26.04 1.08 -35.77
C ILE B 34 27.51 1.30 -36.13
N ASN B 35 27.77 1.78 -37.34
CA ASN B 35 29.13 1.97 -37.82
C ASN B 35 29.55 3.43 -37.69
N TRP B 36 30.86 3.67 -37.73
CA TRP B 36 31.39 5.04 -37.67
C TRP B 36 32.55 5.22 -38.66
N ILE B 37 32.38 6.16 -39.58
CA ILE B 37 33.35 6.39 -40.66
C ILE B 37 33.72 7.86 -40.76
N ARG B 38 35.00 8.13 -41.03
CA ARG B 38 35.48 9.51 -41.12
C ARG B 38 35.92 9.89 -42.53
N GLN B 39 35.62 11.11 -42.94
CA GLN B 39 36.04 11.62 -44.24
C GLN B 39 37.21 12.59 -44.05
N THR B 40 38.27 12.12 -43.40
CA THR B 40 39.46 12.93 -43.20
C THR B 40 40.15 13.16 -44.55
N ALA B 41 40.86 14.28 -44.66
CA ALA B 41 41.47 14.66 -45.93
C ALA B 41 42.60 13.72 -46.34
N GLY B 42 43.52 13.48 -45.41
CA GLY B 42 44.73 12.73 -45.69
C GLY B 42 44.54 11.35 -46.30
N ARG B 43 43.90 10.45 -45.55
CA ARG B 43 43.71 9.08 -45.98
C ARG B 43 42.40 8.86 -46.74
N GLY B 44 41.71 9.95 -47.04
CA GLY B 44 40.39 9.87 -47.64
C GLY B 44 39.42 9.30 -46.62
N PRO B 45 38.41 8.55 -47.10
CA PRO B 45 37.46 7.89 -46.19
C PRO B 45 38.10 6.74 -45.41
N GLU B 46 37.67 6.55 -44.17
CA GLU B 46 38.20 5.46 -43.36
C GLU B 46 37.21 5.02 -42.28
N TRP B 47 37.03 3.72 -42.17
CA TRP B 47 36.08 3.10 -41.25
C TRP B 47 36.72 2.84 -39.89
N MET B 48 36.19 3.49 -38.85
CA MET B 48 36.70 3.29 -37.49
C MET B 48 36.35 1.89 -36.99
N GLY B 49 35.06 1.65 -36.81
CA GLY B 49 34.56 0.36 -36.35
C GLY B 49 33.05 0.35 -36.28
N TRP B 50 32.49 -0.71 -35.71
CA TRP B 50 31.06 -0.75 -35.42
C TRP B 50 30.79 -1.43 -34.10
N ILE B 51 29.55 -1.30 -33.62
CA ILE B 51 29.11 -1.99 -32.42
C ILE B 51 27.65 -2.40 -32.54
N SER B 52 27.32 -3.56 -31.99
CA SER B 52 25.94 -4.04 -31.98
C SER B 52 25.24 -3.54 -30.71
N PRO B 53 24.17 -2.75 -30.89
CA PRO B 53 23.39 -2.27 -29.75
C PRO B 53 22.78 -3.42 -28.95
N TYR B 54 22.59 -4.55 -29.62
CA TYR B 54 22.02 -5.73 -29.01
C TYR B 54 23.05 -6.49 -28.19
N SER B 55 24.05 -7.05 -28.85
CA SER B 55 25.03 -7.90 -28.20
C SER B 55 26.13 -7.10 -27.52
N GLY B 56 26.51 -5.97 -28.11
CA GLY B 56 27.58 -5.14 -27.58
C GLY B 56 28.94 -5.46 -28.18
N ASP B 57 28.93 -6.26 -29.24
CA ASP B 57 30.17 -6.67 -29.90
C ASP B 57 30.81 -5.52 -30.64
N LYS B 58 32.12 -5.35 -30.46
CA LYS B 58 32.85 -4.28 -31.12
C LYS B 58 33.94 -4.83 -32.05
N ASN B 59 34.04 -4.26 -33.24
CA ASN B 59 35.10 -4.61 -34.17
C ASN B 59 35.73 -3.35 -34.76
N LEU B 60 36.83 -2.92 -34.17
CA LEU B 60 37.51 -1.71 -34.62
C LEU B 60 38.74 -2.05 -35.44
N ALA B 61 39.20 -1.08 -36.22
CA ALA B 61 40.43 -1.25 -36.99
C ALA B 61 41.64 -1.08 -36.08
N PRO B 62 42.80 -1.64 -36.47
CA PRO B 62 44.04 -1.43 -35.71
C PRO B 62 44.36 0.04 -35.51
N ALA B 63 44.04 0.84 -36.52
CA ALA B 63 44.26 2.29 -36.48
C ALA B 63 43.50 2.93 -35.33
N PHE B 64 42.44 2.28 -34.89
CA PHE B 64 41.60 2.82 -33.83
C PHE B 64 41.39 1.81 -32.70
N GLN B 65 42.31 0.86 -32.58
CA GLN B 65 42.21 -0.15 -31.52
C GLN B 65 42.58 0.44 -30.16
N ASP B 66 43.82 0.91 -30.04
CA ASP B 66 44.30 1.44 -28.78
C ASP B 66 43.81 2.86 -28.53
N ARG B 67 43.21 3.48 -29.55
CA ARG B 67 42.90 4.90 -29.49
C ARG B 67 41.43 5.25 -29.24
N VAL B 68 40.52 4.33 -29.53
CA VAL B 68 39.09 4.67 -29.51
C VAL B 68 38.23 3.62 -28.76
N ILE B 69 37.10 4.08 -28.20
CA ILE B 69 36.12 3.19 -27.57
C ILE B 69 34.70 3.43 -28.09
N MET B 70 34.02 2.35 -28.50
CA MET B 70 32.64 2.45 -28.97
C MET B 70 31.66 2.38 -27.81
N THR B 71 30.67 3.28 -27.82
CA THR B 71 29.70 3.34 -26.74
C THR B 71 28.26 3.30 -27.29
N THR B 72 27.38 2.61 -26.57
CA THR B 72 25.98 2.49 -26.99
C THR B 72 25.01 2.62 -25.82
N ASP B 73 23.91 3.34 -26.06
CA ASP B 73 22.95 3.63 -25.00
C ASP B 73 21.74 2.71 -25.07
N THR B 74 20.87 2.81 -24.07
CA THR B 74 19.71 1.94 -23.98
C THR B 74 18.62 2.37 -24.96
N GLU B 75 17.89 1.40 -25.47
CA GLU B 75 16.81 1.64 -26.42
C GLU B 75 15.49 1.89 -25.71
N VAL B 76 14.83 3.00 -26.04
CA VAL B 76 13.49 3.28 -25.54
C VAL B 76 12.53 3.30 -26.72
N PRO B 77 11.45 2.51 -26.64
CA PRO B 77 10.59 2.20 -27.79
C PRO B 77 9.50 3.23 -28.09
N VAL B 78 9.10 3.30 -29.35
CA VAL B 78 7.96 4.10 -29.77
C VAL B 78 6.78 3.19 -30.01
N THR B 79 6.96 2.22 -30.89
CA THR B 79 5.98 1.16 -31.12
C THR B 79 6.68 -0.19 -31.17
N SER B 80 5.95 -1.21 -31.59
CA SER B 80 6.48 -2.58 -31.62
C SER B 80 7.66 -2.72 -32.57
N PHE B 81 7.68 -1.92 -33.64
CA PHE B 81 8.76 -1.99 -34.63
C PHE B 81 9.58 -0.72 -34.72
N THR B 82 9.39 0.20 -33.77
CA THR B 82 10.12 1.47 -33.79
C THR B 82 10.67 1.81 -32.41
N SER B 83 11.76 2.56 -32.39
CA SER B 83 12.42 2.89 -31.14
C SER B 83 13.19 4.21 -31.22
N THR B 84 13.81 4.58 -30.11
CA THR B 84 14.62 5.79 -30.03
C THR B 84 15.88 5.58 -29.19
N GLY B 85 16.97 5.18 -29.83
CA GLY B 85 18.22 4.92 -29.14
C GLY B 85 19.31 5.91 -29.50
N ALA B 86 20.54 5.63 -29.08
CA ALA B 86 21.67 6.52 -29.35
C ALA B 86 23.01 5.80 -29.21
N ALA B 87 24.04 6.34 -29.85
CA ALA B 87 25.38 5.75 -29.81
C ALA B 87 26.46 6.83 -29.77
N TYR B 88 27.64 6.45 -29.27
CA TYR B 88 28.76 7.39 -29.13
C TYR B 88 30.08 6.79 -29.60
N MET B 89 31.16 7.56 -29.46
CA MET B 89 32.48 7.10 -29.88
C MET B 89 33.60 7.93 -29.23
N GLU B 90 34.20 7.39 -28.17
CA GLU B 90 35.26 8.09 -27.44
C GLU B 90 36.63 7.86 -28.05
N ILE B 91 37.19 8.89 -28.68
CA ILE B 91 38.57 8.84 -29.13
C ILE B 91 39.48 9.34 -28.02
N ARG B 92 40.37 8.48 -27.55
CA ARG B 92 41.24 8.80 -26.41
C ARG B 92 42.22 9.93 -26.75
N ASN B 93 43.19 9.64 -27.62
CA ASN B 93 44.18 10.63 -28.02
C ASN B 93 43.76 11.41 -29.27
N LEU B 94 44.27 12.63 -29.41
CA LEU B 94 43.94 13.46 -30.57
C LEU B 94 45.19 13.86 -31.34
N LYS B 95 45.21 13.53 -32.63
CA LYS B 95 46.34 13.86 -33.48
C LYS B 95 45.99 14.95 -34.50
N PHE B 96 46.99 15.38 -35.26
CA PHE B 96 46.78 16.37 -36.31
C PHE B 96 45.87 15.76 -37.38
N ASP B 97 46.07 14.47 -37.62
CA ASP B 97 45.40 13.76 -38.70
C ASP B 97 43.92 13.55 -38.46
N ASP B 98 43.50 13.66 -37.20
CA ASP B 98 42.11 13.41 -36.84
C ASP B 98 41.17 14.53 -37.31
N THR B 99 41.75 15.64 -37.73
CA THR B 99 40.97 16.78 -38.21
C THR B 99 40.21 16.43 -39.47
N GLY B 100 38.88 16.33 -39.36
CA GLY B 100 38.04 15.97 -40.49
C GLY B 100 36.62 15.61 -40.11
N THR B 101 35.83 15.18 -41.09
CA THR B 101 34.41 14.89 -40.87
C THR B 101 34.24 13.53 -40.20
N TYR B 102 33.11 13.33 -39.53
CA TYR B 102 32.80 12.07 -38.88
C TYR B 102 31.34 11.70 -39.08
N PHE B 103 31.09 10.44 -39.43
CA PHE B 103 29.74 9.97 -39.71
C PHE B 103 29.37 8.72 -38.90
N CYS B 104 28.10 8.64 -38.52
CA CYS B 104 27.55 7.40 -37.97
C CYS B 104 26.58 6.83 -38.99
N ALA B 105 26.51 5.51 -39.08
CA ALA B 105 25.67 4.86 -40.08
C ALA B 105 25.27 3.46 -39.63
N LYS B 106 23.97 3.15 -39.74
CA LYS B 106 23.45 1.87 -39.27
C LYS B 106 23.67 0.73 -40.27
N GLY B 107 23.45 -0.49 -39.81
CA GLY B 107 23.69 -1.68 -40.62
C GLY B 107 22.65 -1.92 -41.69
N LEU B 108 23.02 -2.74 -42.67
CA LEU B 108 22.13 -3.05 -43.79
C LEU B 108 21.01 -4.00 -43.40
N LEU B 109 21.33 -5.26 -43.16
CA LEU B 109 20.33 -6.26 -42.81
C LEU B 109 20.50 -6.76 -41.37
N ARG B 110 19.54 -7.55 -40.90
CA ARG B 110 19.60 -8.12 -39.56
C ARG B 110 20.36 -9.43 -39.57
N ASP B 111 20.37 -10.07 -40.73
CA ASP B 111 21.06 -11.34 -40.91
C ASP B 111 21.62 -11.37 -42.33
N GLY B 112 22.66 -12.18 -42.54
CA GLY B 112 23.25 -12.30 -43.85
C GLY B 112 24.75 -12.12 -43.84
N SER B 113 25.34 -12.02 -45.03
CA SER B 113 26.77 -11.85 -45.16
C SER B 113 27.16 -10.36 -45.15
N SER B 114 26.15 -9.50 -45.20
CA SER B 114 26.37 -8.06 -45.21
C SER B 114 25.55 -7.40 -44.11
N THR B 115 25.67 -7.95 -42.91
CA THR B 115 24.87 -7.49 -41.78
C THR B 115 25.23 -6.09 -41.31
N TRP B 116 26.52 -5.80 -41.21
CA TRP B 116 26.98 -4.54 -40.65
C TRP B 116 27.21 -3.46 -41.70
N LEU B 117 27.01 -3.81 -42.96
CA LEU B 117 27.25 -2.88 -44.05
C LEU B 117 26.46 -1.59 -43.84
N PRO B 118 27.20 -0.45 -43.74
CA PRO B 118 26.58 0.85 -43.49
C PRO B 118 25.58 1.24 -44.57
N TYR B 119 24.30 1.12 -44.28
CA TYR B 119 23.27 1.49 -45.25
C TYR B 119 22.81 2.94 -45.04
N LEU B 120 22.25 3.23 -43.88
CA LEU B 120 21.69 4.54 -43.61
C LEU B 120 22.64 5.41 -42.80
N TRP B 121 22.89 6.62 -43.31
CA TRP B 121 23.92 7.50 -42.74
C TRP B 121 23.34 8.73 -42.04
N GLY B 122 24.17 9.34 -41.19
CA GLY B 122 23.81 10.57 -40.51
C GLY B 122 24.21 11.77 -41.35
N GLN B 123 23.92 12.98 -40.85
CA GLN B 123 24.19 14.19 -41.62
C GLN B 123 25.63 14.68 -41.47
N GLY B 124 26.35 14.11 -40.51
CA GLY B 124 27.77 14.40 -40.36
C GLY B 124 28.11 15.27 -39.16
N THR B 125 29.29 15.02 -38.59
CA THR B 125 29.79 15.79 -37.45
C THR B 125 31.23 16.20 -37.75
N LEU B 126 31.60 17.42 -37.34
CA LEU B 126 32.90 17.98 -37.70
C LEU B 126 33.86 18.07 -36.51
N LEU B 127 35.15 17.95 -36.79
CA LEU B 127 36.19 18.07 -35.78
C LEU B 127 37.43 18.77 -36.32
N THR B 128 37.87 19.82 -35.63
CA THR B 128 39.08 20.53 -36.00
C THR B 128 40.10 20.52 -34.87
N VAL B 129 40.95 19.49 -34.85
CA VAL B 129 42.02 19.40 -33.88
C VAL B 129 43.06 20.46 -34.19
N SER B 130 43.10 21.51 -33.37
CA SER B 130 43.97 22.66 -33.64
C SER B 130 44.36 23.39 -32.35
N SER B 131 45.60 23.91 -32.33
CA SER B 131 46.12 24.62 -31.17
C SER B 131 45.53 26.02 -31.05
N ALA B 132 44.92 26.50 -32.13
CA ALA B 132 44.38 27.85 -32.19
C ALA B 132 43.08 27.98 -31.40
N SER B 133 42.86 29.15 -30.80
CA SER B 133 41.66 29.41 -30.03
C SER B 133 40.48 29.73 -30.93
N THR B 134 39.29 29.75 -30.36
CA THR B 134 38.06 29.99 -31.12
C THR B 134 37.90 31.47 -31.46
N LYS B 135 37.36 31.72 -32.64
CA LYS B 135 37.09 33.09 -33.09
C LYS B 135 35.63 33.23 -33.52
N GLY B 136 34.95 34.25 -33.01
CA GLY B 136 33.57 34.50 -33.37
C GLY B 136 33.43 35.05 -34.78
N PRO B 137 32.26 34.85 -35.40
CA PRO B 137 31.99 35.31 -36.76
C PRO B 137 31.53 36.76 -36.83
N SER B 138 32.36 37.64 -37.37
CA SER B 138 31.98 39.04 -37.54
C SER B 138 31.06 39.19 -38.73
N VAL B 139 29.78 39.45 -38.45
CA VAL B 139 28.75 39.48 -39.49
C VAL B 139 28.49 40.90 -39.99
N PHE B 140 28.26 41.03 -41.30
CA PHE B 140 27.96 42.31 -41.91
C PHE B 140 26.98 42.13 -43.08
N PRO B 141 26.27 43.20 -43.48
CA PRO B 141 25.30 43.06 -44.57
C PRO B 141 25.90 43.25 -45.95
N LEU B 142 25.06 43.15 -46.97
CA LEU B 142 25.47 43.32 -48.36
C LEU B 142 24.52 44.28 -49.09
N ALA B 143 25.07 45.31 -49.71
CA ALA B 143 24.27 46.27 -50.45
C ALA B 143 23.66 45.62 -51.70
N PRO B 144 22.31 45.56 -51.76
CA PRO B 144 21.54 44.89 -52.82
C PRO B 144 22.02 45.20 -54.23
N SER B 145 22.08 44.18 -55.08
CA SER B 145 22.57 44.33 -56.45
C SER B 145 21.77 43.47 -57.42
N SER B 146 21.74 43.87 -58.69
CA SER B 146 20.92 43.19 -59.69
C SER B 146 21.75 42.31 -60.62
N LYS B 147 21.07 41.40 -61.31
CA LYS B 147 21.71 40.53 -62.30
C LYS B 147 21.39 41.00 -63.71
N SER B 148 20.10 41.09 -64.01
CA SER B 148 19.65 41.56 -65.31
C SER B 148 18.64 42.70 -65.13
N THR B 149 19.02 43.89 -65.59
CA THR B 149 18.19 45.08 -65.46
C THR B 149 16.94 44.96 -66.34
N SER B 150 17.02 44.14 -67.37
CA SER B 150 15.90 43.95 -68.29
C SER B 150 14.97 42.83 -67.81
N GLY B 151 15.55 41.78 -67.27
CA GLY B 151 14.80 40.60 -66.87
C GLY B 151 13.90 40.80 -65.65
N GLY B 152 14.14 41.87 -64.91
CA GLY B 152 13.38 42.15 -63.71
C GLY B 152 13.85 41.29 -62.55
N THR B 153 15.07 41.54 -62.09
CA THR B 153 15.70 40.69 -61.07
C THR B 153 16.52 41.51 -60.07
N ALA B 154 16.58 41.04 -58.83
CA ALA B 154 17.41 41.65 -57.80
C ALA B 154 17.96 40.58 -56.85
N ALA B 155 18.82 40.97 -55.91
CA ALA B 155 19.43 40.02 -54.98
C ALA B 155 20.05 40.69 -53.76
N LEU B 156 20.08 39.97 -52.64
CA LEU B 156 20.68 40.47 -51.39
C LEU B 156 20.89 39.34 -50.37
N GLY B 157 21.79 39.56 -49.41
CA GLY B 157 22.10 38.57 -48.40
C GLY B 157 23.02 39.04 -47.29
N CYS B 158 23.61 38.09 -46.55
CA CYS B 158 24.48 38.40 -45.41
C CYS B 158 25.93 37.99 -45.67
N LEU B 159 26.86 38.60 -44.94
CA LEU B 159 28.29 38.31 -45.10
C LEU B 159 28.91 37.92 -43.76
N VAL B 160 29.77 36.91 -43.76
CA VAL B 160 30.52 36.52 -42.58
C VAL B 160 32.02 36.47 -42.90
N LYS B 161 32.75 37.55 -42.64
CA LYS B 161 34.07 37.75 -43.27
C LYS B 161 35.26 37.05 -42.60
N ASP B 162 35.20 36.88 -41.28
CA ASP B 162 36.30 36.25 -40.53
C ASP B 162 35.88 35.44 -39.31
N TYR B 163 36.25 34.16 -39.34
CA TYR B 163 35.99 33.24 -38.25
C TYR B 163 36.82 31.97 -38.33
N PHE B 164 36.70 31.18 -37.26
CA PHE B 164 37.37 29.88 -37.11
C PHE B 164 36.82 29.21 -35.86
N PRO B 165 36.37 27.95 -35.96
CA PRO B 165 36.37 27.05 -37.12
C PRO B 165 35.00 26.87 -37.78
N GLU B 166 34.97 26.13 -38.88
CA GLU B 166 33.73 25.82 -39.60
C GLU B 166 32.94 24.75 -38.84
N PRO B 167 31.64 24.57 -39.16
CA PRO B 167 30.79 25.22 -40.15
C PRO B 167 29.83 26.25 -39.56
N VAL B 168 28.98 26.83 -40.41
CA VAL B 168 28.06 27.89 -40.01
C VAL B 168 26.71 27.73 -40.71
N THR B 169 25.62 28.04 -40.00
CA THR B 169 24.25 27.89 -40.52
C THR B 169 23.92 28.97 -41.56
N VAL B 170 22.80 28.80 -42.26
CA VAL B 170 22.34 29.76 -43.27
C VAL B 170 20.81 29.88 -43.34
N SER B 171 20.15 30.03 -42.21
CA SER B 171 18.69 30.10 -42.19
C SER B 171 18.16 31.48 -42.55
N TRP B 172 16.83 31.58 -42.70
CA TRP B 172 16.20 32.85 -43.06
C TRP B 172 14.83 33.01 -42.40
N ASN B 173 14.72 34.02 -41.53
CA ASN B 173 13.48 34.34 -40.84
C ASN B 173 12.87 33.13 -40.12
N SER B 174 13.67 32.50 -39.28
CA SER B 174 13.26 31.32 -38.51
C SER B 174 12.83 30.18 -39.45
N GLY B 175 13.48 30.08 -40.61
CA GLY B 175 13.18 29.04 -41.58
C GLY B 175 11.82 29.20 -42.21
N ALA B 176 11.54 30.40 -42.72
CA ALA B 176 10.25 30.67 -43.33
C ALA B 176 10.33 30.60 -44.86
N LEU B 177 11.09 31.51 -45.45
CA LEU B 177 11.20 31.56 -46.90
C LEU B 177 12.05 30.41 -47.44
N THR B 178 11.49 29.68 -48.40
CA THR B 178 12.23 28.60 -49.05
C THR B 178 12.38 28.93 -50.53
N SER B 179 12.81 30.15 -50.82
CA SER B 179 13.00 30.62 -52.17
C SER B 179 14.39 31.19 -52.34
N GLY B 180 15.09 30.74 -53.38
CA GLY B 180 16.43 31.20 -53.66
C GLY B 180 17.43 30.86 -52.58
N VAL B 181 17.30 29.66 -52.03
CA VAL B 181 18.20 29.19 -50.98
C VAL B 181 19.59 28.93 -51.54
N HIS B 182 20.44 29.97 -51.55
CA HIS B 182 21.78 29.88 -52.09
C HIS B 182 22.83 30.17 -51.02
N THR B 183 24.06 29.69 -51.26
CA THR B 183 25.15 29.81 -50.29
C THR B 183 26.51 29.50 -50.92
N PHE B 184 27.54 30.23 -50.52
CA PHE B 184 28.91 29.95 -50.96
C PHE B 184 29.77 29.44 -49.79
N PRO B 185 30.64 28.46 -50.07
CA PRO B 185 31.58 27.95 -49.06
C PRO B 185 32.63 29.00 -48.70
N ALA B 186 33.35 28.77 -47.61
CA ALA B 186 34.33 29.73 -47.12
C ALA B 186 35.68 29.56 -47.83
N VAL B 187 36.56 30.54 -47.63
CA VAL B 187 37.93 30.45 -48.13
C VAL B 187 38.90 30.83 -47.01
N LEU B 188 40.00 30.11 -46.92
CA LEU B 188 40.95 30.29 -45.83
C LEU B 188 41.91 31.45 -46.07
N GLN B 189 42.06 32.32 -45.08
CA GLN B 189 43.01 33.41 -45.15
C GLN B 189 44.43 32.85 -45.00
N SER B 190 45.43 33.67 -45.30
CA SER B 190 46.82 33.24 -45.27
C SER B 190 47.31 32.97 -43.84
N SER B 191 46.62 33.55 -42.86
CA SER B 191 47.00 33.39 -41.46
C SER B 191 46.40 32.12 -40.86
N GLY B 192 45.24 31.73 -41.36
CA GLY B 192 44.57 30.53 -40.87
C GLY B 192 43.18 30.82 -40.31
N LEU B 193 42.40 31.60 -41.06
CA LEU B 193 41.05 31.97 -40.64
C LEU B 193 40.09 31.94 -41.83
N TYR B 194 38.85 31.50 -41.60
CA TYR B 194 37.88 31.31 -42.69
C TYR B 194 37.05 32.57 -42.98
N SER B 195 36.25 32.51 -44.05
CA SER B 195 35.54 33.69 -44.57
C SER B 195 34.46 33.28 -45.58
N LEU B 196 33.19 33.54 -45.29
CA LEU B 196 32.13 33.16 -46.24
C LEU B 196 31.01 34.19 -46.39
N SER B 197 30.21 33.99 -47.44
CA SER B 197 29.08 34.87 -47.74
C SER B 197 27.86 34.05 -48.17
N SER B 198 26.72 34.72 -48.33
CA SER B 198 25.48 34.08 -48.77
C SER B 198 24.53 35.09 -49.40
N VAL B 199 23.71 34.63 -50.34
CA VAL B 199 22.81 35.52 -51.08
C VAL B 199 21.52 34.81 -51.49
N VAL B 200 20.44 35.58 -51.68
CA VAL B 200 19.17 35.05 -52.12
C VAL B 200 18.47 35.99 -53.11
N THR B 201 17.98 35.43 -54.22
CA THR B 201 17.34 36.22 -55.26
C THR B 201 15.95 36.70 -54.86
N VAL B 202 15.69 37.99 -55.10
CA VAL B 202 14.43 38.62 -54.73
C VAL B 202 13.97 39.61 -55.81
N PRO B 203 12.68 39.95 -55.83
CA PRO B 203 12.20 40.95 -56.80
C PRO B 203 12.42 42.37 -56.33
N SER B 204 12.48 43.32 -57.25
CA SER B 204 12.77 44.71 -56.92
C SER B 204 11.65 45.43 -56.19
N SER B 205 10.42 45.28 -56.71
CA SER B 205 9.25 46.02 -56.25
C SER B 205 9.06 46.02 -54.73
N SER B 206 9.21 44.85 -54.12
CA SER B 206 9.04 44.73 -52.68
C SER B 206 10.27 45.18 -51.91
N LEU B 207 10.08 46.10 -50.97
CA LEU B 207 11.17 46.60 -50.14
C LEU B 207 10.82 46.53 -48.66
N GLY B 208 9.75 47.22 -48.28
CA GLY B 208 9.33 47.27 -46.89
C GLY B 208 8.46 46.09 -46.50
N THR B 209 7.82 45.48 -47.48
CA THR B 209 6.95 44.33 -47.23
C THR B 209 7.77 43.09 -46.87
N GLN B 210 9.02 43.05 -47.35
CA GLN B 210 9.91 41.92 -47.08
C GLN B 210 10.67 42.13 -45.77
N THR B 211 10.82 41.06 -45.00
CA THR B 211 11.54 41.12 -43.73
C THR B 211 12.85 40.33 -43.80
N TYR B 212 13.97 41.00 -43.52
CA TYR B 212 15.28 40.37 -43.62
C TYR B 212 15.84 39.96 -42.26
N ILE B 213 15.84 38.65 -41.97
CA ILE B 213 16.47 38.15 -40.76
C ILE B 213 17.19 36.82 -41.00
N CYS B 214 18.50 36.87 -41.19
CA CYS B 214 19.28 35.64 -41.35
C CYS B 214 19.74 35.10 -40.00
N ASN B 215 18.83 34.45 -39.30
CA ASN B 215 19.11 33.89 -37.98
C ASN B 215 20.14 32.78 -38.03
N VAL B 216 21.41 33.17 -38.01
CA VAL B 216 22.53 32.25 -38.22
C VAL B 216 23.40 32.12 -36.97
N ASN B 217 23.82 30.89 -36.67
CA ASN B 217 24.62 30.64 -35.48
C ASN B 217 25.93 29.88 -35.77
N HIS B 218 26.87 30.01 -34.85
CA HIS B 218 28.15 29.30 -34.93
C HIS B 218 28.35 28.51 -33.64
N LYS B 219 27.91 27.26 -33.67
CA LYS B 219 27.77 26.41 -32.48
C LYS B 219 29.03 26.00 -31.67
N PRO B 220 30.22 25.89 -32.30
CA PRO B 220 31.36 25.44 -31.49
C PRO B 220 31.66 26.21 -30.20
N SER B 221 31.21 27.46 -30.11
CA SER B 221 31.40 28.25 -28.89
C SER B 221 30.17 29.04 -28.48
N ASN B 222 28.99 28.52 -28.85
CA ASN B 222 27.72 29.09 -28.41
C ASN B 222 27.55 30.56 -28.80
N THR B 223 27.49 30.83 -30.09
CA THR B 223 27.32 32.20 -30.58
C THR B 223 26.08 32.36 -31.46
N LYS B 224 25.27 33.36 -31.17
CA LYS B 224 24.03 33.60 -31.92
C LYS B 224 23.99 35.04 -32.44
N VAL B 225 23.73 35.20 -33.74
CA VAL B 225 23.70 36.51 -34.37
C VAL B 225 22.52 36.68 -35.34
N ASP B 226 21.94 37.89 -35.36
CA ASP B 226 20.87 38.23 -36.30
C ASP B 226 21.15 39.58 -36.96
N LYS B 227 20.95 39.67 -38.28
CA LYS B 227 21.22 40.91 -39.01
C LYS B 227 20.16 41.21 -40.08
N ARG B 228 20.03 42.49 -40.44
CA ARG B 228 19.07 42.94 -41.44
C ARG B 228 19.74 43.79 -42.52
N VAL B 229 19.36 43.55 -43.77
CA VAL B 229 19.95 44.26 -44.91
C VAL B 229 19.17 45.54 -45.24
N GLU B 230 19.88 46.64 -45.39
CA GLU B 230 19.28 47.95 -45.66
C GLU B 230 19.10 48.17 -47.16
N PRO B 231 18.20 49.09 -47.56
CA PRO B 231 17.91 49.29 -48.98
C PRO B 231 18.93 50.13 -49.76
N LYS B 232 20.00 50.61 -49.10
CA LYS B 232 21.00 51.39 -49.82
C LYS B 232 21.72 50.54 -50.85
N SER B 233 21.53 50.86 -52.12
CA SER B 233 22.07 50.05 -53.21
C SER B 233 23.54 50.35 -53.49
N CYS B 234 24.08 49.71 -54.52
CA CYS B 234 25.46 49.88 -54.91
C CYS B 234 25.59 50.10 -56.41
N ASP B 235 25.10 49.12 -57.18
CA ASP B 235 25.12 49.21 -58.63
C ASP B 235 23.94 50.03 -59.13
N LYS B 236 24.21 50.94 -60.07
CA LYS B 236 23.17 51.81 -60.62
C LYS B 236 22.03 51.04 -61.28
N GLY B 237 22.34 49.86 -61.79
CA GLY B 237 21.39 49.05 -62.54
C GLY B 237 20.19 48.58 -61.76
N LEU B 238 20.30 48.60 -60.43
CA LEU B 238 19.20 48.16 -59.57
C LEU B 238 18.18 49.28 -59.36
N GLU B 239 18.65 50.50 -59.27
CA GLU B 239 17.77 51.65 -59.01
C GLU B 239 17.01 52.09 -60.25
N VAL B 240 17.43 51.59 -61.41
CA VAL B 240 16.72 51.88 -62.66
C VAL B 240 15.45 51.04 -62.73
N LEU B 241 15.52 49.83 -62.19
CA LEU B 241 14.39 48.90 -62.17
C LEU B 241 13.17 49.46 -61.45
N PHE B 242 13.42 50.25 -60.40
CA PHE B 242 12.34 50.84 -59.61
C PHE B 242 11.62 51.93 -60.39
N SER C 2 46.29 4.16 -50.96
CA SER C 2 45.59 3.05 -50.30
C SER C 2 45.93 1.72 -50.96
N VAL C 3 45.38 0.64 -50.42
CA VAL C 3 45.65 -0.70 -50.94
C VAL C 3 44.65 -1.09 -52.01
N LEU C 4 43.39 -0.73 -51.79
CA LEU C 4 42.35 -0.98 -52.78
C LEU C 4 42.40 0.09 -53.87
N THR C 5 42.75 -0.33 -55.08
CA THR C 5 43.00 0.61 -56.17
C THR C 5 41.78 0.84 -57.06
N GLN C 6 41.26 2.06 -57.03
CA GLN C 6 40.21 2.50 -57.94
C GLN C 6 40.84 3.05 -59.21
N SER C 7 40.00 3.66 -60.06
CA SER C 7 40.51 4.40 -61.21
C SER C 7 40.50 5.89 -60.87
N ALA C 8 41.20 6.68 -61.67
CA ALA C 8 41.31 8.11 -61.40
C ALA C 8 40.04 8.83 -61.80
N SER C 9 39.61 8.61 -63.04
CA SER C 9 38.41 9.24 -63.56
C SER C 9 37.95 8.56 -64.86
N VAL C 10 36.63 8.55 -65.08
CA VAL C 10 36.06 7.97 -66.30
C VAL C 10 35.06 8.94 -66.93
N SER C 11 34.65 8.65 -68.17
CA SER C 11 33.79 9.56 -68.91
C SER C 11 32.65 8.84 -69.64
N GLY C 12 31.63 9.61 -70.03
CA GLY C 12 30.48 9.07 -70.75
C GLY C 12 29.47 10.14 -71.14
N SER C 13 28.72 9.88 -72.21
CA SER C 13 27.70 10.81 -72.69
C SER C 13 26.44 10.66 -71.87
N LEU C 14 25.42 11.42 -72.23
CA LEU C 14 24.11 11.28 -71.57
C LEU C 14 23.31 10.18 -72.26
N GLY C 15 22.65 9.36 -71.45
CA GLY C 15 21.94 8.21 -71.99
C GLY C 15 22.97 7.24 -72.54
N GLN C 16 24.14 7.22 -71.90
CA GLN C 16 25.28 6.41 -72.32
C GLN C 16 25.68 5.44 -71.19
N SER C 17 26.82 4.79 -71.32
CA SER C 17 27.26 3.83 -70.31
C SER C 17 28.73 4.09 -69.94
N VAL C 18 29.06 3.83 -68.67
CA VAL C 18 30.41 4.04 -68.18
C VAL C 18 30.77 3.03 -67.09
N THR C 19 32.04 2.61 -67.05
CA THR C 19 32.50 1.64 -66.07
C THR C 19 33.57 2.23 -65.16
N ILE C 20 33.99 1.46 -64.15
CA ILE C 20 35.03 1.87 -63.22
C ILE C 20 35.61 0.69 -62.45
N SER C 21 36.93 0.55 -62.48
CA SER C 21 37.59 -0.59 -61.85
C SER C 21 37.76 -0.40 -60.34
N CYS C 22 37.98 -1.51 -59.64
CA CYS C 22 38.20 -1.50 -58.20
C CYS C 22 39.11 -2.68 -57.83
N THR C 23 40.34 -2.63 -58.34
CA THR C 23 41.28 -3.75 -58.21
C THR C 23 42.09 -3.66 -56.93
N GLY C 24 42.73 -4.76 -56.56
CA GLY C 24 43.61 -4.80 -55.40
C GLY C 24 44.41 -6.09 -55.37
N PRO C 25 45.36 -6.18 -54.41
CA PRO C 25 46.14 -7.41 -54.22
C PRO C 25 45.29 -8.49 -53.56
N ASN C 26 45.72 -9.75 -53.66
CA ASN C 26 44.97 -10.87 -53.09
C ASN C 26 44.71 -10.72 -51.59
N SER C 27 45.50 -9.88 -50.93
CA SER C 27 45.33 -9.62 -49.51
C SER C 27 44.06 -8.81 -49.24
N VAL C 28 43.51 -8.19 -50.28
CA VAL C 28 42.32 -7.35 -50.15
C VAL C 28 41.22 -7.75 -51.14
N CYS C 29 41.62 -8.05 -52.37
CA CYS C 29 40.68 -8.38 -53.43
C CYS C 29 41.28 -9.44 -54.37
N CYS C 30 40.45 -10.29 -54.97
CA CYS C 30 39.00 -10.24 -54.87
C CYS C 30 38.40 -11.62 -54.58
N SER C 31 39.24 -12.65 -54.66
CA SER C 31 38.79 -14.02 -54.39
C SER C 31 38.47 -14.18 -52.91
N HIS C 32 37.40 -14.91 -52.62
CA HIS C 32 36.92 -15.12 -51.24
C HIS C 32 36.69 -13.80 -50.51
N LYS C 33 36.05 -12.85 -51.19
CA LYS C 33 35.82 -11.52 -50.62
C LYS C 33 34.65 -10.80 -51.32
N SER C 34 33.86 -10.07 -50.54
CA SER C 34 32.71 -9.34 -51.09
C SER C 34 33.04 -7.88 -51.31
N ILE C 35 32.31 -7.23 -52.23
CA ILE C 35 32.59 -5.86 -52.62
C ILE C 35 31.33 -4.99 -52.66
N SER C 36 31.44 -3.76 -52.16
CA SER C 36 30.34 -2.79 -52.18
C SER C 36 30.62 -1.61 -53.10
N TRP C 37 29.65 -0.71 -53.25
CA TRP C 37 29.80 0.45 -54.12
C TRP C 37 28.96 1.64 -53.65
N TYR C 38 29.62 2.79 -53.50
CA TYR C 38 28.96 3.99 -52.97
C TYR C 38 29.03 5.19 -53.91
N GLN C 39 27.97 5.99 -53.87
CA GLN C 39 27.96 7.31 -54.49
C GLN C 39 28.12 8.34 -53.39
N TRP C 40 29.34 8.86 -53.24
CA TRP C 40 29.68 9.74 -52.14
C TRP C 40 29.98 11.16 -52.63
N PRO C 41 28.98 12.05 -52.58
CA PRO C 41 29.15 13.44 -52.99
C PRO C 41 29.99 14.21 -51.96
N PRO C 42 30.93 15.05 -52.44
CA PRO C 42 31.80 15.84 -51.55
C PRO C 42 31.00 16.73 -50.60
N GLY C 43 31.24 16.58 -49.30
CA GLY C 43 30.59 17.40 -48.30
C GLY C 43 29.15 17.02 -48.02
N ARG C 44 28.72 15.88 -48.56
CA ARG C 44 27.36 15.38 -48.35
C ARG C 44 27.35 13.87 -48.14
N ALA C 45 26.31 13.37 -47.47
CA ALA C 45 26.19 11.96 -47.14
C ALA C 45 26.16 11.08 -48.39
N PRO C 46 26.81 9.91 -48.32
CA PRO C 46 26.90 8.99 -49.46
C PRO C 46 25.60 8.22 -49.69
N THR C 47 25.64 7.28 -50.63
CA THR C 47 24.47 6.47 -50.95
C THR C 47 24.90 5.09 -51.44
N LEU C 48 24.37 4.03 -50.82
CA LEU C 48 24.75 2.66 -51.14
C LEU C 48 24.04 2.15 -52.39
N ILE C 49 24.82 1.67 -53.35
CA ILE C 49 24.30 1.21 -54.63
C ILE C 49 24.16 -0.32 -54.70
N ILE C 50 25.29 -1.01 -54.53
CA ILE C 50 25.33 -2.46 -54.67
C ILE C 50 26.06 -3.10 -53.50
N TYR C 51 25.81 -4.40 -53.30
CA TYR C 51 26.51 -5.17 -52.28
C TYR C 51 26.55 -6.63 -52.70
N GLU C 52 27.42 -7.41 -52.06
CA GLU C 52 27.63 -8.82 -52.41
C GLU C 52 27.83 -8.94 -53.92
N ASP C 53 28.64 -8.03 -54.45
CA ASP C 53 29.05 -7.99 -55.85
C ASP C 53 27.94 -7.56 -56.82
N ASN C 54 26.76 -8.17 -56.74
CA ASN C 54 25.72 -7.89 -57.72
C ASN C 54 24.38 -7.43 -57.13
N GLU C 55 24.19 -7.62 -55.83
CA GLU C 55 22.91 -7.32 -55.21
C GLU C 55 22.65 -5.82 -55.09
N ARG C 56 21.58 -5.35 -55.73
CA ARG C 56 21.24 -3.93 -55.74
C ARG C 56 20.39 -3.54 -54.53
N ALA C 57 20.77 -2.44 -53.88
CA ALA C 57 20.07 -1.94 -52.70
C ALA C 57 18.68 -1.41 -53.06
N PRO C 58 17.78 -1.28 -52.06
CA PRO C 58 16.45 -0.73 -52.34
C PRO C 58 16.48 0.73 -52.79
N GLY C 59 15.78 1.02 -53.88
CA GLY C 59 15.77 2.36 -54.44
C GLY C 59 16.93 2.55 -55.40
N ILE C 60 17.17 1.52 -56.21
CA ILE C 60 18.25 1.56 -57.20
C ILE C 60 17.73 1.16 -58.58
N SER C 61 17.83 2.11 -59.51
CA SER C 61 17.44 1.89 -60.90
C SER C 61 18.23 0.72 -61.52
N PRO C 62 17.58 -0.06 -62.41
CA PRO C 62 18.20 -1.23 -63.04
C PRO C 62 19.51 -0.94 -63.76
N ARG C 63 19.69 0.29 -64.23
CA ARG C 63 20.86 0.67 -65.03
C ARG C 63 22.18 0.41 -64.31
N PHE C 64 22.21 0.64 -63.00
CA PHE C 64 23.41 0.38 -62.20
C PHE C 64 23.68 -1.11 -62.11
N SER C 65 24.93 -1.51 -62.36
CA SER C 65 25.30 -2.92 -62.34
C SER C 65 26.76 -3.11 -61.90
N GLY C 66 27.08 -4.32 -61.45
CA GLY C 66 28.43 -4.62 -60.98
C GLY C 66 28.84 -6.07 -61.18
N TYR C 67 30.14 -6.29 -61.32
CA TYR C 67 30.69 -7.64 -61.53
C TYR C 67 32.08 -7.80 -60.93
N LYS C 68 32.29 -8.88 -60.20
CA LYS C 68 33.57 -9.16 -59.57
C LYS C 68 34.32 -10.27 -60.28
N SER C 69 35.40 -9.91 -60.98
CA SER C 69 36.27 -10.92 -61.58
C SER C 69 37.18 -11.50 -60.50
N TYR C 70 37.87 -12.58 -60.80
CA TYR C 70 38.70 -13.25 -59.80
C TYR C 70 39.88 -12.38 -59.39
N TRP C 71 40.19 -11.38 -60.20
CA TRP C 71 41.34 -10.51 -59.94
C TRP C 71 40.94 -9.06 -59.72
N SER C 72 39.75 -8.67 -60.20
CA SER C 72 39.32 -7.28 -60.08
C SER C 72 37.80 -7.12 -60.01
N ALA C 73 37.37 -6.07 -59.33
CA ALA C 73 35.95 -5.73 -59.25
C ALA C 73 35.67 -4.45 -60.01
N TYR C 74 34.48 -4.33 -60.58
CA TYR C 74 34.10 -3.15 -61.34
C TYR C 74 32.66 -2.73 -61.06
N LEU C 75 32.30 -1.52 -61.49
CA LEU C 75 30.92 -1.04 -61.43
C LEU C 75 30.53 -0.38 -62.73
N THR C 76 29.39 -0.76 -63.28
CA THR C 76 28.93 -0.18 -64.54
C THR C 76 27.64 0.62 -64.35
N ILE C 77 27.61 1.83 -64.91
CA ILE C 77 26.44 2.68 -64.82
C ILE C 77 25.89 2.96 -66.21
N SER C 78 24.58 2.76 -66.38
CA SER C 78 23.94 2.94 -67.68
C SER C 78 22.94 4.10 -67.64
N ASP C 79 22.40 4.43 -68.81
CA ASP C 79 21.44 5.52 -68.98
C ASP C 79 21.86 6.73 -68.18
N LEU C 80 23.04 7.26 -68.51
CA LEU C 80 23.66 8.32 -67.74
C LEU C 80 22.76 9.54 -67.60
N ARG C 81 22.37 9.82 -66.36
CA ARG C 81 21.57 11.00 -66.04
C ARG C 81 22.53 12.14 -65.65
N PRO C 82 22.02 13.39 -65.59
CA PRO C 82 22.94 14.49 -65.29
C PRO C 82 23.55 14.48 -63.89
N GLU C 83 22.79 14.06 -62.87
CA GLU C 83 23.24 14.13 -61.50
C GLU C 83 24.26 13.05 -61.14
N ASP C 84 24.59 12.20 -62.11
CA ASP C 84 25.51 11.10 -61.89
C ASP C 84 26.96 11.58 -61.85
N GLU C 85 27.14 12.86 -62.17
CA GLU C 85 28.46 13.47 -62.19
C GLU C 85 28.95 13.75 -60.77
N THR C 86 29.59 12.76 -60.16
CA THR C 86 30.08 12.88 -58.79
C THR C 86 31.17 11.87 -58.48
N THR C 87 31.58 11.82 -57.21
CA THR C 87 32.70 10.97 -56.79
C THR C 87 32.21 9.67 -56.18
N TYR C 88 32.88 8.57 -56.49
CA TYR C 88 32.43 7.24 -56.09
C TYR C 88 33.51 6.47 -55.33
N TYR C 89 33.06 5.54 -54.48
CA TYR C 89 33.97 4.71 -53.70
C TYR C 89 33.47 3.28 -53.59
N CYS C 90 34.42 2.35 -53.47
CA CYS C 90 34.10 0.95 -53.22
C CYS C 90 34.75 0.51 -51.91
N CYS C 91 34.47 -0.71 -51.48
CA CYS C 91 34.98 -1.19 -50.19
C CYS C 91 35.03 -2.71 -50.11
N SER C 92 36.17 -3.24 -49.68
CA SER C 92 36.33 -4.67 -49.43
C SER C 92 35.80 -5.04 -48.06
N TYR C 93 34.98 -6.08 -48.00
CA TYR C 93 34.39 -6.51 -46.73
C TYR C 93 33.96 -7.96 -46.75
N THR C 94 33.84 -8.53 -45.54
CA THR C 94 33.25 -9.84 -45.34
C THR C 94 32.29 -9.77 -44.15
N HIS C 95 31.75 -10.92 -43.76
CA HIS C 95 30.76 -10.94 -42.69
C HIS C 95 31.34 -10.48 -41.34
N ASN C 96 32.45 -11.07 -40.93
CA ASN C 96 33.00 -10.79 -39.61
C ASN C 96 33.94 -9.60 -39.57
N SER C 97 34.68 -9.38 -40.66
CA SER C 97 35.69 -8.31 -40.68
C SER C 97 35.05 -6.93 -40.88
N GLY C 98 35.85 -5.99 -41.37
CA GLY C 98 35.41 -4.61 -41.54
C GLY C 98 35.65 -4.06 -42.93
N CYS C 99 35.27 -2.79 -43.11
CA CYS C 99 35.34 -2.13 -44.41
C CYS C 99 36.72 -1.54 -44.71
N VAL C 100 37.10 -1.54 -45.99
CA VAL C 100 38.38 -0.99 -46.44
C VAL C 100 38.20 -0.14 -47.70
N PHE C 101 37.94 1.16 -47.51
CA PHE C 101 37.71 2.07 -48.63
C PHE C 101 38.90 2.18 -49.56
N GLY C 102 38.63 2.44 -50.84
CA GLY C 102 39.66 2.50 -51.86
C GLY C 102 40.41 3.82 -51.92
N THR C 103 40.66 4.29 -53.14
CA THR C 103 41.43 5.50 -53.36
C THR C 103 40.56 6.69 -53.76
N GLY C 104 39.66 6.48 -54.71
CA GLY C 104 38.74 7.53 -55.12
C GLY C 104 38.65 7.76 -56.61
N THR C 105 37.43 7.90 -57.11
CA THR C 105 37.19 8.13 -58.53
C THR C 105 36.09 9.16 -58.78
N LYS C 106 36.38 10.16 -59.61
CA LYS C 106 35.39 11.15 -59.99
C LYS C 106 34.80 10.80 -61.35
N VAL C 107 33.49 10.94 -61.48
CA VAL C 107 32.82 10.67 -62.75
C VAL C 107 32.57 11.96 -63.51
N SER C 108 32.98 11.99 -64.77
CA SER C 108 32.87 13.18 -65.61
C SER C 108 31.91 12.97 -66.78
N VAL C 109 30.62 13.18 -66.54
CA VAL C 109 29.63 12.98 -67.59
C VAL C 109 29.68 14.13 -68.59
N LEU C 110 29.69 13.78 -69.86
CA LEU C 110 29.70 14.77 -70.94
C LEU C 110 28.48 14.58 -71.84
N GLY C 111 28.44 15.31 -72.94
CA GLY C 111 27.25 15.36 -73.77
C GLY C 111 26.19 16.20 -73.08
N GLN C 112 26.68 17.13 -72.26
CA GLN C 112 25.85 17.94 -71.39
C GLN C 112 26.00 19.42 -71.76
N SER C 113 24.87 20.10 -71.91
CA SER C 113 24.87 21.50 -72.35
C SER C 113 25.52 22.41 -71.30
N LYS C 114 26.14 23.48 -71.77
CA LYS C 114 26.83 24.42 -70.88
C LYS C 114 25.85 25.39 -70.22
N ALA C 115 26.39 26.46 -69.65
CA ALA C 115 25.55 27.46 -68.97
C ALA C 115 26.28 28.79 -68.84
N ASN C 116 25.53 29.88 -69.01
CA ASN C 116 26.07 31.21 -68.83
C ASN C 116 26.02 31.62 -67.36
N PRO C 117 27.15 32.10 -66.81
CA PRO C 117 27.29 32.41 -65.39
C PRO C 117 26.45 33.60 -64.92
N SER C 118 25.83 33.45 -63.75
CA SER C 118 25.05 34.53 -63.14
C SER C 118 25.88 35.28 -62.10
N VAL C 119 26.52 36.35 -62.52
CA VAL C 119 27.45 37.09 -61.67
C VAL C 119 26.79 38.30 -61.01
N THR C 120 26.99 38.44 -59.70
CA THR C 120 26.44 39.55 -58.95
C THR C 120 27.39 39.99 -57.83
N LEU C 121 28.14 41.05 -58.07
CA LEU C 121 29.14 41.52 -57.11
C LEU C 121 28.56 42.46 -56.06
N PHE C 122 28.84 42.18 -54.79
CA PHE C 122 28.42 43.02 -53.68
C PHE C 122 29.63 43.68 -53.02
N PRO C 123 29.73 45.00 -53.10
CA PRO C 123 30.83 45.75 -52.47
C PRO C 123 30.64 45.84 -50.96
N PRO C 124 31.72 46.19 -50.21
CA PRO C 124 31.63 46.27 -48.75
C PRO C 124 30.66 47.33 -48.25
N SER C 125 29.93 47.03 -47.19
CA SER C 125 28.93 47.94 -46.64
C SER C 125 29.59 48.97 -45.74
N SER C 126 28.79 49.95 -45.30
CA SER C 126 29.29 51.01 -44.43
C SER C 126 29.70 50.49 -43.07
N GLU C 127 29.07 49.41 -42.63
CA GLU C 127 29.36 48.84 -41.31
C GLU C 127 30.64 48.03 -41.31
N GLU C 128 31.02 47.48 -42.46
CA GLU C 128 32.20 46.63 -42.54
C GLU C 128 33.48 47.41 -42.30
N LEU C 129 33.53 48.64 -42.79
CA LEU C 129 34.71 49.48 -42.69
C LEU C 129 34.93 50.01 -41.27
N GLN C 130 33.93 49.82 -40.42
CA GLN C 130 34.00 50.29 -39.04
C GLN C 130 34.75 49.28 -38.15
N ALA C 131 36.01 49.00 -38.51
CA ALA C 131 36.80 48.04 -37.75
C ALA C 131 38.23 48.49 -37.39
N ASN C 132 39.07 48.94 -38.35
CA ASN C 132 38.76 49.06 -39.77
C ASN C 132 39.36 47.93 -40.61
N LYS C 133 38.54 47.39 -41.51
CA LYS C 133 38.99 46.33 -42.43
C LYS C 133 38.25 46.49 -43.76
N ALA C 134 38.96 46.36 -44.87
CA ALA C 134 38.35 46.59 -46.19
C ALA C 134 38.58 45.41 -47.14
N THR C 135 37.48 44.87 -47.65
CA THR C 135 37.52 43.74 -48.58
C THR C 135 36.43 43.84 -49.64
N LEU C 136 36.29 42.80 -50.47
CA LEU C 136 35.26 42.75 -51.49
C LEU C 136 34.63 41.36 -51.56
N VAL C 137 33.50 41.26 -52.24
CA VAL C 137 32.74 40.01 -52.31
C VAL C 137 32.36 39.60 -53.74
N CYS C 138 33.32 39.07 -54.49
CA CYS C 138 33.05 38.60 -55.85
C CYS C 138 32.46 37.19 -55.84
N LEU C 139 31.21 37.07 -56.28
CA LEU C 139 30.52 35.78 -56.29
C LEU C 139 30.06 35.41 -57.72
N ILE C 140 30.13 34.11 -58.03
CA ILE C 140 29.74 33.61 -59.36
C ILE C 140 28.94 32.31 -59.24
N SER C 141 27.87 32.18 -60.02
CA SER C 141 27.02 30.99 -59.92
C SER C 141 26.43 30.55 -61.26
N ASP C 142 25.87 29.34 -61.26
CA ASP C 142 25.19 28.75 -62.41
C ASP C 142 26.07 28.67 -63.67
N PHE C 143 27.08 27.82 -63.64
CA PHE C 143 27.94 27.65 -64.82
C PHE C 143 28.46 26.23 -65.00
N TYR C 144 28.71 25.89 -66.27
CA TYR C 144 29.30 24.61 -66.66
C TYR C 144 30.25 24.89 -67.83
N PRO C 145 31.43 24.25 -67.83
CA PRO C 145 31.96 23.28 -66.85
C PRO C 145 32.42 23.93 -65.55
N GLY C 146 32.60 23.13 -64.51
CA GLY C 146 32.99 23.65 -63.21
C GLY C 146 34.46 23.96 -63.08
N ALA C 147 34.90 25.05 -63.73
CA ALA C 147 36.29 25.48 -63.68
C ALA C 147 36.45 26.92 -64.19
N VAL C 148 36.95 27.79 -63.32
CA VAL C 148 37.23 29.18 -63.69
C VAL C 148 38.52 29.67 -63.04
N THR C 149 38.99 30.85 -63.47
CA THR C 149 40.18 31.45 -62.88
C THR C 149 39.94 32.93 -62.54
N VAL C 150 40.08 33.28 -61.27
CA VAL C 150 39.84 34.65 -60.83
C VAL C 150 41.13 35.46 -60.79
N ALA C 151 41.20 36.49 -61.63
CA ALA C 151 42.38 37.36 -61.70
C ALA C 151 42.01 38.81 -61.39
N TRP C 152 43.02 39.64 -61.15
CA TRP C 152 42.80 41.05 -60.84
C TRP C 152 43.88 41.94 -61.46
N LYS C 153 43.77 43.24 -61.25
CA LYS C 153 44.73 44.21 -61.79
C LYS C 153 44.90 45.44 -60.90
N ALA C 154 45.96 46.22 -61.17
CA ALA C 154 46.22 47.45 -60.43
C ALA C 154 47.21 48.35 -61.18
N ASP C 155 46.66 49.32 -61.91
CA ASP C 155 47.44 50.27 -62.71
C ASP C 155 48.30 49.57 -63.75
N SER C 156 47.65 48.86 -64.68
CA SER C 156 48.30 48.19 -65.79
C SER C 156 49.30 47.11 -65.35
N SER C 157 48.99 46.45 -64.23
CA SER C 157 49.83 45.38 -63.70
C SER C 157 49.04 44.55 -62.69
N PRO C 158 49.30 43.23 -62.63
CA PRO C 158 48.55 42.32 -61.75
C PRO C 158 48.78 42.56 -60.26
N VAL C 159 47.94 41.95 -59.43
CA VAL C 159 47.99 42.12 -57.98
C VAL C 159 48.84 41.05 -57.31
N LYS C 160 49.83 41.48 -56.53
CA LYS C 160 50.81 40.56 -55.96
C LYS C 160 50.62 40.30 -54.45
N ALA C 161 49.44 40.59 -53.93
CA ALA C 161 49.18 40.39 -52.51
C ALA C 161 47.69 40.41 -52.16
N GLY C 162 47.33 39.70 -51.09
CA GLY C 162 45.99 39.75 -50.55
C GLY C 162 44.96 38.88 -51.24
N VAL C 163 45.42 37.87 -51.97
CA VAL C 163 44.53 37.00 -52.74
C VAL C 163 44.06 35.81 -51.92
N GLU C 164 42.78 35.47 -52.04
CA GLU C 164 42.22 34.27 -51.40
C GLU C 164 41.17 33.61 -52.30
N THR C 165 41.64 32.76 -53.21
CA THR C 165 40.77 32.12 -54.19
C THR C 165 40.38 30.71 -53.72
N THR C 166 39.25 30.20 -54.21
CA THR C 166 38.73 28.91 -53.77
C THR C 166 38.25 28.01 -54.93
N THR C 167 37.73 26.84 -54.59
CA THR C 167 37.32 25.84 -55.56
C THR C 167 35.81 25.87 -55.84
N PRO C 168 35.37 25.28 -56.98
CA PRO C 168 33.94 25.18 -57.27
C PRO C 168 33.27 24.02 -56.54
N SER C 169 31.95 23.90 -56.66
CA SER C 169 31.20 22.84 -56.00
C SER C 169 29.83 22.62 -56.65
N LYS C 170 29.40 21.36 -56.71
CA LYS C 170 28.14 20.99 -57.33
C LYS C 170 26.94 21.47 -56.52
N GLN C 171 25.97 22.06 -57.20
CA GLN C 171 24.81 22.65 -56.53
C GLN C 171 23.57 21.74 -56.59
N SER C 172 22.46 22.26 -56.08
CA SER C 172 21.22 21.50 -56.01
C SER C 172 20.57 21.32 -57.38
N ASN C 173 21.04 22.09 -58.37
CA ASN C 173 20.51 21.99 -59.72
C ASN C 173 21.58 21.58 -60.72
N ASN C 174 22.49 20.72 -60.27
CA ASN C 174 23.54 20.13 -61.11
C ASN C 174 24.50 21.15 -61.72
N LYS C 175 24.47 22.39 -61.23
CA LYS C 175 25.40 23.42 -61.68
C LYS C 175 26.49 23.62 -60.64
N TYR C 176 27.46 24.49 -60.94
CA TYR C 176 28.61 24.68 -60.07
C TYR C 176 28.78 26.16 -59.71
N ALA C 177 29.31 26.43 -58.51
CA ALA C 177 29.45 27.80 -58.04
C ALA C 177 30.67 27.98 -57.13
N ALA C 178 31.47 29.00 -57.42
CA ALA C 178 32.66 29.29 -56.63
C ALA C 178 32.72 30.76 -56.23
N SER C 179 33.45 31.07 -55.17
CA SER C 179 33.55 32.44 -54.67
C SER C 179 35.00 32.96 -54.69
N SER C 180 35.19 34.23 -54.37
CA SER C 180 36.51 34.85 -54.36
C SER C 180 36.50 36.23 -53.69
N TYR C 181 37.43 36.45 -52.76
CA TYR C 181 37.54 37.72 -52.05
C TYR C 181 38.96 38.28 -52.13
N LEU C 182 39.13 39.53 -51.72
CA LEU C 182 40.44 40.18 -51.71
C LEU C 182 40.42 41.47 -50.89
N SER C 183 41.51 41.72 -50.15
CA SER C 183 41.58 42.87 -49.25
C SER C 183 42.38 44.04 -49.83
N LEU C 184 41.86 45.24 -49.63
CA LEU C 184 42.51 46.48 -50.06
C LEU C 184 42.61 47.45 -48.88
N THR C 185 43.64 48.29 -48.86
CA THR C 185 43.78 49.27 -47.80
C THR C 185 42.75 50.38 -47.95
N PRO C 186 42.27 50.93 -46.82
CA PRO C 186 41.22 51.96 -46.87
C PRO C 186 41.72 53.32 -47.38
N GLU C 187 43.03 53.47 -47.50
CA GLU C 187 43.60 54.71 -48.01
C GLU C 187 43.83 54.60 -49.52
N GLN C 188 43.38 53.47 -50.09
CA GLN C 188 43.53 53.21 -51.51
C GLN C 188 42.17 53.32 -52.22
N TRP C 189 41.32 54.20 -51.70
CA TRP C 189 39.98 54.39 -52.22
C TRP C 189 39.91 55.60 -53.15
N LYS C 190 40.08 56.78 -52.59
CA LYS C 190 40.04 58.02 -53.36
C LYS C 190 41.41 58.33 -53.95
N SER C 191 42.39 57.46 -53.64
CA SER C 191 43.74 57.64 -54.12
C SER C 191 43.99 56.79 -55.37
N HIS C 192 43.46 55.57 -55.36
CA HIS C 192 43.60 54.66 -56.50
C HIS C 192 42.35 54.75 -57.39
N ARG C 193 42.56 54.76 -58.70
CA ARG C 193 41.47 55.00 -59.64
C ARG C 193 40.53 53.80 -59.82
N SER C 194 40.98 52.77 -60.52
CA SER C 194 40.11 51.64 -60.86
C SER C 194 40.67 50.30 -60.41
N TYR C 195 39.83 49.26 -60.50
CA TYR C 195 40.21 47.90 -60.11
C TYR C 195 39.32 46.86 -60.76
N SER C 196 39.92 45.85 -61.37
CA SER C 196 39.17 44.82 -62.07
C SER C 196 39.05 43.51 -61.27
N CYS C 197 37.91 42.84 -61.42
CA CYS C 197 37.67 41.56 -60.77
C CYS C 197 37.34 40.50 -61.83
N GLN C 198 38.36 40.06 -62.55
CA GLN C 198 38.18 39.17 -63.69
C GLN C 198 37.91 37.72 -63.28
N VAL C 199 36.91 37.11 -63.92
CA VAL C 199 36.60 35.69 -63.71
C VAL C 199 36.34 35.02 -65.06
N THR C 200 37.38 34.43 -65.65
CA THR C 200 37.28 33.86 -66.99
C THR C 200 36.57 32.51 -67.03
N HIS C 201 35.81 32.29 -68.10
CA HIS C 201 35.12 31.04 -68.35
C HIS C 201 35.41 30.59 -69.79
N GLU C 202 35.13 29.34 -70.12
CA GLU C 202 35.48 28.82 -71.45
C GLU C 202 34.50 29.25 -72.54
N GLY C 203 33.21 29.25 -72.24
CA GLY C 203 32.20 29.63 -73.21
C GLY C 203 32.23 31.10 -73.55
N SER C 204 32.23 31.94 -72.51
CA SER C 204 32.34 33.38 -72.66
C SER C 204 33.10 33.95 -71.47
N THR C 205 33.33 35.26 -71.46
CA THR C 205 34.11 35.87 -70.40
C THR C 205 33.29 36.86 -69.58
N VAL C 206 33.45 36.81 -68.26
CA VAL C 206 32.75 37.73 -67.36
C VAL C 206 33.71 38.40 -66.38
N GLU C 207 33.27 39.52 -65.80
CA GLU C 207 34.10 40.35 -64.93
C GLU C 207 33.23 41.37 -64.21
N LYS C 208 33.67 41.84 -63.05
CA LYS C 208 32.94 42.88 -62.32
C LYS C 208 33.89 43.98 -61.82
N THR C 209 34.16 44.95 -62.69
CA THR C 209 35.09 46.03 -62.40
C THR C 209 34.41 47.22 -61.72
N VAL C 210 35.02 47.75 -60.67
CA VAL C 210 34.49 48.93 -59.98
C VAL C 210 35.58 49.90 -59.56
N ALA C 211 35.33 51.19 -59.73
CA ALA C 211 36.28 52.22 -59.36
C ALA C 211 35.81 52.93 -58.07
N PRO C 212 36.64 52.89 -57.01
CA PRO C 212 36.30 53.48 -55.72
C PRO C 212 36.17 55.00 -55.79
N THR C 213 34.94 55.48 -55.77
CA THR C 213 34.65 56.90 -55.73
C THR C 213 33.32 57.13 -55.03
N GLU C 214 33.05 56.29 -54.05
CA GLU C 214 31.77 56.29 -53.35
C GLU C 214 31.95 56.51 -51.85
N ALA D 1 14.90 -16.66 -62.57
CA ALA D 1 15.07 -16.41 -61.14
C ALA D 1 14.35 -15.14 -60.70
N GLU D 2 14.40 -14.12 -61.56
CA GLU D 2 13.77 -12.83 -61.28
C GLU D 2 12.32 -12.98 -60.85
N ASN D 3 11.61 -13.87 -61.53
CA ASN D 3 10.23 -14.18 -61.18
C ASN D 3 10.12 -14.90 -59.84
N LEU D 4 9.38 -14.30 -58.91
CA LEU D 4 9.18 -14.88 -57.60
C LEU D 4 7.83 -15.58 -57.52
N TRP D 5 7.74 -16.59 -56.67
CA TRP D 5 6.50 -17.30 -56.46
C TRP D 5 6.16 -17.35 -54.99
N VAL D 6 4.88 -17.17 -54.67
CA VAL D 6 4.44 -17.30 -53.29
C VAL D 6 4.47 -18.75 -52.88
N THR D 7 5.02 -18.99 -51.70
CA THR D 7 5.02 -20.32 -51.11
C THR D 7 4.43 -20.17 -49.71
N VAL D 8 3.47 -21.02 -49.37
CA VAL D 8 2.75 -20.87 -48.12
C VAL D 8 3.50 -21.50 -46.94
N TYR D 9 3.34 -20.89 -45.77
CA TYR D 9 4.02 -21.35 -44.57
C TYR D 9 3.02 -21.71 -43.49
N TYR D 10 3.19 -22.88 -42.89
CA TYR D 10 2.35 -23.31 -41.78
C TYR D 10 3.20 -23.43 -40.52
N GLY D 11 2.81 -22.68 -39.50
CA GLY D 11 3.53 -22.69 -38.24
C GLY D 11 4.31 -21.41 -38.04
N VAL D 12 3.89 -20.36 -38.75
CA VAL D 12 4.55 -19.06 -38.66
C VAL D 12 4.25 -18.41 -37.32
N PRO D 13 5.29 -17.88 -36.65
CA PRO D 13 5.12 -17.18 -35.38
C PRO D 13 4.52 -15.77 -35.53
N VAL D 14 3.20 -15.69 -35.54
CA VAL D 14 2.51 -14.41 -35.58
C VAL D 14 1.09 -14.53 -35.01
N TRP D 15 0.64 -13.47 -34.34
CA TRP D 15 -0.63 -13.46 -33.65
C TRP D 15 -1.40 -12.16 -33.85
N LYS D 16 -2.73 -12.25 -33.84
CA LYS D 16 -3.58 -11.06 -33.83
C LYS D 16 -4.22 -10.89 -32.46
N ASP D 17 -4.38 -9.64 -32.03
CA ASP D 17 -5.00 -9.39 -30.73
C ASP D 17 -6.42 -9.91 -30.71
N ALA D 18 -6.83 -10.46 -29.57
CA ALA D 18 -8.07 -11.21 -29.52
C ALA D 18 -8.88 -11.02 -28.26
N GLU D 19 -10.02 -11.70 -28.23
CA GLU D 19 -10.78 -11.95 -27.03
C GLU D 19 -11.28 -13.38 -27.16
N THR D 20 -11.27 -14.12 -26.06
CA THR D 20 -11.86 -15.45 -26.07
C THR D 20 -12.12 -15.96 -24.68
N THR D 21 -12.95 -16.98 -24.59
CA THR D 21 -13.22 -17.63 -23.32
C THR D 21 -12.00 -18.40 -22.89
N LEU D 22 -11.45 -18.05 -21.72
CA LEU D 22 -10.33 -18.79 -21.13
C LEU D 22 -10.89 -19.85 -20.18
N PHE D 23 -10.02 -20.59 -19.50
CA PHE D 23 -10.51 -21.49 -18.46
C PHE D 23 -9.58 -21.52 -17.25
N CYS D 24 -10.13 -21.98 -16.13
CA CYS D 24 -9.44 -21.91 -14.85
C CYS D 24 -8.50 -23.08 -14.60
N ALA D 25 -7.47 -22.83 -13.81
CA ALA D 25 -6.60 -23.88 -13.31
C ALA D 25 -6.28 -23.65 -11.83
N SER D 26 -6.28 -24.73 -11.05
CA SER D 26 -5.95 -24.66 -9.64
C SER D 26 -5.11 -25.88 -9.27
N ASP D 27 -4.68 -25.97 -8.02
CA ASP D 27 -3.78 -27.06 -7.64
C ASP D 27 -4.46 -28.13 -6.79
N ALA D 28 -3.74 -29.24 -6.59
CA ALA D 28 -4.27 -30.43 -5.91
C ALA D 28 -4.64 -30.17 -4.45
N LYS D 29 -3.93 -29.25 -3.81
CA LYS D 29 -4.19 -28.93 -2.41
C LYS D 29 -5.53 -28.23 -2.23
N ALA D 30 -6.03 -27.65 -3.32
CA ALA D 30 -7.33 -27.00 -3.31
C ALA D 30 -8.46 -28.03 -3.25
N TYR D 31 -8.22 -29.20 -3.81
CA TYR D 31 -9.20 -30.30 -3.76
C TYR D 31 -9.02 -31.08 -2.46
N GLU D 32 -7.80 -31.04 -1.92
CA GLU D 32 -7.52 -31.65 -0.63
C GLU D 32 -8.17 -30.86 0.50
N THR D 33 -8.60 -29.64 0.19
CA THR D 33 -9.33 -28.80 1.13
C THR D 33 -10.65 -29.48 1.51
N GLU D 34 -11.14 -30.34 0.61
CA GLU D 34 -12.41 -31.06 0.77
C GLU D 34 -13.50 -30.24 1.47
N LYS D 35 -14.19 -30.89 2.40
CA LYS D 35 -15.24 -30.25 3.19
C LYS D 35 -16.34 -29.60 2.34
N HIS D 36 -16.37 -29.92 1.04
CA HIS D 36 -17.37 -29.40 0.11
C HIS D 36 -17.47 -27.87 0.13
N ASN D 37 -16.33 -27.20 0.35
CA ASN D 37 -16.35 -25.78 0.70
C ASN D 37 -15.93 -24.79 -0.38
N VAL D 38 -14.78 -25.03 -1.01
CA VAL D 38 -14.27 -24.06 -1.98
C VAL D 38 -15.18 -24.01 -3.19
N TRP D 39 -15.38 -22.81 -3.74
CA TRP D 39 -16.19 -22.68 -4.94
C TRP D 39 -15.44 -22.98 -6.24
N ALA D 40 -16.01 -23.90 -7.00
CA ALA D 40 -15.60 -24.17 -8.38
C ALA D 40 -14.17 -24.70 -8.51
N THR D 41 -13.55 -25.05 -7.39
CA THR D 41 -12.23 -25.68 -7.42
C THR D 41 -12.34 -27.06 -8.05
N HIS D 42 -13.52 -27.65 -7.94
CA HIS D 42 -13.77 -29.01 -8.38
C HIS D 42 -13.90 -29.12 -9.90
N ALA D 43 -14.73 -28.24 -10.47
CA ALA D 43 -14.94 -28.21 -11.92
C ALA D 43 -13.72 -27.61 -12.61
N CYS D 44 -12.89 -26.93 -11.83
CA CYS D 44 -11.69 -26.28 -12.34
C CYS D 44 -10.57 -27.27 -12.60
N VAL D 45 -9.99 -27.19 -13.80
CA VAL D 45 -8.92 -28.08 -14.24
C VAL D 45 -7.67 -27.88 -13.36
N PRO D 46 -6.71 -28.83 -13.36
CA PRO D 46 -5.53 -28.60 -12.52
C PRO D 46 -4.47 -27.70 -13.15
N THR D 47 -3.41 -27.43 -12.40
CA THR D 47 -2.31 -26.63 -12.89
C THR D 47 -1.22 -27.53 -13.49
N ASP D 48 -0.07 -26.93 -13.79
CA ASP D 48 1.04 -27.69 -14.32
C ASP D 48 2.11 -27.92 -13.24
N PRO D 49 2.66 -29.14 -13.17
CA PRO D 49 3.71 -29.43 -12.19
C PRO D 49 5.01 -28.72 -12.54
N ASN D 50 5.31 -28.65 -13.84
CA ASN D 50 6.45 -27.88 -14.33
C ASN D 50 6.00 -26.84 -15.36
N PRO D 51 5.56 -25.67 -14.88
CA PRO D 51 5.10 -24.61 -15.77
C PRO D 51 6.25 -23.98 -16.54
N GLN D 52 6.02 -23.61 -17.80
CA GLN D 52 7.03 -22.96 -18.61
C GLN D 52 6.49 -21.71 -19.31
N GLU D 53 7.19 -20.60 -19.18
CA GLU D 53 6.84 -19.41 -19.92
C GLU D 53 8.00 -19.01 -20.84
N ILE D 54 7.81 -19.21 -22.13
CA ILE D 54 8.86 -18.97 -23.11
C ILE D 54 9.06 -17.49 -23.35
N HIS D 55 10.25 -17.00 -23.04
CA HIS D 55 10.58 -15.61 -23.30
C HIS D 55 10.70 -15.43 -24.80
N LEU D 56 10.13 -14.34 -25.31
CA LEU D 56 10.23 -14.03 -26.72
C LEU D 56 11.23 -12.90 -26.91
N GLU D 57 12.42 -13.24 -27.41
CA GLU D 57 13.49 -12.27 -27.57
C GLU D 57 13.23 -11.37 -28.77
N ASN D 58 13.67 -10.12 -28.68
CA ASN D 58 13.62 -9.16 -29.80
C ASN D 58 12.23 -8.66 -30.19
N VAL D 59 11.22 -8.86 -29.35
CA VAL D 59 9.87 -8.42 -29.70
C VAL D 59 9.29 -7.48 -28.63
N THR D 60 8.53 -6.49 -29.10
CA THR D 60 7.84 -5.56 -28.22
C THR D 60 6.33 -5.69 -28.44
N GLU D 61 5.54 -5.43 -27.41
CA GLU D 61 4.09 -5.57 -27.51
C GLU D 61 3.34 -4.45 -26.77
N GLU D 62 2.40 -3.81 -27.46
CA GLU D 62 1.64 -2.70 -26.91
C GLU D 62 0.51 -3.13 -25.96
N PHE D 63 0.79 -3.17 -24.66
CA PHE D 63 -0.20 -3.55 -23.67
C PHE D 63 -1.12 -2.38 -23.30
N ASN D 64 -2.33 -2.72 -22.85
CA ASN D 64 -3.25 -1.75 -22.25
C ASN D 64 -4.18 -2.47 -21.28
N MET D 65 -3.95 -2.25 -19.99
CA MET D 65 -4.69 -2.93 -18.94
C MET D 65 -6.06 -2.33 -18.67
N TRP D 66 -6.32 -1.15 -19.23
CA TRP D 66 -7.57 -0.45 -18.99
C TRP D 66 -8.55 -0.76 -20.10
N LYS D 67 -8.08 -1.53 -21.08
CA LYS D 67 -8.93 -1.96 -22.18
C LYS D 67 -8.72 -3.45 -22.43
N ASN D 68 -8.70 -4.20 -21.33
CA ASN D 68 -8.52 -5.64 -21.32
C ASN D 68 -9.86 -6.33 -21.19
N ASN D 69 -9.92 -7.62 -21.54
CA ASN D 69 -11.15 -8.37 -21.38
C ASN D 69 -11.09 -9.35 -20.22
N MET D 70 -9.95 -10.03 -20.06
CA MET D 70 -9.83 -11.15 -19.14
C MET D 70 -9.99 -10.74 -17.68
N VAL D 71 -10.12 -9.42 -17.45
CA VAL D 71 -10.47 -8.92 -16.13
C VAL D 71 -11.99 -8.75 -16.09
N GLU D 72 -12.59 -8.43 -17.23
CA GLU D 72 -14.04 -8.34 -17.31
C GLU D 72 -14.63 -9.73 -17.28
N GLN D 73 -13.94 -10.64 -17.96
CA GLN D 73 -14.27 -12.05 -17.95
C GLN D 73 -14.17 -12.60 -16.54
N MET D 74 -13.05 -12.31 -15.87
CA MET D 74 -12.83 -12.77 -14.51
C MET D 74 -13.86 -12.23 -13.53
N HIS D 75 -14.02 -10.92 -13.52
CA HIS D 75 -15.03 -10.23 -12.70
C HIS D 75 -16.37 -10.95 -12.83
N THR D 76 -16.74 -11.26 -14.07
CA THR D 76 -17.97 -11.98 -14.36
C THR D 76 -17.96 -13.41 -13.81
N ASP D 77 -16.88 -14.15 -14.08
CA ASP D 77 -16.73 -15.51 -13.58
C ASP D 77 -16.90 -15.56 -12.07
N ILE D 78 -16.37 -14.56 -11.38
CA ILE D 78 -16.47 -14.49 -9.92
C ILE D 78 -17.90 -14.25 -9.44
N ILE D 79 -18.62 -13.37 -10.12
CA ILE D 79 -20.01 -13.08 -9.77
C ILE D 79 -20.93 -14.28 -10.04
N SER D 80 -20.72 -14.93 -11.17
CA SER D 80 -21.52 -16.09 -11.54
C SER D 80 -21.27 -17.22 -10.56
N LEU D 81 -20.01 -17.67 -10.53
CA LEU D 81 -19.51 -18.71 -9.64
C LEU D 81 -20.13 -18.60 -8.24
N TRP D 82 -20.07 -17.39 -7.70
CA TRP D 82 -20.64 -17.08 -6.38
C TRP D 82 -22.15 -17.27 -6.33
N ASP D 83 -22.83 -16.80 -7.37
CA ASP D 83 -24.29 -16.81 -7.41
C ASP D 83 -24.89 -18.20 -7.62
N GLN D 84 -24.11 -19.08 -8.26
CA GLN D 84 -24.54 -20.45 -8.47
C GLN D 84 -24.43 -21.24 -7.16
N SER D 85 -23.56 -20.76 -6.27
CA SER D 85 -23.33 -21.42 -4.99
C SER D 85 -24.53 -21.27 -4.05
N LEU D 86 -25.31 -20.20 -4.23
CA LEU D 86 -26.36 -19.86 -3.27
C LEU D 86 -27.70 -20.51 -3.59
N LYS D 87 -27.81 -21.11 -4.77
CA LYS D 87 -29.05 -21.80 -5.14
C LYS D 87 -29.46 -22.88 -4.12
N PRO D 88 -28.55 -23.80 -3.75
CA PRO D 88 -28.97 -24.80 -2.76
C PRO D 88 -29.17 -24.21 -1.37
N CYS D 89 -28.32 -23.26 -1.00
CA CYS D 89 -28.34 -22.62 0.32
C CYS D 89 -29.72 -22.05 0.66
N VAL D 90 -30.08 -22.14 1.94
CA VAL D 90 -31.46 -21.94 2.39
C VAL D 90 -31.94 -20.49 2.29
N LYS D 91 -33.23 -20.33 1.99
CA LYS D 91 -33.81 -19.01 1.88
C LYS D 91 -34.34 -18.52 3.22
N LEU D 92 -34.01 -17.28 3.58
CA LEU D 92 -34.46 -16.69 4.85
C LEU D 92 -35.70 -15.82 4.66
N THR D 93 -36.59 -16.28 3.78
CA THR D 93 -37.87 -15.62 3.52
C THR D 93 -38.65 -15.29 4.79
N PRO D 94 -38.84 -16.25 5.71
CA PRO D 94 -39.68 -15.89 6.86
C PRO D 94 -38.94 -15.14 7.95
N LEU D 95 -37.63 -15.00 7.85
CA LEU D 95 -36.86 -14.25 8.83
C LEU D 95 -37.17 -12.76 8.72
N CYS D 96 -37.70 -12.36 7.56
CA CYS D 96 -38.21 -11.01 7.40
C CYS D 96 -39.50 -10.86 8.19
N VAL D 97 -39.36 -10.36 9.41
CA VAL D 97 -40.44 -10.35 10.37
C VAL D 97 -40.23 -9.19 11.33
N THR D 98 -41.31 -8.71 11.94
CA THR D 98 -41.21 -7.67 12.95
C THR D 98 -40.46 -8.17 14.18
N LEU D 99 -39.18 -7.82 14.27
CA LEU D 99 -38.37 -8.17 15.44
C LEU D 99 -38.71 -7.27 16.61
N GLN D 100 -38.44 -7.76 17.82
CA GLN D 100 -38.56 -6.95 19.03
C GLN D 100 -37.23 -6.96 19.75
N CYS D 101 -36.44 -5.93 19.53
CA CYS D 101 -35.04 -5.96 19.93
C CYS D 101 -34.68 -5.01 21.07
N THR D 102 -33.65 -5.39 21.82
CA THR D 102 -33.10 -4.57 22.87
C THR D 102 -31.59 -4.42 22.69
N ASN D 103 -30.88 -4.04 23.74
CA ASN D 103 -29.43 -4.01 23.67
C ASN D 103 -28.86 -5.25 24.34
N VAL D 104 -27.59 -5.54 24.05
CA VAL D 104 -26.93 -6.71 24.63
C VAL D 104 -26.48 -6.39 26.05
N THR D 105 -26.43 -7.42 26.90
CA THR D 105 -26.01 -7.25 28.30
C THR D 105 -24.63 -6.60 28.39
N ASN D 106 -24.60 -5.36 28.86
CA ASN D 106 -23.38 -4.57 28.85
C ASN D 106 -23.43 -3.37 29.81
N ASN D 107 -22.26 -2.96 30.28
CA ASN D 107 -22.13 -1.74 31.07
C ASN D 107 -21.09 -0.83 30.45
N ILE D 108 -21.49 -0.13 29.39
CA ILE D 108 -20.59 0.76 28.66
C ILE D 108 -20.98 2.21 28.90
N THR D 109 -20.05 3.13 28.64
CA THR D 109 -20.34 4.55 28.78
C THR D 109 -21.35 4.99 27.73
N ASP D 110 -22.24 5.88 28.15
CA ASP D 110 -23.36 6.37 27.34
C ASP D 110 -22.96 6.73 25.90
N ASP D 111 -21.79 7.34 25.77
CA ASP D 111 -21.26 7.72 24.46
C ASP D 111 -21.15 6.53 23.51
N MET D 112 -20.73 5.38 24.03
CA MET D 112 -20.55 4.18 23.23
C MET D 112 -21.90 3.55 22.91
N ARG D 113 -22.31 3.62 21.64
CA ARG D 113 -23.61 3.10 21.23
C ARG D 113 -23.61 1.58 21.21
N GLY D 114 -24.80 0.99 21.35
CA GLY D 114 -24.94 -0.45 21.33
C GLY D 114 -25.00 -0.99 19.91
N GLU D 115 -24.07 -1.89 19.58
CA GLU D 115 -23.96 -2.41 18.23
C GLU D 115 -24.41 -3.87 18.16
N LEU D 116 -24.88 -4.41 19.28
CA LEU D 116 -25.34 -5.79 19.34
C LEU D 116 -26.75 -5.86 19.89
N LYS D 117 -27.74 -5.93 19.01
CA LYS D 117 -29.13 -5.93 19.43
C LYS D 117 -29.69 -7.34 19.61
N ASN D 118 -30.13 -7.64 20.83
CA ASN D 118 -30.74 -8.93 21.15
C ASN D 118 -32.21 -8.96 20.73
N CYS D 119 -32.50 -9.66 19.65
CA CYS D 119 -33.83 -9.62 19.03
C CYS D 119 -34.62 -10.92 19.16
N SER D 120 -35.84 -10.80 19.68
CA SER D 120 -36.74 -11.94 19.78
C SER D 120 -37.85 -11.80 18.75
N PHE D 121 -38.32 -12.91 18.23
CA PHE D 121 -39.24 -12.89 17.10
C PHE D 121 -40.00 -14.20 16.93
N ASN D 122 -41.23 -14.11 16.44
CA ASN D 122 -42.00 -15.29 16.09
C ASN D 122 -41.43 -15.92 14.83
N MET D 123 -40.75 -17.05 14.99
CA MET D 123 -40.23 -17.77 13.84
C MET D 123 -41.11 -18.98 13.52
N THR D 124 -40.97 -19.49 12.30
CA THR D 124 -41.75 -20.62 11.83
C THR D 124 -41.26 -21.94 12.40
N THR D 125 -42.11 -22.96 12.36
CA THR D 125 -41.76 -24.28 12.86
C THR D 125 -41.70 -25.31 11.74
N GLU D 126 -41.19 -26.50 12.07
CA GLU D 126 -41.16 -27.62 11.13
C GLU D 126 -42.55 -27.96 10.62
N LEU D 127 -43.55 -27.61 11.42
CA LEU D 127 -44.95 -27.85 11.09
C LEU D 127 -45.65 -26.54 10.76
N ARG D 128 -46.46 -26.56 9.70
CA ARG D 128 -47.21 -25.38 9.30
C ARG D 128 -48.13 -24.91 10.41
N ASP D 129 -48.58 -25.86 11.23
CA ASP D 129 -49.56 -25.57 12.28
C ASP D 129 -49.06 -24.56 13.31
N LYS D 130 -47.77 -24.62 13.65
CA LYS D 130 -47.29 -23.89 14.81
C LYS D 130 -46.30 -22.78 14.49
N LYS D 131 -45.83 -22.13 15.55
CA LYS D 131 -44.89 -21.03 15.48
C LYS D 131 -43.94 -21.15 16.66
N GLN D 132 -42.91 -20.31 16.69
CA GLN D 132 -41.99 -20.31 17.82
C GLN D 132 -41.31 -18.97 18.04
N LYS D 133 -41.55 -18.37 19.20
CA LYS D 133 -40.79 -17.19 19.60
C LYS D 133 -39.39 -17.64 19.97
N VAL D 134 -38.40 -17.11 19.26
CA VAL D 134 -37.01 -17.46 19.49
C VAL D 134 -36.17 -16.20 19.35
N TYR D 135 -35.03 -16.14 20.02
CA TYR D 135 -34.21 -14.94 19.97
C TYR D 135 -32.89 -15.15 19.24
N SER D 136 -32.38 -14.07 18.66
CA SER D 136 -31.05 -14.07 18.05
C SER D 136 -30.40 -12.73 18.24
N LEU D 137 -29.10 -12.66 17.97
CA LEU D 137 -28.35 -11.41 18.09
C LEU D 137 -28.00 -10.84 16.74
N PHE D 138 -28.22 -9.53 16.57
CA PHE D 138 -27.96 -8.88 15.31
C PHE D 138 -27.13 -7.61 15.50
N TYR D 139 -26.30 -7.31 14.52
CA TYR D 139 -25.55 -6.07 14.52
C TYR D 139 -26.50 -4.92 14.17
N ARG D 140 -26.18 -3.72 14.63
CA ARG D 140 -27.01 -2.54 14.38
C ARG D 140 -27.18 -2.26 12.89
N LEU D 141 -26.22 -2.68 12.09
CA LEU D 141 -26.23 -2.44 10.66
C LEU D 141 -27.12 -3.43 9.93
N ASP D 142 -27.41 -4.56 10.57
CA ASP D 142 -28.24 -5.59 9.96
C ASP D 142 -29.72 -5.40 10.29
N VAL D 143 -30.05 -4.32 10.99
CA VAL D 143 -31.42 -4.05 11.38
C VAL D 143 -31.78 -2.58 11.23
N VAL D 144 -33.08 -2.31 11.12
CA VAL D 144 -33.58 -0.93 11.08
C VAL D 144 -34.76 -0.77 12.01
N GLN D 145 -34.82 0.37 12.69
CA GLN D 145 -35.96 0.66 13.54
C GLN D 145 -37.21 0.78 12.71
N ILE D 146 -38.20 -0.05 13.02
CA ILE D 146 -39.47 0.02 12.34
C ILE D 146 -40.49 0.62 13.30
N ASN D 147 -41.33 1.51 12.78
CA ASN D 147 -42.32 2.18 13.61
C ASN D 147 -43.44 2.77 12.77
N SER D 157 -44.39 1.60 24.39
CA SER D 157 -43.56 2.17 23.34
C SER D 157 -42.42 1.23 22.96
N ASN D 158 -42.77 0.09 22.37
CA ASN D 158 -41.80 -0.94 22.05
C ASN D 158 -40.67 -0.49 21.12
N LYS D 159 -39.52 -1.13 21.25
CA LYS D 159 -38.39 -0.88 20.37
C LYS D 159 -38.27 -2.03 19.38
N GLU D 160 -39.03 -1.94 18.28
CA GLU D 160 -39.11 -3.02 17.30
C GLU D 160 -38.35 -2.73 16.02
N TYR D 161 -37.74 -3.76 15.44
CA TYR D 161 -36.87 -3.60 14.28
C TYR D 161 -37.19 -4.61 13.20
N ARG D 162 -36.45 -4.52 12.10
CA ARG D 162 -36.56 -5.48 11.00
C ARG D 162 -35.19 -5.66 10.35
N LEU D 163 -34.98 -6.79 9.69
CA LEU D 163 -33.77 -6.97 8.90
C LEU D 163 -33.80 -5.99 7.75
N ILE D 164 -32.67 -5.31 7.52
CA ILE D 164 -32.62 -4.18 6.59
C ILE D 164 -32.96 -4.56 5.14
N ASN D 165 -32.76 -5.83 4.79
CA ASN D 165 -33.03 -6.26 3.42
C ASN D 165 -34.51 -6.30 3.06
N CYS D 166 -35.36 -6.35 4.08
CA CYS D 166 -36.79 -6.61 3.90
C CYS D 166 -37.51 -5.68 2.90
N ASN D 167 -36.97 -4.49 2.65
CA ASN D 167 -37.60 -3.61 1.68
C ASN D 167 -36.82 -3.51 0.37
N THR D 168 -35.54 -3.85 0.42
CA THR D 168 -34.73 -3.81 -0.79
C THR D 168 -34.72 -5.16 -1.52
N SER D 169 -34.40 -6.24 -0.82
CA SER D 169 -34.21 -7.52 -1.50
C SER D 169 -34.55 -8.73 -0.64
N ALA D 170 -34.52 -9.90 -1.26
CA ALA D 170 -34.70 -11.16 -0.55
C ALA D 170 -33.37 -11.61 0.05
N ILE D 171 -33.41 -12.71 0.81
CA ILE D 171 -32.24 -13.13 1.57
C ILE D 171 -32.06 -14.66 1.56
N THR D 172 -30.81 -15.10 1.42
CA THR D 172 -30.46 -16.51 1.33
C THR D 172 -29.21 -16.86 2.13
N GLN D 173 -29.37 -17.74 3.11
CA GLN D 173 -28.28 -18.06 4.03
C GLN D 173 -27.21 -18.95 3.41
N ALA D 174 -25.99 -18.42 3.30
CA ALA D 174 -24.85 -19.17 2.79
C ALA D 174 -24.66 -20.48 3.54
N CYS D 175 -24.38 -21.56 2.84
CA CYS D 175 -24.11 -22.83 3.49
C CYS D 175 -22.78 -22.76 4.25
N PRO D 176 -22.81 -23.08 5.56
CA PRO D 176 -21.59 -23.08 6.39
C PRO D 176 -20.62 -24.14 5.90
N LYS D 177 -21.17 -25.06 5.11
CA LYS D 177 -20.40 -26.11 4.49
C LYS D 177 -19.75 -25.58 3.20
N VAL D 178 -19.49 -24.27 3.17
CA VAL D 178 -18.81 -23.62 2.06
C VAL D 178 -17.71 -22.73 2.64
N SER D 179 -16.78 -22.27 1.80
CA SER D 179 -15.71 -21.40 2.29
C SER D 179 -15.48 -20.16 1.43
N PHE D 180 -15.14 -19.06 2.09
CA PHE D 180 -14.91 -17.78 1.43
C PHE D 180 -13.44 -17.50 1.16
N GLU D 181 -12.56 -18.44 1.52
CA GLU D 181 -11.13 -18.23 1.36
C GLU D 181 -10.76 -18.08 -0.11
N PRO D 182 -10.04 -17.00 -0.43
CA PRO D 182 -9.58 -16.76 -1.81
C PRO D 182 -8.43 -17.70 -2.17
N ILE D 183 -8.69 -18.65 -3.05
CA ILE D 183 -7.63 -19.56 -3.46
C ILE D 183 -7.16 -19.22 -4.88
N PRO D 184 -5.86 -19.41 -5.15
CA PRO D 184 -5.26 -18.93 -6.40
C PRO D 184 -5.85 -19.59 -7.65
N ILE D 185 -6.25 -18.76 -8.60
CA ILE D 185 -6.79 -19.23 -9.86
C ILE D 185 -5.81 -18.93 -11.00
N HIS D 186 -5.71 -19.82 -11.98
CA HIS D 186 -4.93 -19.54 -13.18
C HIS D 186 -5.85 -19.48 -14.39
N TYR D 187 -5.69 -18.48 -15.24
CA TYR D 187 -6.51 -18.39 -16.44
C TYR D 187 -5.79 -18.94 -17.66
N CYS D 188 -6.09 -20.19 -18.00
CA CYS D 188 -5.43 -20.85 -19.12
C CYS D 188 -6.15 -20.61 -20.44
N ALA D 189 -5.38 -20.44 -21.50
CA ALA D 189 -5.91 -20.18 -22.83
C ALA D 189 -6.25 -21.49 -23.53
N PRO D 190 -7.13 -21.42 -24.56
CA PRO D 190 -7.35 -22.57 -25.44
C PRO D 190 -6.12 -22.83 -26.30
N ALA D 191 -6.22 -23.81 -27.19
CA ALA D 191 -5.14 -24.07 -28.12
C ALA D 191 -5.13 -22.97 -29.18
N GLY D 192 -3.96 -22.70 -29.74
CA GLY D 192 -3.85 -21.67 -30.76
C GLY D 192 -4.24 -20.32 -30.20
N PHE D 193 -4.05 -20.17 -28.89
CA PHE D 193 -4.25 -18.90 -28.20
C PHE D 193 -3.11 -18.72 -27.20
N ALA D 194 -2.51 -17.54 -27.19
CA ALA D 194 -1.43 -17.29 -26.25
C ALA D 194 -1.76 -16.16 -25.29
N ILE D 195 -1.11 -16.18 -24.13
CA ILE D 195 -1.15 -15.06 -23.21
C ILE D 195 0.24 -14.46 -23.11
N LEU D 196 0.33 -13.15 -23.28
CA LEU D 196 1.64 -12.51 -23.35
C LEU D 196 1.89 -11.70 -22.08
N LYS D 197 3.10 -11.86 -21.53
CA LYS D 197 3.41 -11.41 -20.18
C LYS D 197 4.53 -10.37 -20.14
N CYS D 198 4.17 -9.14 -19.79
CA CYS D 198 5.16 -8.07 -19.70
C CYS D 198 6.09 -8.27 -18.52
N LYS D 199 7.31 -8.74 -18.80
CA LYS D 199 8.28 -9.05 -17.76
C LYS D 199 9.14 -7.84 -17.40
N ASP D 200 8.75 -6.67 -17.88
CA ASP D 200 9.44 -5.42 -17.56
C ASP D 200 9.08 -4.97 -16.15
N LYS D 201 10.09 -4.68 -15.34
CA LYS D 201 9.87 -4.40 -13.92
C LYS D 201 9.69 -2.91 -13.62
N LYS D 202 9.27 -2.15 -14.63
CA LYS D 202 8.94 -0.73 -14.47
C LYS D 202 7.83 -0.31 -15.43
N PHE D 203 6.86 -1.19 -15.64
CA PHE D 203 5.81 -0.97 -16.64
C PHE D 203 4.55 -0.36 -16.01
N ASN D 204 4.00 0.68 -16.63
CA ASN D 204 2.84 1.35 -16.03
C ASN D 204 1.51 0.81 -16.56
N GLY D 205 1.59 -0.19 -17.43
CA GLY D 205 0.41 -0.93 -17.87
C GLY D 205 -0.11 -0.59 -19.25
N THR D 206 0.47 0.44 -19.86
CA THR D 206 0.01 0.89 -21.17
C THR D 206 1.17 1.34 -22.04
N GLY D 207 1.26 0.74 -23.22
CA GLY D 207 2.32 1.06 -24.16
C GLY D 207 3.15 -0.16 -24.51
N PRO D 208 4.23 0.06 -25.29
CA PRO D 208 5.14 -0.99 -25.75
C PRO D 208 5.94 -1.62 -24.61
N CYS D 209 5.91 -2.94 -24.50
CA CYS D 209 6.72 -3.63 -23.50
C CYS D 209 7.85 -4.38 -24.18
N PRO D 210 9.10 -4.03 -23.85
CA PRO D 210 10.29 -4.65 -24.43
C PRO D 210 10.47 -6.09 -24.02
N SER D 211 10.41 -6.34 -22.71
CA SER D 211 10.52 -7.68 -22.16
C SER D 211 9.15 -8.35 -22.17
N VAL D 212 8.99 -9.34 -23.04
CA VAL D 212 7.72 -10.04 -23.16
C VAL D 212 7.92 -11.55 -23.25
N SER D 213 6.93 -12.29 -22.76
CA SER D 213 6.96 -13.74 -22.82
C SER D 213 5.55 -14.28 -23.09
N THR D 214 5.48 -15.33 -23.89
CA THR D 214 4.22 -16.05 -24.04
C THR D 214 4.08 -16.98 -22.85
N VAL D 215 2.86 -17.38 -22.58
CA VAL D 215 2.56 -18.30 -21.50
C VAL D 215 1.12 -18.81 -21.63
N GLN D 216 0.91 -20.07 -21.27
CA GLN D 216 -0.43 -20.64 -21.32
C GLN D 216 -1.34 -19.97 -20.29
N CYS D 217 -1.04 -20.18 -19.01
CA CYS D 217 -1.89 -19.68 -17.94
C CYS D 217 -1.27 -18.51 -17.20
N THR D 218 -2.10 -17.67 -16.62
CA THR D 218 -1.62 -16.58 -15.78
C THR D 218 -1.03 -17.16 -14.50
N HIS D 219 -0.66 -16.30 -13.56
CA HIS D 219 -0.16 -16.76 -12.28
C HIS D 219 -1.34 -17.03 -11.35
N GLY D 220 -1.06 -17.46 -10.13
CA GLY D 220 -2.12 -17.77 -9.19
C GLY D 220 -2.83 -16.53 -8.69
N ILE D 221 -3.88 -16.12 -9.40
CA ILE D 221 -4.62 -14.92 -9.01
C ILE D 221 -5.80 -15.26 -8.13
N LYS D 222 -5.62 -15.16 -6.82
CA LYS D 222 -6.70 -15.33 -5.89
C LYS D 222 -7.62 -14.10 -5.85
N PRO D 223 -8.94 -14.34 -5.83
CA PRO D 223 -9.98 -13.31 -5.89
C PRO D 223 -10.27 -12.59 -4.58
N VAL D 224 -9.32 -11.83 -4.04
CA VAL D 224 -9.59 -11.02 -2.86
C VAL D 224 -10.51 -9.86 -3.22
N VAL D 225 -11.76 -9.90 -2.76
CA VAL D 225 -12.68 -8.81 -3.03
C VAL D 225 -12.71 -7.88 -1.82
N SER D 226 -12.13 -6.69 -2.01
CA SER D 226 -11.89 -5.77 -0.92
C SER D 226 -11.77 -4.33 -1.41
N THR D 227 -12.30 -3.39 -0.63
CA THR D 227 -12.20 -1.98 -0.95
C THR D 227 -11.02 -1.31 -0.25
N GLN D 228 -10.80 -0.04 -0.59
CA GLN D 228 -9.64 0.71 -0.11
C GLN D 228 -8.36 -0.02 -0.46
N LEU D 229 -7.73 -0.62 0.54
CA LEU D 229 -6.48 -1.35 0.34
C LEU D 229 -6.75 -2.75 -0.16
N LEU D 230 -6.02 -3.16 -1.19
CA LEU D 230 -6.13 -4.51 -1.70
C LEU D 230 -5.02 -5.37 -1.11
N LEU D 231 -5.34 -6.60 -0.76
CA LEU D 231 -4.50 -7.40 0.11
C LEU D 231 -3.99 -8.68 -0.54
N ASN D 232 -2.95 -9.25 0.09
CA ASN D 232 -2.39 -10.54 -0.29
C ASN D 232 -2.02 -10.71 -1.76
N GLY D 233 -2.03 -9.61 -2.51
CA GLY D 233 -1.67 -9.64 -3.93
C GLY D 233 -0.17 -9.71 -4.16
N SER D 234 0.22 -10.00 -5.39
CA SER D 234 1.64 -10.03 -5.75
C SER D 234 2.16 -8.60 -5.79
N LEU D 235 3.38 -8.39 -5.30
CA LEU D 235 3.91 -7.03 -5.20
C LEU D 235 5.04 -6.76 -6.18
N ALA D 236 5.30 -5.47 -6.41
CA ALA D 236 6.27 -5.02 -7.39
C ALA D 236 7.69 -5.46 -7.05
N GLU D 237 8.55 -5.52 -8.06
CA GLU D 237 9.89 -6.08 -7.89
C GLU D 237 10.94 -5.02 -7.50
N GLU D 238 10.77 -3.80 -7.99
CA GLU D 238 11.69 -2.72 -7.64
C GLU D 238 10.98 -1.53 -6.99
N GLU D 239 10.22 -0.78 -7.79
CA GLU D 239 9.60 0.44 -7.29
C GLU D 239 8.11 0.30 -7.00
N VAL D 240 7.61 1.16 -6.13
CA VAL D 240 6.18 1.24 -5.85
C VAL D 240 5.47 1.90 -7.03
N MET D 241 4.94 1.09 -7.93
CA MET D 241 4.38 1.62 -9.17
C MET D 241 2.95 2.14 -9.00
N ILE D 242 2.73 3.36 -9.46
CA ILE D 242 1.43 4.02 -9.34
C ILE D 242 0.78 4.13 -10.72
N ARG D 243 -0.23 3.30 -10.97
CA ARG D 243 -0.77 3.18 -12.32
C ARG D 243 -2.20 3.73 -12.42
N SER D 244 -2.49 4.36 -13.55
CA SER D 244 -3.81 4.93 -13.81
C SER D 244 -4.09 5.01 -15.31
N GLU D 245 -5.36 5.11 -15.67
CA GLU D 245 -5.73 5.25 -17.08
C GLU D 245 -5.40 6.65 -17.57
N ASN D 246 -5.96 7.63 -16.87
CA ASN D 246 -5.67 9.04 -17.12
C ASN D 246 -5.37 9.71 -15.80
N ILE D 247 -4.10 9.95 -15.54
CA ILE D 247 -3.67 10.46 -14.25
C ILE D 247 -4.11 11.91 -14.07
N THR D 248 -4.02 12.69 -15.14
CA THR D 248 -4.36 14.11 -15.10
C THR D 248 -5.82 14.34 -14.75
N ASN D 249 -6.68 13.40 -15.14
CA ASN D 249 -8.09 13.50 -14.86
C ASN D 249 -8.44 12.87 -13.51
N ASN D 250 -9.03 13.67 -12.63
CA ASN D 250 -9.33 13.25 -11.27
C ASN D 250 -10.41 12.17 -11.22
N ALA D 251 -11.23 12.08 -12.26
CA ALA D 251 -12.33 11.13 -12.30
C ALA D 251 -11.84 9.69 -12.35
N LYS D 252 -10.60 9.50 -12.77
CA LYS D 252 -10.01 8.16 -12.86
C LYS D 252 -9.19 7.87 -11.60
N ASN D 253 -9.36 6.68 -11.05
CA ASN D 253 -8.67 6.29 -9.83
C ASN D 253 -7.21 5.95 -10.07
N ILE D 254 -6.45 5.83 -8.99
CA ILE D 254 -5.03 5.50 -9.08
C ILE D 254 -4.75 4.17 -8.39
N LEU D 255 -4.12 3.26 -9.14
CA LEU D 255 -3.81 1.95 -8.62
C LEU D 255 -2.36 1.91 -8.14
N VAL D 256 -2.19 1.93 -6.84
CA VAL D 256 -0.87 1.87 -6.23
C VAL D 256 -0.49 0.42 -6.00
N GLN D 257 0.67 0.01 -6.51
CA GLN D 257 1.14 -1.35 -6.24
C GLN D 257 2.41 -1.26 -5.42
N PHE D 258 2.35 -1.82 -4.21
CA PHE D 258 3.45 -1.68 -3.26
C PHE D 258 4.69 -2.44 -3.72
N ASN D 259 5.80 -2.12 -3.08
CA ASN D 259 7.06 -2.82 -3.30
C ASN D 259 7.33 -3.75 -2.13
N THR D 260 7.01 -3.27 -0.94
CA THR D 260 7.17 -4.03 0.28
C THR D 260 5.81 -4.36 0.89
N PRO D 261 5.66 -5.56 1.47
CA PRO D 261 4.40 -5.89 2.10
C PRO D 261 4.26 -5.20 3.44
N VAL D 262 3.10 -4.60 3.72
CA VAL D 262 2.85 -4.04 5.04
C VAL D 262 1.76 -4.88 5.72
N GLN D 263 2.23 -5.72 6.64
CA GLN D 263 1.41 -6.70 7.33
C GLN D 263 0.37 -6.06 8.24
N ILE D 264 -0.89 -6.43 8.03
CA ILE D 264 -2.00 -5.86 8.81
C ILE D 264 -2.82 -6.96 9.48
N ASN D 265 -2.78 -6.98 10.81
CA ASN D 265 -3.47 -8.02 11.59
C ASN D 265 -4.88 -7.58 11.98
N CYS D 266 -5.86 -8.46 11.78
CA CYS D 266 -7.27 -8.11 12.03
C CYS D 266 -7.97 -9.16 12.89
N THR D 267 -9.03 -8.75 13.61
CA THR D 267 -9.71 -9.67 14.53
C THR D 267 -11.09 -9.26 15.02
N ARG D 268 -11.90 -10.27 15.33
CA ARG D 268 -13.13 -10.10 16.12
C ARG D 268 -12.91 -10.78 17.46
N PRO D 269 -12.66 -9.99 18.52
CA PRO D 269 -12.26 -10.48 19.84
C PRO D 269 -13.33 -11.29 20.58
N ASN D 270 -14.60 -11.11 20.23
CA ASN D 270 -15.67 -11.79 20.95
C ASN D 270 -15.80 -13.27 20.59
N ASN D 271 -15.82 -14.12 21.61
CA ASN D 271 -16.02 -15.56 21.45
C ASN D 271 -17.51 -15.86 21.20
N ASN D 272 -17.99 -15.49 20.00
CA ASN D 272 -19.41 -15.65 19.66
C ASN D 272 -19.86 -17.10 19.59
N THR D 273 -21.16 -17.32 19.81
CA THR D 273 -21.73 -18.66 19.80
C THR D 273 -22.89 -18.75 18.83
N ARG D 274 -23.08 -19.93 18.24
CA ARG D 274 -24.15 -20.12 17.27
C ARG D 274 -25.14 -21.22 17.70
N LYS D 275 -26.43 -20.88 17.67
CA LYS D 275 -27.48 -21.88 17.83
C LYS D 275 -28.20 -22.05 16.49
N SER D 276 -28.77 -23.24 16.29
CA SER D 276 -29.44 -23.54 15.03
C SER D 276 -30.94 -23.62 15.23
N ILE D 277 -31.70 -22.89 14.41
CA ILE D 277 -33.13 -22.85 14.56
C ILE D 277 -33.83 -23.57 13.42
N ARG D 278 -34.63 -24.57 13.77
CA ARG D 278 -35.35 -25.36 12.78
C ARG D 278 -36.52 -24.61 12.15
N ILE D 279 -36.29 -24.06 10.97
CA ILE D 279 -37.37 -23.52 10.17
C ILE D 279 -38.26 -24.69 9.77
N GLY D 280 -37.61 -25.78 9.36
CA GLY D 280 -38.28 -27.02 9.01
C GLY D 280 -39.14 -26.96 7.76
N PRO D 281 -39.18 -28.05 6.99
CA PRO D 281 -38.29 -29.20 7.16
C PRO D 281 -37.09 -29.15 6.22
N GLY D 282 -35.90 -29.38 6.76
CA GLY D 282 -34.69 -29.23 5.98
C GLY D 282 -34.11 -27.82 6.14
N GLN D 283 -34.99 -26.83 6.13
CA GLN D 283 -34.56 -25.46 6.36
C GLN D 283 -34.17 -25.28 7.83
N ALA D 284 -33.09 -24.53 8.06
CA ALA D 284 -32.55 -24.35 9.40
C ALA D 284 -31.73 -23.07 9.50
N PHE D 285 -32.20 -22.13 10.30
CA PHE D 285 -31.53 -20.83 10.44
C PHE D 285 -30.49 -20.87 11.53
N TYR D 286 -29.31 -20.32 11.22
CA TYR D 286 -28.22 -20.26 12.17
C TYR D 286 -28.20 -18.94 12.91
N ALA D 287 -28.78 -18.93 14.11
CA ALA D 287 -28.87 -17.73 14.91
C ALA D 287 -27.57 -17.45 15.63
N THR D 288 -27.40 -16.23 16.11
CA THR D 288 -26.23 -15.87 16.89
C THR D 288 -26.55 -15.97 18.38
N GLY D 289 -25.89 -16.91 19.05
CA GLY D 289 -26.13 -17.17 20.46
C GLY D 289 -25.31 -16.29 21.38
N ASP D 290 -25.35 -16.64 22.67
CA ASP D 290 -24.68 -15.88 23.73
C ASP D 290 -23.23 -15.51 23.41
N ILE D 291 -22.80 -14.34 23.87
CA ILE D 291 -21.41 -13.92 23.73
C ILE D 291 -20.63 -14.32 24.96
N ILE D 292 -19.69 -15.22 24.78
CA ILE D 292 -18.93 -15.76 25.90
C ILE D 292 -17.72 -14.89 26.21
N GLY D 293 -17.80 -14.18 27.33
CA GLY D 293 -16.71 -13.31 27.74
C GLY D 293 -17.02 -11.84 27.55
N ASP D 294 -15.98 -11.05 27.36
CA ASP D 294 -16.11 -9.60 27.25
C ASP D 294 -16.72 -9.18 25.92
N ILE D 295 -17.29 -7.98 25.90
CA ILE D 295 -17.83 -7.43 24.67
C ILE D 295 -16.88 -6.35 24.18
N ARG D 296 -16.08 -6.70 23.17
CA ARG D 296 -15.05 -5.82 22.66
C ARG D 296 -15.36 -5.37 21.23
N GLN D 297 -14.37 -4.75 20.61
CA GLN D 297 -14.56 -4.09 19.32
C GLN D 297 -13.63 -4.67 18.25
N ALA D 298 -14.20 -4.95 17.08
CA ALA D 298 -13.42 -5.46 15.96
C ALA D 298 -12.43 -4.39 15.51
N HIS D 299 -11.26 -4.82 15.08
CA HIS D 299 -10.22 -3.87 14.67
C HIS D 299 -9.09 -4.51 13.87
N CYS D 300 -8.21 -3.67 13.34
CA CYS D 300 -7.01 -4.11 12.62
C CYS D 300 -5.79 -3.30 13.02
N ASN D 301 -4.63 -3.93 13.07
CA ASN D 301 -3.38 -3.23 13.41
C ASN D 301 -2.38 -3.28 12.27
N VAL D 302 -1.77 -2.13 11.97
CA VAL D 302 -0.61 -2.09 11.08
C VAL D 302 0.50 -1.33 11.80
N SER D 303 1.75 -1.60 11.44
CA SER D 303 2.87 -0.86 12.01
C SER D 303 2.82 0.59 11.54
N LYS D 304 2.85 1.51 12.50
CA LYS D 304 2.91 2.93 12.16
C LYS D 304 4.24 3.22 11.48
N ALA D 305 5.26 2.47 11.85
CA ALA D 305 6.59 2.61 11.28
C ALA D 305 6.60 2.30 9.80
N THR D 306 6.07 1.12 9.45
CA THR D 306 6.09 0.68 8.06
C THR D 306 5.13 1.50 7.19
N TRP D 307 4.01 1.93 7.77
CA TRP D 307 3.04 2.72 7.04
C TRP D 307 3.65 4.07 6.67
N ASN D 308 4.35 4.66 7.64
CA ASN D 308 5.18 5.84 7.43
C ASN D 308 6.16 5.62 6.28
N GLU D 309 6.89 4.53 6.36
CA GLU D 309 7.88 4.15 5.36
C GLU D 309 7.27 3.97 3.97
N THR D 310 6.15 3.24 3.89
CA THR D 310 5.55 2.92 2.60
C THR D 310 4.75 4.09 2.03
N LEU D 311 4.22 4.94 2.91
CA LEU D 311 3.53 6.14 2.44
C LEU D 311 4.55 7.16 1.95
N GLY D 312 5.80 6.99 2.37
CA GLY D 312 6.87 7.83 1.90
C GLY D 312 7.28 7.42 0.51
N LYS D 313 7.14 6.12 0.21
CA LYS D 313 7.51 5.60 -1.09
C LYS D 313 6.54 6.06 -2.17
N VAL D 314 5.26 6.13 -1.85
CA VAL D 314 4.26 6.52 -2.84
C VAL D 314 4.42 8.01 -3.17
N VAL D 315 4.86 8.79 -2.18
CA VAL D 315 5.05 10.21 -2.36
C VAL D 315 6.24 10.50 -3.27
N LYS D 316 7.33 9.75 -3.06
CA LYS D 316 8.50 9.85 -3.92
C LYS D 316 8.13 9.57 -5.37
N GLN D 317 7.19 8.64 -5.57
CA GLN D 317 6.73 8.29 -6.89
C GLN D 317 5.74 9.31 -7.45
N LEU D 318 4.84 9.77 -6.58
CA LEU D 318 3.80 10.72 -6.98
C LEU D 318 4.37 12.03 -7.52
N ARG D 319 5.45 12.52 -6.91
CA ARG D 319 6.04 13.79 -7.33
C ARG D 319 6.63 13.74 -8.72
N LYS D 320 6.73 12.54 -9.29
CA LYS D 320 7.21 12.38 -10.66
C LYS D 320 6.11 12.77 -11.64
N HIS D 321 4.91 13.00 -11.12
CA HIS D 321 3.75 13.29 -11.96
C HIS D 321 3.15 14.66 -11.67
N PHE D 322 3.53 15.25 -10.54
CA PHE D 322 2.89 16.49 -10.09
C PHE D 322 3.90 17.59 -9.72
N GLY D 323 5.18 17.34 -9.93
CA GLY D 323 6.20 18.33 -9.64
C GLY D 323 7.04 18.03 -8.41
N ASN D 324 8.30 18.45 -8.46
CA ASN D 324 9.24 18.20 -7.38
C ASN D 324 8.96 19.03 -6.13
N ASN D 325 8.43 20.23 -6.33
CA ASN D 325 8.15 21.15 -5.23
C ASN D 325 6.68 21.18 -4.86
N THR D 326 6.15 20.03 -4.45
CA THR D 326 4.71 19.87 -4.27
C THR D 326 4.36 19.20 -2.94
N ILE D 327 3.26 19.65 -2.34
CA ILE D 327 2.70 19.04 -1.13
C ILE D 327 1.71 17.94 -1.49
N ILE D 328 1.89 16.75 -0.90
CA ILE D 328 0.98 15.63 -1.15
C ILE D 328 0.50 15.02 0.17
N ARG D 329 -0.64 15.49 0.65
CA ARG D 329 -1.20 15.00 1.91
C ARG D 329 -2.28 13.96 1.67
N PHE D 330 -2.60 13.19 2.71
CA PHE D 330 -3.57 12.10 2.60
C PHE D 330 -4.79 12.34 3.49
N ALA D 331 -5.99 12.20 2.91
CA ALA D 331 -7.23 12.46 3.63
C ALA D 331 -8.19 11.27 3.55
N ASN D 332 -9.14 11.20 4.48
CA ASN D 332 -10.09 10.10 4.51
C ASN D 332 -11.22 10.28 3.49
N SER D 333 -12.11 9.30 3.42
CA SER D 333 -13.15 9.29 2.38
C SER D 333 -14.05 10.51 2.44
N SER D 334 -14.51 10.95 1.28
CA SER D 334 -15.36 12.13 1.18
C SER D 334 -16.77 11.84 1.65
N GLY D 335 -17.29 10.67 1.28
CA GLY D 335 -18.62 10.26 1.68
C GLY D 335 -19.29 9.37 0.66
N GLY D 336 -20.08 8.42 1.14
CA GLY D 336 -20.80 7.50 0.27
C GLY D 336 -21.31 6.27 1.00
N ASP D 337 -21.35 5.15 0.28
CA ASP D 337 -21.85 3.90 0.86
C ASP D 337 -20.81 3.29 1.78
N LEU D 338 -21.28 2.54 2.78
CA LEU D 338 -20.41 1.80 3.69
C LEU D 338 -19.53 0.83 2.91
N GLU D 339 -20.01 0.40 1.75
CA GLU D 339 -19.26 -0.48 0.87
C GLU D 339 -17.95 0.18 0.42
N VAL D 340 -17.96 1.51 0.32
CA VAL D 340 -16.80 2.22 -0.22
C VAL D 340 -16.13 3.17 0.78
N THR D 341 -16.86 3.60 1.81
CA THR D 341 -16.30 4.54 2.78
C THR D 341 -15.36 3.86 3.75
N THR D 342 -15.19 2.56 3.58
CA THR D 342 -14.42 1.80 4.55
C THR D 342 -13.76 0.57 3.94
N HIS D 343 -12.58 0.24 4.46
CA HIS D 343 -11.85 -0.96 4.07
C HIS D 343 -12.66 -2.21 4.33
N SER D 344 -13.25 -2.77 3.27
CA SER D 344 -14.10 -3.95 3.40
C SER D 344 -13.33 -5.22 3.08
N PHE D 345 -13.58 -6.28 3.84
CA PHE D 345 -13.00 -7.59 3.53
C PHE D 345 -13.69 -8.72 4.30
N ASN D 346 -13.30 -9.94 3.97
CA ASN D 346 -13.73 -11.10 4.73
C ASN D 346 -12.58 -11.52 5.62
N CYS D 347 -12.91 -12.07 6.78
CA CYS D 347 -11.89 -12.50 7.73
C CYS D 347 -12.44 -13.62 8.59
N GLY D 348 -12.10 -14.85 8.25
CA GLY D 348 -12.58 -16.01 8.99
C GLY D 348 -13.98 -16.45 8.61
N GLY D 349 -14.61 -15.71 7.68
CA GLY D 349 -15.95 -16.04 7.23
C GLY D 349 -16.98 -14.97 7.56
N GLU D 350 -16.53 -13.83 8.04
CA GLU D 350 -17.42 -12.71 8.34
C GLU D 350 -16.85 -11.45 7.73
N PHE D 351 -17.70 -10.45 7.57
CA PHE D 351 -17.35 -9.30 6.75
C PHE D 351 -17.06 -8.05 7.57
N PHE D 352 -15.98 -7.39 7.20
CA PHE D 352 -15.42 -6.31 7.99
C PHE D 352 -15.55 -4.96 7.34
N TYR D 353 -15.57 -3.92 8.15
CA TYR D 353 -15.74 -2.56 7.67
C TYR D 353 -14.92 -1.62 8.52
N CYS D 354 -13.64 -1.51 8.16
CA CYS D 354 -12.61 -0.88 8.98
C CYS D 354 -12.34 0.59 8.63
N ASN D 355 -12.53 1.47 9.62
CA ASN D 355 -12.31 2.90 9.44
C ASN D 355 -10.85 3.21 9.08
N THR D 356 -10.66 3.83 7.92
CA THR D 356 -9.32 4.09 7.40
C THR D 356 -8.86 5.52 7.62
N SER D 357 -9.59 6.27 8.43
CA SER D 357 -9.24 7.66 8.77
C SER D 357 -7.84 7.78 9.34
N GLY D 358 -7.44 6.79 10.14
CA GLY D 358 -6.14 6.82 10.78
C GLY D 358 -4.98 6.61 9.83
N LEU D 359 -5.22 5.92 8.73
CA LEU D 359 -4.17 5.65 7.75
C LEU D 359 -3.99 6.82 6.81
N PHE D 360 -5.11 7.41 6.41
CA PHE D 360 -5.10 8.50 5.44
C PHE D 360 -5.38 9.81 6.16
N ASN D 361 -4.30 10.33 6.73
CA ASN D 361 -4.32 11.46 7.64
C ASN D 361 -2.87 11.90 7.77
N SER D 362 -2.38 12.62 6.77
CA SER D 362 -0.97 12.95 6.68
C SER D 362 -0.72 14.30 6.03
N THR D 363 0.54 14.51 5.67
CA THR D 363 1.02 15.67 4.92
C THR D 363 2.49 15.46 4.60
N TRP D 364 2.92 15.86 3.40
CA TRP D 364 4.27 15.53 2.97
C TRP D 364 4.98 16.70 2.28
N ILE D 365 6.05 17.17 2.93
CA ILE D 365 6.83 18.30 2.46
C ILE D 365 7.84 17.85 1.41
N SER D 366 8.27 18.78 0.56
CA SER D 366 9.18 18.47 -0.54
C SER D 366 10.49 17.85 -0.05
N ASN D 367 11.04 18.39 1.03
CA ASN D 367 12.26 17.85 1.62
C ASN D 367 12.45 18.30 3.07
N ASN D 379 7.30 1.47 20.78
CA ASN D 379 7.08 1.44 19.35
C ASN D 379 5.83 0.63 19.00
N ASP D 380 4.68 1.31 19.03
CA ASP D 380 3.39 0.65 18.91
C ASP D 380 2.90 0.55 17.47
N SER D 381 1.59 0.37 17.31
CA SER D 381 0.99 0.18 15.99
C SER D 381 -0.30 0.97 15.81
N ILE D 382 -0.82 0.98 14.60
CA ILE D 382 -2.04 1.73 14.29
C ILE D 382 -3.30 0.91 14.51
N THR D 383 -3.90 1.06 15.69
CA THR D 383 -5.19 0.42 15.95
C THR D 383 -6.27 1.10 15.13
N LEU D 384 -6.93 0.33 14.26
CA LEU D 384 -8.00 0.89 13.46
C LEU D 384 -9.27 0.04 13.63
N PRO D 385 -10.36 0.67 14.08
CA PRO D 385 -11.62 0.01 14.44
C PRO D 385 -12.37 -0.53 13.22
N CYS D 386 -13.27 -1.47 13.45
CA CYS D 386 -14.06 -2.05 12.37
C CYS D 386 -15.50 -2.31 12.78
N ARG D 387 -16.34 -2.51 11.78
CA ARG D 387 -17.72 -2.96 11.98
C ARG D 387 -17.88 -4.33 11.32
N ILE D 388 -19.01 -4.97 11.56
CA ILE D 388 -19.26 -6.32 11.03
C ILE D 388 -20.71 -6.48 10.63
N LYS D 389 -20.94 -7.07 9.46
CA LYS D 389 -22.30 -7.33 8.99
C LYS D 389 -22.51 -8.82 8.70
N GLN D 390 -23.77 -9.23 8.61
CA GLN D 390 -24.09 -10.61 8.25
C GLN D 390 -24.96 -10.69 6.99
N ILE D 391 -25.95 -9.81 6.88
CA ILE D 391 -26.69 -9.70 5.64
C ILE D 391 -25.95 -8.71 4.75
N ILE D 392 -25.29 -9.24 3.72
CA ILE D 392 -24.42 -8.45 2.86
C ILE D 392 -25.00 -8.24 1.48
N ASN D 393 -24.59 -7.15 0.84
CA ASN D 393 -25.14 -6.75 -0.46
C ASN D 393 -24.03 -6.36 -1.44
N MET D 394 -23.04 -7.24 -1.57
CA MET D 394 -21.85 -6.96 -2.34
C MET D 394 -22.13 -6.95 -3.84
N TRP D 395 -21.12 -6.54 -4.61
CA TRP D 395 -21.21 -6.45 -6.06
C TRP D 395 -22.44 -5.68 -6.54
N GLN D 396 -22.77 -4.61 -5.84
CA GLN D 396 -23.94 -3.78 -6.17
C GLN D 396 -25.20 -4.64 -6.38
N ARG D 397 -25.55 -5.43 -5.36
CA ARG D 397 -26.74 -6.28 -5.41
C ARG D 397 -28.01 -5.45 -5.42
N ILE D 398 -29.07 -6.02 -6.00
CA ILE D 398 -30.32 -5.28 -6.12
C ILE D 398 -31.54 -6.12 -5.70
N GLY D 399 -31.66 -7.35 -6.21
CA GLY D 399 -32.79 -8.20 -5.89
C GLY D 399 -32.52 -9.33 -4.92
N GLN D 400 -31.25 -9.64 -4.72
CA GLN D 400 -30.85 -10.73 -3.83
C GLN D 400 -29.80 -10.27 -2.85
N ALA D 401 -29.85 -10.81 -1.64
CA ALA D 401 -28.83 -10.55 -0.61
C ALA D 401 -28.45 -11.88 0.04
N MET D 402 -27.45 -11.84 0.92
CA MET D 402 -26.94 -13.07 1.52
C MET D 402 -26.57 -12.94 2.99
N TYR D 403 -27.13 -13.83 3.80
CA TYR D 403 -26.85 -13.89 5.23
C TYR D 403 -25.65 -14.79 5.50
N ALA D 404 -24.55 -14.18 5.94
CA ALA D 404 -23.37 -14.95 6.31
C ALA D 404 -23.47 -15.45 7.75
N PRO D 405 -23.64 -16.77 7.91
CA PRO D 405 -23.85 -17.44 9.20
C PRO D 405 -22.84 -17.00 10.25
N PRO D 406 -23.22 -17.05 11.53
CA PRO D 406 -22.29 -16.70 12.59
C PRO D 406 -21.12 -17.69 12.61
N ILE D 407 -19.90 -17.18 12.68
CA ILE D 407 -18.74 -18.06 12.78
C ILE D 407 -18.35 -18.22 14.24
N GLN D 408 -18.62 -19.40 14.79
CA GLN D 408 -18.39 -19.70 16.20
C GLN D 408 -16.93 -19.49 16.63
N GLY D 409 -16.76 -18.88 17.79
CA GLY D 409 -15.44 -18.69 18.38
C GLY D 409 -14.83 -17.32 18.14
N VAL D 410 -13.52 -17.22 18.36
CA VAL D 410 -12.78 -15.97 18.18
C VAL D 410 -12.14 -15.98 16.82
N ILE D 411 -12.12 -14.83 16.15
CA ILE D 411 -11.62 -14.75 14.78
C ILE D 411 -10.44 -13.79 14.65
N ARG D 412 -9.39 -14.23 13.96
CA ARG D 412 -8.28 -13.34 13.62
C ARG D 412 -7.58 -13.79 12.33
N CYS D 413 -7.26 -12.83 11.48
CA CYS D 413 -6.55 -13.09 10.24
C CYS D 413 -5.33 -12.17 10.13
N VAL D 414 -4.31 -12.64 9.43
CA VAL D 414 -3.12 -11.84 9.18
C VAL D 414 -2.88 -11.75 7.67
N SER D 415 -2.69 -10.54 7.17
CA SER D 415 -2.54 -10.34 5.73
C SER D 415 -1.57 -9.20 5.40
N ASN D 416 -1.02 -9.25 4.19
CA ASN D 416 -0.23 -8.15 3.66
C ASN D 416 -1.10 -7.18 2.90
N ILE D 417 -0.72 -5.90 2.89
CA ILE D 417 -1.33 -4.95 1.99
C ILE D 417 -0.46 -4.87 0.74
N THR D 418 -1.06 -5.18 -0.40
CA THR D 418 -0.35 -5.20 -1.67
C THR D 418 -0.56 -3.88 -2.44
N GLY D 419 -1.69 -3.23 -2.24
CA GLY D 419 -1.93 -2.00 -2.94
C GLY D 419 -2.99 -1.09 -2.37
N LEU D 420 -3.34 -0.07 -3.15
CA LEU D 420 -4.35 0.92 -2.78
C LEU D 420 -5.13 1.33 -4.01
N ILE D 421 -6.34 1.86 -3.81
CA ILE D 421 -7.10 2.46 -4.89
C ILE D 421 -7.39 3.91 -4.53
N LEU D 422 -6.41 4.79 -4.75
CA LEU D 422 -6.49 6.17 -4.29
C LEU D 422 -7.22 7.08 -5.27
N THR D 423 -7.63 8.25 -4.78
CA THR D 423 -8.39 9.21 -5.59
C THR D 423 -8.02 10.65 -5.25
N ARG D 424 -7.70 11.42 -6.28
CA ARG D 424 -7.24 12.80 -6.12
C ARG D 424 -8.40 13.81 -6.19
N ASP D 425 -8.24 14.94 -5.52
CA ASP D 425 -9.28 15.96 -5.47
C ASP D 425 -9.19 16.95 -6.63
N GLY D 426 -10.29 17.08 -7.38
CA GLY D 426 -10.28 17.81 -8.63
C GLY D 426 -10.44 19.31 -8.56
N GLY D 427 -10.52 19.86 -7.35
CA GLY D 427 -10.66 21.30 -7.18
C GLY D 427 -9.50 22.04 -7.82
N SER D 428 -8.30 21.48 -7.66
CA SER D 428 -7.09 21.97 -8.33
C SER D 428 -6.75 23.44 -8.04
N THR D 429 -6.95 24.29 -9.06
CA THR D 429 -6.50 25.69 -9.09
C THR D 429 -4.97 25.78 -9.25
N ASN D 430 -4.37 24.75 -9.82
CA ASN D 430 -2.92 24.69 -10.05
C ASN D 430 -2.15 24.71 -8.73
N SER D 431 -2.85 24.43 -7.64
CA SER D 431 -2.23 24.43 -6.32
C SER D 431 -1.27 23.25 -6.18
N THR D 432 -0.12 23.50 -5.57
CA THR D 432 0.84 22.44 -5.29
C THR D 432 0.48 21.71 -4.00
N THR D 433 -0.83 21.55 -3.77
CA THR D 433 -1.33 20.92 -2.56
C THR D 433 -2.43 19.91 -2.86
N GLU D 434 -2.39 19.31 -4.04
CA GLU D 434 -3.42 18.35 -4.42
C GLU D 434 -3.35 17.10 -3.55
N THR D 435 -4.39 16.89 -2.75
CA THR D 435 -4.43 15.77 -1.80
C THR D 435 -5.10 14.53 -2.39
N PHE D 436 -4.98 13.43 -1.67
CA PHE D 436 -5.52 12.14 -2.13
C PHE D 436 -6.44 11.49 -1.10
N ARG D 437 -7.34 10.65 -1.59
CA ARG D 437 -8.29 9.94 -0.73
C ARG D 437 -8.48 8.52 -1.24
N PRO D 438 -8.69 7.56 -0.33
CA PRO D 438 -8.89 6.18 -0.76
C PRO D 438 -10.25 5.98 -1.41
N GLY D 439 -10.30 5.14 -2.45
CA GLY D 439 -11.53 4.86 -3.16
C GLY D 439 -11.79 3.38 -3.32
N GLY D 440 -12.82 3.05 -4.11
CA GLY D 440 -13.17 1.67 -4.38
C GLY D 440 -14.26 1.59 -5.42
N GLY D 441 -15.46 1.16 -5.01
CA GLY D 441 -16.60 1.09 -5.89
C GLY D 441 -16.55 -0.07 -6.86
N ASP D 442 -16.05 0.19 -8.06
CA ASP D 442 -15.95 -0.85 -9.08
C ASP D 442 -14.86 -1.85 -8.71
N MET D 443 -15.24 -3.13 -8.73
CA MET D 443 -14.35 -4.20 -8.28
C MET D 443 -13.47 -4.75 -9.39
N ARG D 444 -13.65 -4.24 -10.60
CA ARG D 444 -12.80 -4.67 -11.69
C ARG D 444 -11.38 -4.15 -11.47
N ASP D 445 -11.27 -3.08 -10.70
CA ASP D 445 -9.99 -2.47 -10.37
C ASP D 445 -9.06 -3.46 -9.70
N ASN D 446 -9.63 -4.34 -8.89
CA ASN D 446 -8.84 -5.32 -8.14
C ASN D 446 -8.21 -6.37 -9.05
N TRP D 447 -8.97 -6.79 -10.07
CA TRP D 447 -8.49 -7.80 -11.00
C TRP D 447 -7.63 -7.10 -12.03
N ARG D 448 -7.95 -5.83 -12.26
CA ARG D 448 -7.14 -4.95 -13.09
C ARG D 448 -5.74 -4.80 -12.49
N SER D 449 -5.70 -4.82 -11.16
CA SER D 449 -4.47 -4.70 -10.39
C SER D 449 -3.55 -5.90 -10.54
N GLU D 450 -4.14 -7.07 -10.72
CA GLU D 450 -3.32 -8.28 -10.85
C GLU D 450 -3.10 -8.70 -12.29
N LEU D 451 -4.03 -8.33 -13.17
CA LEU D 451 -3.99 -8.78 -14.56
C LEU D 451 -3.30 -7.81 -15.51
N TYR D 452 -2.60 -6.81 -14.96
CA TYR D 452 -1.95 -5.80 -15.77
C TYR D 452 -0.80 -6.41 -16.60
N LYS D 453 -0.28 -7.54 -16.14
CA LYS D 453 0.80 -8.23 -16.83
C LYS D 453 0.36 -8.99 -18.08
N TYR D 454 -0.94 -9.14 -18.28
CA TYR D 454 -1.42 -10.10 -19.26
C TYR D 454 -2.27 -9.51 -20.38
N LYS D 455 -2.28 -10.25 -21.49
CA LYS D 455 -2.98 -9.90 -22.71
C LYS D 455 -3.23 -11.19 -23.48
N VAL D 456 -4.39 -11.28 -24.12
CA VAL D 456 -4.77 -12.49 -24.85
C VAL D 456 -4.74 -12.28 -26.37
N VAL D 457 -4.08 -13.18 -27.10
CA VAL D 457 -3.98 -13.04 -28.55
C VAL D 457 -4.40 -14.30 -29.32
N LYS D 458 -4.86 -14.07 -30.54
CA LYS D 458 -5.30 -15.11 -31.47
C LYS D 458 -4.18 -15.54 -32.40
N ILE D 459 -3.79 -16.80 -32.34
CA ILE D 459 -2.67 -17.30 -33.14
C ILE D 459 -3.08 -17.61 -34.58
N GLU D 460 -2.32 -17.05 -35.53
CA GLU D 460 -2.59 -17.24 -36.95
C GLU D 460 -1.33 -17.73 -37.67
N PRO D 461 -1.24 -19.06 -37.91
CA PRO D 461 0.00 -19.70 -38.34
C PRO D 461 0.21 -19.79 -39.85
N LEU D 462 -0.78 -19.36 -40.64
CA LEU D 462 -0.68 -19.55 -42.08
C LEU D 462 0.00 -18.36 -42.77
N GLY D 463 1.32 -18.45 -42.88
CA GLY D 463 2.09 -17.43 -43.54
C GLY D 463 2.19 -17.68 -45.03
N VAL D 464 2.23 -16.61 -45.80
CA VAL D 464 2.43 -16.70 -47.24
C VAL D 464 3.45 -15.64 -47.64
N ALA D 465 4.44 -16.05 -48.41
CA ALA D 465 5.52 -15.16 -48.82
C ALA D 465 6.24 -15.72 -50.03
N PRO D 466 6.85 -14.84 -50.82
CA PRO D 466 7.56 -15.30 -52.02
C PRO D 466 8.99 -15.79 -51.75
N THR D 467 9.28 -16.99 -52.26
CA THR D 467 10.65 -17.46 -52.40
C THR D 467 10.76 -18.06 -53.80
N ARG D 468 11.95 -18.01 -54.39
CA ARG D 468 12.14 -18.46 -55.77
C ARG D 468 11.87 -19.96 -55.90
N CYS D 469 10.61 -20.33 -55.99
CA CYS D 469 10.25 -21.74 -56.05
C CYS D 469 8.90 -21.98 -56.69
N LYS D 470 8.89 -22.84 -57.70
CA LYS D 470 7.65 -23.27 -58.34
C LYS D 470 7.37 -24.73 -57.99
N ARG D 471 6.11 -25.10 -57.83
CA ARG D 471 5.79 -26.50 -57.61
C ARG D 471 5.81 -27.27 -58.94
N ARG D 472 6.12 -28.56 -58.85
CA ARG D 472 6.31 -29.39 -60.04
C ARG D 472 5.07 -29.53 -60.93
N VAL D 473 5.28 -30.08 -62.12
CA VAL D 473 4.21 -30.31 -63.07
C VAL D 473 3.61 -31.70 -62.87
N GLN E 1 3.00 4.91 60.32
CA GLN E 1 1.78 4.78 61.12
C GLN E 1 0.60 5.42 60.40
N VAL E 2 -0.53 4.71 60.37
CA VAL E 2 -1.78 5.20 59.79
C VAL E 2 -2.96 4.48 60.43
N HIS E 3 -3.98 5.24 60.85
CA HIS E 3 -5.10 4.63 61.57
C HIS E 3 -6.34 5.52 61.56
N LEU E 4 -7.52 4.91 61.68
CA LEU E 4 -8.78 5.64 61.56
C LEU E 4 -9.71 5.41 62.76
N GLN E 5 -10.57 6.39 63.03
CA GLN E 5 -11.49 6.33 64.16
C GLN E 5 -12.79 7.09 63.86
N GLU E 6 -13.90 6.35 63.73
CA GLU E 6 -15.18 6.96 63.42
C GLU E 6 -15.88 7.44 64.68
N SER E 7 -16.81 8.38 64.51
CA SER E 7 -17.64 8.85 65.61
C SER E 7 -18.99 9.33 65.11
N GLY E 8 -19.98 9.33 66.00
CA GLY E 8 -21.32 9.78 65.68
C GLY E 8 -22.17 10.02 66.92
N PRO E 9 -23.41 10.46 66.73
CA PRO E 9 -24.32 10.72 67.86
C PRO E 9 -24.80 9.43 68.52
N GLY E 10 -25.12 8.42 67.71
CA GLY E 10 -25.52 7.12 68.23
C GLY E 10 -27.01 6.83 68.13
N LEU E 11 -27.81 7.87 67.93
CA LEU E 11 -29.26 7.72 67.89
C LEU E 11 -29.92 8.85 67.08
N VAL E 12 -30.84 8.48 66.19
CA VAL E 12 -31.52 9.46 65.34
C VAL E 12 -33.03 9.19 65.24
N LYS E 13 -33.83 10.25 65.28
CA LYS E 13 -35.27 10.14 65.09
C LYS E 13 -35.61 9.93 63.61
N PRO E 14 -36.79 9.39 63.31
CA PRO E 14 -37.19 9.20 61.91
C PRO E 14 -37.25 10.53 61.14
N SER E 15 -36.84 10.49 59.87
CA SER E 15 -36.75 11.67 59.01
C SER E 15 -35.93 12.79 59.66
N GLU E 16 -34.63 12.57 59.78
CA GLU E 16 -33.72 13.58 60.31
C GLU E 16 -32.40 13.51 59.57
N THR E 17 -31.43 14.32 59.98
CA THR E 17 -30.13 14.37 59.31
C THR E 17 -29.03 13.65 60.07
N LEU E 18 -28.74 12.42 59.64
CA LEU E 18 -27.61 11.67 60.17
C LEU E 18 -26.31 12.37 59.83
N SER E 19 -25.38 12.41 60.80
CA SER E 19 -24.11 13.08 60.60
C SER E 19 -22.97 12.30 61.28
N LEU E 20 -21.90 12.02 60.54
CA LEU E 20 -20.78 11.25 61.06
C LEU E 20 -19.43 11.85 60.68
N THR E 21 -18.43 11.62 61.52
CA THR E 21 -17.07 12.08 61.25
C THR E 21 -16.02 11.03 61.63
N CYS E 22 -14.87 11.07 60.96
CA CYS E 22 -13.84 10.05 61.11
C CYS E 22 -12.45 10.66 61.32
N ASN E 23 -11.85 10.40 62.47
CA ASN E 23 -10.51 10.92 62.76
C ASN E 23 -9.47 10.23 61.88
N VAL E 24 -8.48 11.00 61.43
CA VAL E 24 -7.43 10.47 60.58
C VAL E 24 -6.10 10.50 61.32
N SER E 25 -5.16 9.67 60.85
CA SER E 25 -3.84 9.59 61.46
C SER E 25 -2.78 9.17 60.45
N GLY E 26 -1.62 9.80 60.51
CA GLY E 26 -0.52 9.46 59.63
C GLY E 26 -0.57 10.15 58.28
N THR E 27 -1.56 9.78 57.47
CA THR E 27 -1.75 10.41 56.16
C THR E 27 -2.98 11.33 56.22
N LEU E 28 -3.14 12.20 55.23
CA LEU E 28 -4.18 13.22 55.28
C LEU E 28 -5.22 13.07 54.18
N VAL E 29 -6.26 13.91 54.23
CA VAL E 29 -7.41 13.75 53.35
C VAL E 29 -7.10 13.97 51.87
N ARG E 30 -6.37 15.04 51.55
CA ARG E 30 -6.02 15.35 50.18
C ARG E 30 -5.28 14.22 49.50
N ASP E 31 -4.44 13.53 50.28
CA ASP E 31 -3.58 12.49 49.75
C ASP E 31 -4.37 11.28 49.24
N ASN E 32 -5.42 10.91 49.95
CA ASN E 32 -6.14 9.68 49.62
C ASN E 32 -7.61 9.90 49.27
N TYR E 33 -8.29 8.80 48.95
CA TYR E 33 -9.70 8.80 48.56
C TYR E 33 -10.50 8.11 49.65
N TRP E 34 -11.62 8.71 50.04
CA TRP E 34 -12.34 8.26 51.23
C TRP E 34 -13.69 7.64 50.89
N SER E 35 -14.10 6.68 51.71
CA SER E 35 -15.34 5.96 51.48
C SER E 35 -15.99 5.50 52.78
N TRP E 36 -17.30 5.30 52.73
CA TRP E 36 -18.05 4.82 53.88
C TRP E 36 -18.80 3.53 53.57
N ILE E 37 -18.93 2.66 54.56
CA ILE E 37 -19.68 1.41 54.44
C ILE E 37 -20.52 1.18 55.69
N ARG E 38 -21.83 0.96 55.51
CA ARG E 38 -22.68 0.67 56.66
C ARG E 38 -23.10 -0.79 56.63
N GLN E 39 -23.28 -1.36 57.81
CA GLN E 39 -23.58 -2.79 57.95
C GLN E 39 -24.66 -3.00 58.98
N PRO E 40 -25.90 -3.26 58.53
CA PRO E 40 -27.03 -3.52 59.42
C PRO E 40 -26.80 -4.81 60.21
N LEU E 41 -27.59 -5.02 61.26
CA LEU E 41 -27.49 -6.23 62.06
C LEU E 41 -27.67 -7.49 61.22
N GLY E 42 -26.70 -8.40 61.32
CA GLY E 42 -26.76 -9.69 60.67
C GLY E 42 -26.97 -9.67 59.17
N LYS E 43 -26.41 -8.66 58.50
CA LYS E 43 -26.51 -8.57 57.05
C LYS E 43 -25.19 -8.14 56.41
N GLN E 44 -25.09 -8.33 55.10
CA GLN E 44 -23.90 -7.97 54.34
C GLN E 44 -23.76 -6.46 54.22
N PRO E 45 -22.52 -5.97 54.08
CA PRO E 45 -22.27 -4.52 54.12
C PRO E 45 -22.67 -3.80 52.83
N GLU E 46 -23.15 -2.58 52.96
CA GLU E 46 -23.56 -1.78 51.81
C GLU E 46 -22.64 -0.59 51.61
N TRP E 47 -22.00 -0.54 50.44
CA TRP E 47 -21.09 0.55 50.11
C TRP E 47 -21.87 1.85 49.94
N ILE E 48 -21.50 2.86 50.72
CA ILE E 48 -22.26 4.11 50.78
C ILE E 48 -21.89 5.10 49.67
N GLY E 49 -20.59 5.36 49.52
CA GLY E 49 -20.11 6.29 48.51
C GLY E 49 -18.66 6.64 48.72
N TYR E 50 -18.08 7.39 47.77
CA TYR E 50 -16.69 7.78 47.88
C TYR E 50 -16.48 9.28 47.66
N VAL E 51 -15.35 9.78 48.14
CA VAL E 51 -15.08 11.22 48.13
C VAL E 51 -13.59 11.52 48.02
N HIS E 52 -13.27 12.57 47.29
CA HIS E 52 -11.89 13.00 47.06
C HIS E 52 -11.93 14.44 46.57
N ASP E 53 -10.82 15.15 46.70
CA ASP E 53 -10.73 16.48 46.13
C ASP E 53 -10.87 16.37 44.60
N SER E 54 -11.19 17.50 43.97
CA SER E 54 -11.34 17.65 42.52
C SER E 54 -12.69 17.15 41.99
N GLY E 55 -13.61 16.84 42.89
CA GLY E 55 -14.96 16.51 42.49
C GLY E 55 -15.24 15.04 42.28
N ASP E 56 -14.19 14.22 42.39
CA ASP E 56 -14.35 12.77 42.29
C ASP E 56 -15.11 12.28 43.52
N THR E 57 -16.44 12.44 43.49
CA THR E 57 -17.28 12.21 44.65
C THR E 57 -18.65 11.66 44.24
N ASN E 58 -18.67 10.46 43.68
CA ASN E 58 -19.92 9.83 43.25
C ASN E 58 -20.47 8.90 44.32
N TYR E 59 -21.78 8.77 44.40
CA TYR E 59 -22.42 8.04 45.50
C TYR E 59 -23.16 6.77 45.05
N ASN E 60 -23.68 6.06 46.03
CA ASN E 60 -24.58 4.92 45.81
C ASN E 60 -25.91 5.40 45.23
N PRO E 61 -26.31 4.83 44.09
CA PRO E 61 -27.60 5.22 43.48
C PRO E 61 -28.80 4.82 44.33
N SER E 62 -28.69 3.73 45.08
CA SER E 62 -29.79 3.25 45.91
C SER E 62 -30.08 4.23 47.04
N LEU E 63 -29.05 4.92 47.49
CA LEU E 63 -29.20 5.94 48.53
C LEU E 63 -29.70 7.23 47.91
N LYS E 64 -29.28 7.48 46.68
CA LYS E 64 -29.81 8.56 45.86
C LYS E 64 -29.53 9.96 46.46
N SER E 65 -30.56 10.77 46.61
CA SER E 65 -30.41 12.20 46.88
C SER E 65 -30.06 12.52 48.32
N ARG E 66 -30.60 11.75 49.25
CA ARG E 66 -30.52 12.08 50.67
C ARG E 66 -29.11 12.05 51.24
N VAL E 67 -28.18 11.40 50.54
CA VAL E 67 -26.80 11.35 50.99
C VAL E 67 -25.97 12.51 50.44
N HIS E 68 -25.15 13.11 51.30
CA HIS E 68 -24.19 14.14 50.89
C HIS E 68 -22.87 13.97 51.61
N LEU E 69 -21.84 13.52 50.89
CA LEU E 69 -20.52 13.42 51.47
C LEU E 69 -19.78 14.75 51.33
N SER E 70 -18.80 14.98 52.21
CA SER E 70 -18.04 16.21 52.22
C SER E 70 -16.69 16.02 52.91
N LEU E 71 -15.99 17.13 53.14
CA LEU E 71 -14.66 17.07 53.74
C LEU E 71 -14.33 18.30 54.60
N ASP E 72 -13.17 18.25 55.26
CA ASP E 72 -12.68 19.36 56.07
C ASP E 72 -11.16 19.41 55.98
N LYS E 73 -10.66 20.28 55.10
CA LYS E 73 -9.23 20.34 54.79
C LYS E 73 -8.37 20.66 55.99
N SER E 74 -8.67 21.78 56.66
CA SER E 74 -7.86 22.26 57.77
C SER E 74 -7.87 21.34 58.99
N LYS E 75 -9.06 20.91 59.38
CA LYS E 75 -9.22 20.07 60.55
C LYS E 75 -8.83 18.62 60.25
N ASN E 76 -8.80 18.28 58.96
CA ASN E 76 -8.34 16.98 58.48
C ASN E 76 -9.20 15.81 58.96
N LEU E 77 -10.49 15.87 58.66
CA LEU E 77 -11.40 14.77 58.99
C LEU E 77 -12.47 14.58 57.93
N VAL E 78 -12.82 13.33 57.68
CA VAL E 78 -13.84 12.98 56.68
C VAL E 78 -15.24 13.22 57.25
N SER E 79 -16.16 13.63 56.39
CA SER E 79 -17.50 14.00 56.84
C SER E 79 -18.60 13.26 56.06
N LEU E 80 -19.80 13.22 56.64
CA LEU E 80 -20.94 12.56 56.01
C LEU E 80 -22.24 13.22 56.45
N ARG E 81 -23.21 13.30 55.54
CA ARG E 81 -24.52 13.87 55.85
C ARG E 81 -25.63 13.14 55.12
N LEU E 82 -26.52 12.50 55.88
CA LEU E 82 -27.61 11.73 55.32
C LEU E 82 -28.96 12.25 55.83
N THR E 83 -29.88 12.55 54.91
CA THR E 83 -31.18 13.08 55.27
C THR E 83 -32.27 12.02 55.10
N GLY E 84 -33.45 12.27 55.68
CA GLY E 84 -34.57 11.36 55.55
C GLY E 84 -34.29 9.99 56.13
N VAL E 85 -33.69 9.98 57.32
CA VAL E 85 -33.27 8.75 57.98
C VAL E 85 -34.46 7.91 58.46
N THR E 86 -34.38 6.59 58.22
CA THR E 86 -35.43 5.67 58.65
C THR E 86 -34.85 4.41 59.31
N ALA E 87 -35.72 3.45 59.60
CA ALA E 87 -35.32 2.21 60.27
C ALA E 87 -34.31 1.43 59.43
N ALA E 88 -34.41 1.54 58.12
CA ALA E 88 -33.51 0.84 57.20
C ALA E 88 -32.07 1.31 57.37
N ASP E 89 -31.91 2.54 57.85
CA ASP E 89 -30.58 3.15 57.96
C ASP E 89 -29.87 2.77 59.25
N SER E 90 -30.51 1.95 60.08
CA SER E 90 -29.90 1.48 61.31
C SER E 90 -28.81 0.46 61.01
N ALA E 91 -27.56 0.84 61.28
CA ALA E 91 -26.40 0.00 60.95
C ALA E 91 -25.15 0.46 61.67
N ILE E 92 -24.12 -0.37 61.68
CA ILE E 92 -22.83 0.09 62.17
C ILE E 92 -22.05 0.64 60.97
N TYR E 93 -21.80 1.94 61.00
CA TYR E 93 -21.16 2.61 59.88
C TYR E 93 -19.64 2.50 59.97
N TYR E 94 -18.98 2.60 58.83
CA TYR E 94 -17.53 2.53 58.75
C TYR E 94 -16.96 3.62 57.87
N CYS E 95 -15.77 4.12 58.21
CA CYS E 95 -15.03 5.01 57.32
C CYS E 95 -13.77 4.27 56.88
N ALA E 96 -13.33 4.52 55.65
CA ALA E 96 -12.18 3.81 55.10
C ALA E 96 -11.56 4.50 53.89
N THR E 97 -10.24 4.44 53.82
CA THR E 97 -9.51 4.89 52.64
C THR E 97 -9.75 3.91 51.51
N THR E 98 -10.23 4.40 50.38
CA THR E 98 -10.41 3.54 49.23
C THR E 98 -9.22 3.70 48.28
N LYS E 99 -8.79 2.59 47.68
CA LYS E 99 -7.63 2.59 46.80
C LYS E 99 -8.00 2.06 45.42
N HIS E 100 -7.87 2.92 44.40
CA HIS E 100 -8.35 2.60 43.06
C HIS E 100 -7.40 1.72 42.26
N GLY E 101 -7.83 1.33 41.06
CA GLY E 101 -7.04 0.50 40.17
C GLY E 101 -7.67 0.36 38.80
N ARG E 102 -6.95 -0.27 37.87
CA ARG E 102 -7.44 -0.48 36.51
C ARG E 102 -7.43 -1.95 36.10
N ARG E 103 -8.56 -2.45 35.64
CA ARG E 103 -8.64 -3.81 35.12
C ARG E 103 -8.88 -3.77 33.61
N ILE E 104 -7.96 -4.35 32.85
CA ILE E 104 -8.00 -4.24 31.39
C ILE E 104 -8.19 -5.61 30.71
N TYR E 105 -9.13 -5.66 29.78
CA TYR E 105 -9.50 -6.91 29.10
C TYR E 105 -9.44 -6.78 27.58
N GLY E 106 -9.36 -5.55 27.09
CA GLY E 106 -9.29 -5.29 25.68
C GLY E 106 -8.30 -4.18 25.37
N VAL E 107 -8.64 -3.33 24.41
CA VAL E 107 -7.79 -2.20 24.06
C VAL E 107 -8.13 -0.98 24.90
N VAL E 108 -7.10 -0.31 25.41
CA VAL E 108 -7.29 0.82 26.31
C VAL E 108 -7.92 2.01 25.59
N ALA E 109 -7.49 2.23 24.33
CA ALA E 109 -7.98 3.34 23.53
C ALA E 109 -9.44 3.15 23.16
N PHE E 110 -9.86 1.90 23.00
CA PHE E 110 -11.26 1.57 22.75
C PHE E 110 -12.07 1.74 24.02
N LYS E 111 -11.39 2.10 25.11
CA LYS E 111 -11.98 2.24 26.43
C LYS E 111 -12.58 0.91 26.87
N GLU E 112 -11.78 -0.14 26.78
CA GLU E 112 -12.23 -1.47 27.17
C GLU E 112 -11.56 -1.88 28.46
N TRP E 113 -11.96 -1.21 29.54
CA TRP E 113 -11.43 -1.42 30.88
C TRP E 113 -12.38 -0.78 31.88
N PHE E 114 -12.13 -0.98 33.17
CA PHE E 114 -12.92 -0.29 34.18
C PHE E 114 -12.08 0.07 35.39
N THR E 115 -12.55 1.06 36.14
CA THR E 115 -11.90 1.50 37.36
C THR E 115 -12.49 0.75 38.55
N TYR E 116 -11.63 0.09 39.32
CA TYR E 116 -12.10 -0.69 40.47
C TYR E 116 -11.38 -0.29 41.75
N PHE E 117 -12.13 0.11 42.77
CA PHE E 117 -11.50 0.43 44.05
C PHE E 117 -11.82 -0.61 45.10
N TYR E 118 -10.86 -0.80 45.99
CA TYR E 118 -11.03 -1.57 47.21
C TYR E 118 -10.66 -0.68 48.39
N MET E 119 -11.07 -1.08 49.59
CA MET E 119 -10.78 -0.28 50.78
C MET E 119 -9.87 -1.06 51.73
N ASP E 120 -8.62 -0.61 51.84
CA ASP E 120 -7.58 -1.37 52.51
C ASP E 120 -7.60 -1.26 54.04
N VAL E 121 -7.84 -0.06 54.56
CA VAL E 121 -7.82 0.15 56.00
C VAL E 121 -9.13 0.77 56.51
N TRP E 122 -9.72 0.12 57.50
CA TRP E 122 -10.99 0.54 58.07
C TRP E 122 -10.77 1.24 59.41
N GLY E 123 -11.89 1.56 60.06
CA GLY E 123 -11.85 2.08 61.42
C GLY E 123 -12.35 1.02 62.37
N LYS E 124 -12.81 1.44 63.55
CA LYS E 124 -13.35 0.52 64.53
C LYS E 124 -14.83 0.26 64.26
N GLY E 125 -15.59 1.34 64.11
CA GLY E 125 -17.02 1.22 63.84
C GLY E 125 -17.81 2.39 64.38
N THR E 126 -19.05 2.54 63.91
CA THR E 126 -19.92 3.60 64.37
C THR E 126 -21.35 3.08 64.53
N SER E 127 -21.70 2.69 65.76
CA SER E 127 -23.02 2.16 66.04
C SER E 127 -24.07 3.27 65.98
N VAL E 128 -24.99 3.16 65.03
CA VAL E 128 -26.01 4.19 64.83
C VAL E 128 -27.43 3.63 64.89
N THR E 129 -28.11 3.89 66.00
CA THR E 129 -29.49 3.46 66.16
C THR E 129 -30.43 4.52 65.60
N VAL E 130 -31.64 4.12 65.24
CA VAL E 130 -32.66 5.08 64.84
C VAL E 130 -34.04 4.60 65.31
N SER E 131 -34.55 5.28 66.33
CA SER E 131 -35.83 4.94 66.93
C SER E 131 -36.47 6.19 67.52
N SER E 132 -37.80 6.21 67.57
CA SER E 132 -38.51 7.36 68.15
C SER E 132 -38.39 7.36 69.67
N ALA E 133 -37.82 6.30 70.23
CA ALA E 133 -37.61 6.18 71.66
C ALA E 133 -36.48 7.09 72.12
N SER E 134 -36.64 7.69 73.30
CA SER E 134 -35.67 8.64 73.82
C SER E 134 -34.54 7.95 74.56
N THR E 135 -33.37 8.58 74.57
CA THR E 135 -32.18 7.99 75.17
C THR E 135 -32.28 7.91 76.68
N LYS E 136 -31.56 6.95 77.27
CA LYS E 136 -31.45 6.84 78.71
C LYS E 136 -30.06 6.40 79.13
N GLY E 137 -29.44 7.16 80.02
CA GLY E 137 -28.14 6.82 80.55
C GLY E 137 -28.22 5.63 81.47
N PRO E 138 -27.07 4.99 81.75
CA PRO E 138 -27.00 3.77 82.56
C PRO E 138 -27.19 4.01 84.06
N SER E 139 -27.68 2.97 84.74
CA SER E 139 -27.67 2.93 86.20
C SER E 139 -26.61 1.92 86.62
N VAL E 140 -25.85 2.22 87.65
CA VAL E 140 -24.75 1.33 88.04
C VAL E 140 -24.76 0.94 89.51
N PHE E 141 -24.82 -0.37 89.76
CA PHE E 141 -24.68 -0.93 91.10
C PHE E 141 -23.67 -2.06 91.03
N PRO E 142 -22.41 -1.81 91.43
CA PRO E 142 -21.30 -2.74 91.21
C PRO E 142 -21.41 -4.04 92.00
N LEU E 143 -21.02 -5.14 91.36
CA LEU E 143 -21.10 -6.46 91.98
C LEU E 143 -19.95 -6.69 92.96
N ALA E 144 -20.29 -6.91 94.22
CA ALA E 144 -19.31 -7.17 95.27
C ALA E 144 -18.63 -8.52 95.06
N PRO E 145 -17.34 -8.62 95.38
CA PRO E 145 -16.56 -9.84 95.17
C PRO E 145 -16.90 -10.98 96.13
N SER E 146 -17.85 -11.82 95.73
CA SER E 146 -18.21 -13.02 96.49
C SER E 146 -19.10 -13.92 95.64
N SER E 147 -18.54 -15.03 95.17
CA SER E 147 -19.23 -15.97 94.29
C SER E 147 -19.72 -15.28 93.02
N GLY E 152 -8.18 -19.06 99.70
CA GLY E 152 -7.15 -18.40 98.92
C GLY E 152 -7.29 -18.66 97.42
N GLY E 153 -6.20 -19.09 96.80
CA GLY E 153 -6.22 -19.36 95.37
C GLY E 153 -6.55 -18.14 94.55
N THR E 154 -7.65 -18.21 93.80
CA THR E 154 -8.08 -17.10 92.95
C THR E 154 -9.47 -16.61 93.32
N ALA E 155 -9.79 -15.38 92.94
CA ALA E 155 -11.09 -14.79 93.24
C ALA E 155 -11.67 -14.10 92.01
N ALA E 156 -12.86 -13.51 92.16
CA ALA E 156 -13.55 -12.87 91.05
C ALA E 156 -14.33 -11.63 91.48
N LEU E 157 -14.45 -10.67 90.57
CA LEU E 157 -14.99 -9.35 90.86
C LEU E 157 -15.81 -8.83 89.67
N GLY E 158 -16.82 -7.99 89.93
CA GLY E 158 -17.69 -7.53 88.86
C GLY E 158 -18.23 -6.11 88.96
N CYS E 159 -18.73 -5.61 87.82
CA CYS E 159 -19.34 -4.28 87.72
C CYS E 159 -20.59 -4.30 86.83
N LEU E 160 -21.76 -4.19 87.44
CA LEU E 160 -23.02 -4.27 86.70
C LEU E 160 -23.56 -2.91 86.26
N VAL E 161 -23.96 -2.79 85.00
CA VAL E 161 -24.67 -1.62 84.51
C VAL E 161 -26.11 -2.04 84.25
N LYS E 162 -27.05 -1.43 84.93
CA LYS E 162 -28.42 -1.97 85.00
C LYS E 162 -29.34 -1.68 83.82
N ASP E 163 -29.43 -0.43 83.39
CA ASP E 163 -30.39 -0.05 82.37
C ASP E 163 -29.95 1.12 81.50
N TYR E 164 -30.04 0.96 80.19
CA TYR E 164 -29.70 2.05 79.28
C TYR E 164 -30.24 1.87 77.86
N PHE E 165 -30.09 2.93 77.07
CA PHE E 165 -30.46 2.95 75.65
C PHE E 165 -29.88 4.19 74.99
N PRO E 166 -29.26 4.02 73.80
CA PRO E 166 -29.02 2.74 73.14
C PRO E 166 -27.58 2.27 73.32
N GLU E 167 -27.26 1.11 72.74
CA GLU E 167 -25.87 0.65 72.71
C GLU E 167 -25.07 1.61 71.83
N PRO E 168 -23.74 1.67 72.04
CA PRO E 168 -22.92 0.91 72.97
C PRO E 168 -22.39 1.71 74.16
N VAL E 169 -21.63 1.03 75.02
CA VAL E 169 -20.94 1.63 76.14
C VAL E 169 -19.59 0.96 76.31
N THR E 170 -18.54 1.74 76.57
CA THR E 170 -17.23 1.17 76.87
C THR E 170 -17.03 1.07 78.37
N VAL E 171 -16.31 0.03 78.79
CA VAL E 171 -15.97 -0.13 80.21
C VAL E 171 -14.48 -0.35 80.37
N SER E 172 -13.79 0.70 80.84
CA SER E 172 -12.36 0.59 81.15
C SER E 172 -12.18 0.61 82.65
N TRP E 173 -11.38 -0.32 83.15
CA TRP E 173 -11.16 -0.42 84.59
C TRP E 173 -9.98 0.44 85.02
N ASN E 174 -10.23 1.34 85.97
CA ASN E 174 -9.28 2.34 86.42
C ASN E 174 -8.83 3.21 85.24
N SER E 175 -9.81 3.67 84.47
CA SER E 175 -9.60 4.57 83.34
C SER E 175 -8.74 3.97 82.24
N GLY E 176 -8.53 2.66 82.27
CA GLY E 176 -7.77 1.98 81.25
C GLY E 176 -6.49 1.35 81.76
N ALA E 177 -6.12 1.68 83.00
CA ALA E 177 -4.92 1.12 83.60
C ALA E 177 -5.08 -0.38 83.82
N LEU E 178 -6.14 -0.75 84.54
CA LEU E 178 -6.46 -2.15 84.75
C LEU E 178 -7.06 -2.73 83.48
N THR E 179 -6.40 -3.71 82.89
CA THR E 179 -6.84 -4.25 81.61
C THR E 179 -6.91 -5.78 81.60
N SER E 180 -5.89 -6.43 82.15
CA SER E 180 -5.84 -7.90 82.13
C SER E 180 -6.95 -8.49 82.99
N GLY E 181 -7.58 -9.54 82.46
CA GLY E 181 -8.60 -10.27 83.20
C GLY E 181 -10.03 -9.83 82.93
N VAL E 182 -10.21 -8.80 82.11
CA VAL E 182 -11.55 -8.29 81.84
C VAL E 182 -12.29 -9.20 80.86
N HIS E 183 -13.39 -9.77 81.32
CA HIS E 183 -14.28 -10.57 80.48
C HIS E 183 -15.65 -9.90 80.43
N THR E 184 -15.66 -8.66 79.96
CA THR E 184 -16.91 -7.89 79.88
C THR E 184 -17.89 -8.56 78.93
N PHE E 185 -19.15 -8.68 79.37
CA PHE E 185 -20.17 -9.39 78.61
C PHE E 185 -20.96 -8.46 77.69
N PRO E 186 -21.54 -9.00 76.61
CA PRO E 186 -22.39 -8.22 75.72
C PRO E 186 -23.76 -7.99 76.33
N ALA E 187 -24.46 -6.97 75.83
CA ALA E 187 -25.70 -6.51 76.45
C ALA E 187 -26.89 -7.45 76.23
N VAL E 188 -28.02 -7.10 76.85
CA VAL E 188 -29.28 -7.82 76.70
C VAL E 188 -30.46 -6.84 76.73
N LEU E 189 -31.30 -6.90 75.71
CA LEU E 189 -32.44 -6.00 75.61
C LEU E 189 -33.65 -6.52 76.39
N GLN E 190 -34.24 -5.65 77.19
CA GLN E 190 -35.46 -5.99 77.93
C GLN E 190 -36.70 -5.70 77.08
N SER E 191 -37.88 -6.02 77.60
CA SER E 191 -39.11 -5.77 76.86
C SER E 191 -39.41 -4.27 76.78
N SER E 192 -38.83 -3.51 77.72
CA SER E 192 -39.00 -2.07 77.77
C SER E 192 -38.24 -1.37 76.65
N GLY E 193 -37.20 -2.04 76.16
CA GLY E 193 -36.35 -1.49 75.11
C GLY E 193 -34.95 -1.22 75.62
N LEU E 194 -34.81 -1.25 76.94
CA LEU E 194 -33.54 -0.97 77.60
C LEU E 194 -32.58 -2.14 77.49
N TYR E 195 -31.30 -1.83 77.36
CA TYR E 195 -30.26 -2.85 77.41
C TYR E 195 -29.67 -2.93 78.82
N SER E 196 -28.87 -3.96 79.05
CA SER E 196 -28.16 -4.12 80.32
C SER E 196 -26.92 -4.95 80.07
N LEU E 197 -25.85 -4.66 80.80
CA LEU E 197 -24.56 -5.28 80.55
C LEU E 197 -23.85 -5.51 81.89
N SER E 198 -22.74 -6.25 81.87
CA SER E 198 -21.95 -6.44 83.08
C SER E 198 -20.49 -6.76 82.77
N SER E 199 -19.59 -6.16 83.54
CA SER E 199 -18.16 -6.41 83.38
C SER E 199 -17.62 -7.18 84.58
N VAL E 200 -16.60 -7.99 84.34
CA VAL E 200 -15.97 -8.77 85.40
C VAL E 200 -14.47 -8.87 85.21
N VAL E 201 -13.75 -8.94 86.33
CA VAL E 201 -12.32 -9.17 86.29
C VAL E 201 -11.95 -10.33 87.20
N THR E 202 -10.82 -10.96 86.92
CA THR E 202 -10.30 -11.98 87.82
C THR E 202 -9.15 -11.36 88.61
N VAL E 203 -9.15 -11.60 89.92
CA VAL E 203 -8.13 -11.08 90.80
C VAL E 203 -7.77 -12.15 91.82
N PRO E 204 -6.46 -12.43 91.97
CA PRO E 204 -6.04 -13.49 92.90
C PRO E 204 -6.32 -13.15 94.35
N SER E 205 -5.89 -14.02 95.26
CA SER E 205 -6.14 -13.86 96.68
C SER E 205 -5.45 -12.63 97.26
N SER E 206 -4.50 -12.08 96.52
CA SER E 206 -3.83 -10.84 96.94
C SER E 206 -4.70 -9.64 96.60
N SER E 207 -5.74 -9.40 97.39
CA SER E 207 -6.72 -8.38 97.08
C SER E 207 -7.29 -7.67 98.30
N LEU E 208 -6.47 -7.49 99.34
CA LEU E 208 -6.93 -6.78 100.53
C LEU E 208 -7.10 -5.30 100.23
N GLY E 209 -6.01 -4.65 99.86
CA GLY E 209 -6.04 -3.25 99.51
C GLY E 209 -5.50 -2.32 100.58
N THR E 210 -6.05 -1.11 100.69
CA THR E 210 -7.17 -0.65 99.86
C THR E 210 -6.74 -0.33 98.44
N GLN E 211 -7.33 -1.02 97.47
CA GLN E 211 -6.94 -0.90 96.08
C GLN E 211 -7.92 -0.06 95.29
N THR E 212 -7.42 0.59 94.25
CA THR E 212 -8.23 1.48 93.42
C THR E 212 -8.96 0.69 92.34
N TYR E 213 -10.07 0.05 92.72
CA TYR E 213 -10.85 -0.75 91.79
C TYR E 213 -12.10 -0.02 91.32
N ILE E 214 -12.06 0.49 90.09
CA ILE E 214 -13.20 1.20 89.51
C ILE E 214 -13.41 0.78 88.06
N CYS E 215 -14.67 0.70 87.64
CA CYS E 215 -15.01 0.40 86.25
C CYS E 215 -15.58 1.62 85.54
N ASN E 216 -14.70 2.48 85.06
CA ASN E 216 -15.11 3.74 84.41
C ASN E 216 -15.90 3.52 83.13
N VAL E 217 -17.19 3.82 83.17
CA VAL E 217 -18.04 3.65 82.00
C VAL E 217 -18.22 4.96 81.27
N ASN E 218 -18.61 4.88 79.99
CA ASN E 218 -18.84 6.06 79.18
C ASN E 218 -20.00 5.85 78.22
N HIS E 219 -21.14 6.46 78.54
CA HIS E 219 -22.30 6.43 77.67
C HIS E 219 -22.43 7.74 76.90
N LYS E 220 -21.77 7.80 75.75
CA LYS E 220 -21.72 9.02 74.94
C LYS E 220 -23.07 9.61 74.51
N PRO E 221 -24.04 8.77 74.06
CA PRO E 221 -25.33 9.36 73.66
C PRO E 221 -25.98 10.23 74.74
N SER E 222 -25.75 9.89 76.01
CA SER E 222 -26.34 10.63 77.13
C SER E 222 -25.27 11.17 78.07
N ASN E 223 -24.14 11.56 77.51
CA ASN E 223 -22.96 12.04 78.23
C ASN E 223 -22.82 11.60 79.69
N THR E 224 -22.98 10.30 79.93
CA THR E 224 -22.99 9.74 81.28
C THR E 224 -21.70 9.00 81.62
N LYS E 225 -21.06 9.43 82.71
CA LYS E 225 -19.83 8.83 83.17
C LYS E 225 -19.93 8.47 84.66
N VAL E 226 -20.56 7.34 84.95
CA VAL E 226 -20.71 6.88 86.31
C VAL E 226 -19.68 5.80 86.64
N ASP E 227 -18.73 6.14 87.50
CA ASP E 227 -17.65 5.23 87.83
C ASP E 227 -17.66 4.90 89.33
N LYS E 228 -18.03 3.67 89.67
CA LYS E 228 -18.18 3.28 91.07
C LYS E 228 -17.04 2.41 91.55
N ARG E 229 -16.59 2.66 92.79
CA ARG E 229 -15.56 1.85 93.41
C ARG E 229 -16.17 0.55 93.91
N VAL E 230 -15.36 -0.49 94.08
CA VAL E 230 -15.88 -1.77 94.55
C VAL E 230 -14.86 -2.51 95.41
N GLU E 231 -15.34 -3.07 96.52
CA GLU E 231 -14.49 -3.73 97.50
C GLU E 231 -15.33 -4.74 98.29
N PRO E 232 -14.69 -5.69 99.00
CA PRO E 232 -15.49 -6.65 99.77
C PRO E 232 -16.20 -6.02 100.96
N ALA F 1 -30.76 -19.49 54.06
CA ALA F 1 -29.93 -18.43 53.49
C ALA F 1 -28.50 -18.36 54.08
N PRO F 2 -28.35 -18.40 55.42
CA PRO F 2 -26.97 -18.33 55.94
C PRO F 2 -26.13 -19.59 55.63
N THR F 3 -25.07 -19.39 54.85
CA THR F 3 -24.24 -20.50 54.38
C THR F 3 -23.00 -20.74 55.24
N PHE F 4 -22.61 -22.00 55.36
CA PHE F 4 -21.51 -22.39 56.24
C PHE F 4 -20.51 -23.33 55.56
N VAL F 5 -19.25 -23.21 55.96
CA VAL F 5 -18.19 -24.08 55.46
C VAL F 5 -17.38 -24.65 56.63
N SER F 6 -17.19 -25.97 56.63
CA SER F 6 -16.51 -26.62 57.74
C SER F 6 -15.41 -27.59 57.29
N VAL F 7 -14.22 -27.46 57.88
CA VAL F 7 -13.10 -28.33 57.58
C VAL F 7 -12.28 -28.67 58.83
N ALA F 8 -11.43 -29.68 58.71
CA ALA F 8 -10.53 -30.05 59.81
C ALA F 8 -9.32 -29.12 59.83
N PRO F 9 -8.62 -29.01 60.98
CA PRO F 9 -7.44 -28.16 61.01
C PRO F 9 -6.32 -28.66 60.10
N GLY F 10 -5.62 -27.73 59.46
CA GLY F 10 -4.50 -28.08 58.59
C GLY F 10 -4.92 -28.46 57.18
N GLN F 11 -6.22 -28.46 56.93
CA GLN F 11 -6.74 -28.79 55.60
C GLN F 11 -6.82 -27.54 54.74
N THR F 12 -7.44 -27.67 53.58
CA THR F 12 -7.65 -26.52 52.70
C THR F 12 -9.14 -26.33 52.41
N ALA F 13 -9.69 -25.23 52.92
CA ALA F 13 -11.10 -24.92 52.73
C ALA F 13 -11.30 -24.14 51.44
N ARG F 14 -12.52 -24.18 50.93
CA ARG F 14 -12.86 -23.48 49.69
C ARG F 14 -14.22 -22.79 49.83
N ILE F 15 -14.25 -21.50 49.52
CA ILE F 15 -15.44 -20.68 49.74
C ILE F 15 -15.83 -19.86 48.51
N THR F 16 -17.12 -19.90 48.14
CA THR F 16 -17.59 -19.19 46.95
C THR F 16 -18.54 -18.05 47.30
N CYS F 17 -18.53 -17.01 46.48
CA CYS F 17 -19.39 -15.85 46.68
C CYS F 17 -19.84 -15.22 45.36
N GLY F 18 -21.06 -14.71 45.34
CA GLY F 18 -21.52 -13.89 44.23
C GLY F 18 -22.11 -14.58 43.01
N GLU F 19 -22.65 -13.76 42.12
CA GLU F 19 -23.24 -14.19 40.85
C GLU F 19 -22.20 -14.87 39.96
N GLU F 20 -22.66 -15.70 39.03
CA GLU F 20 -21.79 -16.32 38.02
C GLU F 20 -21.21 -15.28 37.05
N SER F 21 -19.97 -15.50 36.64
CA SER F 21 -19.22 -14.52 35.85
C SER F 21 -19.78 -14.33 34.45
N LEU F 22 -19.71 -13.09 33.96
CA LEU F 22 -20.10 -12.75 32.60
C LEU F 22 -18.88 -12.41 31.75
N GLY F 23 -18.26 -11.27 32.06
CA GLY F 23 -17.02 -10.87 31.44
C GLY F 23 -15.88 -10.98 32.43
N SER F 24 -14.70 -10.49 32.07
CA SER F 24 -13.56 -10.49 32.97
C SER F 24 -13.81 -9.54 34.12
N ARG F 25 -13.49 -9.98 35.34
CA ARG F 25 -13.79 -9.21 36.53
C ARG F 25 -12.57 -8.98 37.39
N SER F 26 -12.69 -8.02 38.30
CA SER F 26 -11.82 -7.96 39.47
C SER F 26 -12.70 -8.23 40.67
N VAL F 27 -12.25 -9.13 41.53
CA VAL F 27 -13.06 -9.47 42.70
C VAL F 27 -12.29 -9.21 43.99
N ILE F 28 -12.85 -8.38 44.86
CA ILE F 28 -12.23 -8.07 46.13
C ILE F 28 -12.79 -8.99 47.21
N TRP F 29 -11.94 -9.43 48.13
CA TRP F 29 -12.39 -10.33 49.20
C TRP F 29 -12.05 -9.76 50.58
N TYR F 30 -12.94 -9.99 51.54
CA TYR F 30 -12.75 -9.46 52.89
C TYR F 30 -13.01 -10.53 53.96
N GLN F 31 -12.62 -10.23 55.19
CA GLN F 31 -12.83 -11.13 56.31
C GLN F 31 -13.35 -10.38 57.53
N GLN F 32 -14.63 -10.60 57.86
CA GLN F 32 -15.21 -10.01 59.06
C GLN F 32 -14.98 -10.91 60.27
N ARG F 33 -14.02 -10.52 61.09
CA ARG F 33 -13.78 -11.21 62.36
C ARG F 33 -14.81 -10.74 63.37
N PRO F 34 -15.71 -11.64 63.79
CA PRO F 34 -16.85 -11.36 64.66
C PRO F 34 -16.52 -10.40 65.80
N GLY F 35 -17.12 -9.22 65.75
CA GLY F 35 -16.78 -8.14 66.67
C GLY F 35 -15.97 -7.08 65.96
N GLN F 36 -14.89 -7.50 65.32
CA GLN F 36 -13.98 -6.58 64.66
C GLN F 36 -14.52 -6.10 63.32
N ALA F 37 -13.71 -5.31 62.63
CA ALA F 37 -14.09 -4.73 61.35
C ALA F 37 -13.75 -5.67 60.18
N PRO F 38 -14.37 -5.44 59.01
CA PRO F 38 -14.00 -6.22 57.83
C PRO F 38 -12.57 -5.94 57.41
N SER F 39 -11.80 -6.99 57.14
CA SER F 39 -10.40 -6.84 56.76
C SER F 39 -10.17 -7.25 55.32
N LEU F 40 -9.61 -6.34 54.53
CA LEU F 40 -9.24 -6.64 53.16
C LEU F 40 -8.16 -7.72 53.15
N ILE F 41 -8.45 -8.84 52.53
CA ILE F 41 -7.49 -9.93 52.48
C ILE F 41 -6.93 -10.12 51.07
N ILE F 42 -7.77 -9.90 50.05
CA ILE F 42 -7.36 -10.02 48.66
C ILE F 42 -7.94 -8.83 47.88
N TYR F 43 -7.10 -8.15 47.10
CA TYR F 43 -7.58 -6.98 46.36
C TYR F 43 -7.77 -7.30 44.87
N ASN F 44 -6.72 -7.74 44.20
CA ASN F 44 -6.92 -8.24 42.84
C ASN F 44 -7.56 -9.63 42.97
N ASN F 45 -7.81 -10.31 41.86
CA ASN F 45 -8.44 -11.62 41.93
C ASN F 45 -7.64 -12.62 42.76
N ASN F 46 -6.33 -12.38 42.87
CA ASN F 46 -5.47 -13.22 43.71
C ASN F 46 -4.25 -12.49 44.27
N ASP F 47 -4.37 -11.18 44.49
CA ASP F 47 -3.26 -10.39 45.03
C ASP F 47 -3.48 -10.11 46.51
N ARG F 48 -2.43 -10.28 47.30
CA ARG F 48 -2.51 -10.08 48.75
C ARG F 48 -1.49 -9.05 49.21
N PRO F 49 -1.94 -8.06 50.00
CA PRO F 49 -1.04 -7.05 50.57
C PRO F 49 -0.32 -7.57 51.81
N SER F 50 0.32 -6.66 52.54
CA SER F 50 1.02 -7.02 53.77
C SER F 50 0.03 -7.33 54.88
N GLY F 51 0.45 -8.14 55.85
CA GLY F 51 -0.40 -8.49 56.97
C GLY F 51 -1.18 -9.77 56.73
N ILE F 52 -1.33 -10.12 55.47
CA ILE F 52 -2.06 -11.34 55.08
C ILE F 52 -1.13 -12.23 54.25
N PRO F 53 -0.81 -13.42 54.79
CA PRO F 53 0.10 -14.33 54.10
C PRO F 53 -0.60 -15.30 53.15
N ASP F 54 0.19 -16.13 52.48
CA ASP F 54 -0.35 -17.15 51.59
C ASP F 54 -0.60 -18.44 52.40
N ARG F 55 -1.47 -19.33 51.93
CA ARG F 55 -2.18 -19.15 50.67
C ARG F 55 -3.67 -18.93 50.86
N PHE F 56 -4.09 -17.70 50.57
CA PHE F 56 -5.51 -17.37 50.44
C PHE F 56 -5.85 -17.28 48.96
N SER F 57 -5.76 -18.42 48.26
CA SER F 57 -5.93 -18.47 46.82
C SER F 57 -7.32 -17.98 46.41
N GLY F 58 -7.48 -17.64 45.14
CA GLY F 58 -8.75 -17.17 44.64
C GLY F 58 -8.95 -17.45 43.17
N SER F 59 -10.18 -17.27 42.70
CA SER F 59 -10.49 -17.43 41.29
C SER F 59 -9.92 -16.26 40.49
N PRO F 60 -9.21 -16.56 39.39
CA PRO F 60 -8.72 -15.49 38.52
C PRO F 60 -9.88 -14.87 37.75
N GLY F 61 -9.76 -13.58 37.41
CA GLY F 61 -10.85 -12.89 36.75
C GLY F 61 -10.98 -13.23 35.28
N SER F 62 -10.09 -14.08 34.79
CA SER F 62 -10.01 -14.36 33.36
C SER F 62 -11.06 -15.36 32.86
N THR F 63 -11.86 -15.93 33.76
CA THR F 63 -12.81 -16.96 33.36
C THR F 63 -14.26 -16.45 33.27
N PHE F 64 -15.06 -17.13 32.46
CA PHE F 64 -16.43 -16.71 32.19
C PHE F 64 -17.40 -17.88 32.32
N GLY F 65 -18.59 -17.59 32.84
CA GLY F 65 -19.56 -18.62 33.14
C GLY F 65 -19.10 -19.39 34.36
N THR F 66 -18.28 -18.74 35.17
CA THR F 66 -17.66 -19.36 36.34
C THR F 66 -18.02 -18.64 37.63
N THR F 67 -17.89 -19.34 38.74
CA THR F 67 -18.15 -18.76 40.05
C THR F 67 -16.87 -18.19 40.62
N ALA F 68 -16.99 -17.30 41.60
CA ALA F 68 -15.83 -16.71 42.25
C ALA F 68 -15.52 -17.46 43.54
N THR F 69 -14.34 -18.09 43.59
CA THR F 69 -13.97 -18.91 44.73
C THR F 69 -12.77 -18.36 45.51
N LEU F 70 -12.73 -18.66 46.80
CA LEU F 70 -11.63 -18.28 47.68
C LEU F 70 -11.11 -19.50 48.43
N THR F 71 -9.90 -19.92 48.10
CA THR F 71 -9.35 -21.15 48.68
C THR F 71 -8.38 -20.89 49.81
N ILE F 72 -8.82 -21.20 51.04
CA ILE F 72 -7.95 -21.14 52.20
C ILE F 72 -7.12 -22.41 52.26
N THR F 73 -5.82 -22.27 52.43
CA THR F 73 -4.96 -23.45 52.55
C THR F 73 -4.27 -23.48 53.90
N SER F 74 -4.17 -24.67 54.48
CA SER F 74 -3.59 -24.85 55.82
C SER F 74 -4.32 -24.01 56.84
N VAL F 75 -5.55 -24.41 57.15
CA VAL F 75 -6.41 -23.61 58.01
C VAL F 75 -6.02 -23.74 59.48
N GLU F 76 -6.37 -22.71 60.25
CA GLU F 76 -6.12 -22.68 61.68
C GLU F 76 -7.33 -22.07 62.38
N ALA F 77 -7.30 -22.05 63.72
CA ALA F 77 -8.42 -21.51 64.49
C ALA F 77 -8.68 -20.05 64.15
N GLY F 78 -7.61 -19.29 63.93
CA GLY F 78 -7.72 -17.87 63.66
C GLY F 78 -8.47 -17.56 62.38
N ASP F 79 -8.43 -18.50 61.42
CA ASP F 79 -9.05 -18.29 60.12
C ASP F 79 -10.57 -18.30 60.18
N GLU F 80 -11.13 -18.76 61.30
CA GLU F 80 -12.57 -18.81 61.46
C GLU F 80 -13.16 -17.40 61.54
N ALA F 81 -13.94 -17.04 60.53
CA ALA F 81 -14.60 -15.74 60.45
C ALA F 81 -15.56 -15.69 59.25
N ASP F 82 -16.35 -14.62 59.17
CA ASP F 82 -17.22 -14.40 58.03
C ASP F 82 -16.40 -13.81 56.89
N TYR F 83 -16.82 -14.09 55.66
CA TYR F 83 -16.12 -13.58 54.49
C TYR F 83 -17.09 -12.91 53.52
N TYR F 84 -16.59 -11.95 52.74
CA TYR F 84 -17.40 -11.25 51.75
C TYR F 84 -16.61 -11.01 50.47
N CYS F 85 -17.31 -10.83 49.35
CA CYS F 85 -16.64 -10.54 48.10
C CYS F 85 -17.29 -9.37 47.38
N HIS F 86 -16.45 -8.63 46.65
CA HIS F 86 -16.89 -7.45 45.89
C HIS F 86 -16.65 -7.71 44.42
N ILE F 87 -17.68 -7.58 43.59
CA ILE F 87 -17.55 -7.93 42.19
C ILE F 87 -17.55 -6.73 41.25
N TRP F 88 -16.75 -6.83 40.20
CA TRP F 88 -16.62 -5.77 39.21
C TRP F 88 -16.57 -6.37 37.81
N ASP F 89 -17.75 -6.64 37.25
CA ASP F 89 -17.84 -7.29 35.95
C ASP F 89 -17.82 -6.28 34.82
N SER F 90 -17.03 -6.54 33.78
CA SER F 90 -16.94 -5.65 32.63
C SER F 90 -18.31 -5.46 31.98
N ARG F 91 -19.19 -6.45 32.16
CA ARG F 91 -20.51 -6.43 31.55
C ARG F 91 -21.60 -5.90 32.48
N ARG F 92 -21.53 -6.25 33.76
CA ARG F 92 -22.53 -5.80 34.73
C ARG F 92 -22.06 -4.56 35.49
N PRO F 93 -23.01 -3.71 35.91
CA PRO F 93 -22.69 -2.44 36.58
C PRO F 93 -22.08 -2.58 37.98
N THR F 94 -21.66 -1.44 38.53
CA THR F 94 -20.98 -1.38 39.81
C THR F 94 -21.80 -1.95 40.98
N ASN F 95 -21.26 -2.97 41.63
CA ASN F 95 -21.92 -3.62 42.77
C ASN F 95 -21.73 -2.83 44.06
N TRP F 96 -22.80 -2.19 44.52
CA TRP F 96 -22.71 -1.27 45.65
C TRP F 96 -22.98 -1.91 47.01
N VAL F 97 -22.99 -3.23 47.07
CA VAL F 97 -23.14 -3.94 48.33
C VAL F 97 -22.41 -5.28 48.23
N PHE F 98 -21.47 -5.49 49.14
CA PHE F 98 -20.69 -6.71 49.16
C PHE F 98 -21.58 -7.93 49.08
N GLY F 99 -21.17 -8.91 48.28
CA GLY F 99 -21.92 -10.14 48.12
C GLY F 99 -22.15 -10.86 49.45
N GLU F 100 -23.21 -11.67 49.50
CA GLU F 100 -23.60 -12.34 50.73
C GLU F 100 -22.46 -13.12 51.37
N GLY F 101 -22.45 -13.16 52.70
CA GLY F 101 -21.38 -13.79 53.44
C GLY F 101 -21.39 -15.30 53.40
N THR F 102 -20.24 -15.88 53.74
CA THR F 102 -20.09 -17.32 53.79
C THR F 102 -19.16 -17.67 54.95
N THR F 103 -19.76 -17.99 56.10
CA THR F 103 -19.04 -18.13 57.35
C THR F 103 -18.28 -19.45 57.49
N LEU F 104 -16.98 -19.34 57.77
CA LEU F 104 -16.10 -20.50 57.90
C LEU F 104 -16.08 -21.01 59.34
N ILE F 105 -16.06 -22.33 59.51
CA ILE F 105 -15.99 -22.94 60.83
C ILE F 105 -15.16 -24.23 60.84
N VAL F 106 -13.90 -24.12 61.25
CA VAL F 106 -12.99 -25.27 61.31
C VAL F 106 -13.50 -26.32 62.32
N LEU F 107 -12.96 -27.53 62.28
CA LEU F 107 -13.48 -28.66 63.07
C LEU F 107 -12.65 -28.99 64.31
N SER F 108 -13.29 -29.72 65.23
CA SER F 108 -12.64 -30.31 66.39
C SER F 108 -12.00 -29.29 67.34
N GLN F 109 -12.64 -28.14 67.47
CA GLN F 109 -12.19 -27.08 68.39
C GLN F 109 -12.11 -27.58 69.83
N PRO F 110 -11.49 -26.79 70.72
CA PRO F 110 -11.49 -27.19 72.13
C PRO F 110 -12.89 -27.41 72.69
N LYS F 111 -13.25 -28.66 72.92
CA LYS F 111 -14.47 -28.97 73.66
C LYS F 111 -14.30 -28.42 75.08
N ALA F 112 -15.04 -27.37 75.39
CA ALA F 112 -14.84 -26.69 76.67
C ALA F 112 -16.16 -26.30 77.32
N ALA F 113 -16.26 -26.55 78.62
CA ALA F 113 -17.42 -26.25 79.42
C ALA F 113 -17.33 -24.83 80.01
N PRO F 114 -18.48 -24.23 80.40
CA PRO F 114 -18.48 -22.80 80.76
C PRO F 114 -17.84 -22.46 82.10
N SER F 115 -17.65 -21.16 82.32
CA SER F 115 -17.12 -20.63 83.58
C SER F 115 -18.16 -19.72 84.25
N VAL F 116 -19.16 -20.34 84.85
CA VAL F 116 -20.27 -19.59 85.45
C VAL F 116 -19.85 -18.91 86.75
N THR F 117 -20.27 -17.67 86.93
CA THR F 117 -19.96 -16.89 88.13
C THR F 117 -21.18 -16.09 88.58
N LEU F 118 -21.93 -16.65 89.53
CA LEU F 118 -23.20 -16.06 89.96
C LEU F 118 -23.04 -15.01 91.05
N PHE F 119 -23.27 -13.75 90.69
CA PHE F 119 -23.27 -12.67 91.65
C PHE F 119 -24.68 -12.42 92.19
N PRO F 120 -24.78 -11.91 93.42
CA PRO F 120 -26.07 -11.57 94.05
C PRO F 120 -26.45 -10.10 93.82
N PRO F 121 -27.66 -9.69 94.24
CA PRO F 121 -28.01 -8.27 94.11
C PRO F 121 -27.15 -7.40 95.04
N SER F 122 -26.44 -6.43 94.46
CA SER F 122 -25.59 -5.55 95.25
C SER F 122 -26.43 -4.60 96.10
N SER F 123 -25.93 -4.33 97.30
CA SER F 123 -26.63 -3.53 98.31
C SER F 123 -27.24 -2.22 97.79
N GLU F 124 -26.55 -1.55 96.87
CA GLU F 124 -27.06 -0.31 96.28
C GLU F 124 -28.36 -0.57 95.53
N GLU F 125 -28.38 -1.65 94.76
CA GLU F 125 -29.54 -1.99 93.93
C GLU F 125 -30.77 -2.29 94.78
N LEU F 126 -30.58 -3.12 95.82
CA LEU F 126 -31.64 -3.47 96.75
C LEU F 126 -32.29 -2.25 97.37
N GLN F 127 -31.47 -1.23 97.63
CA GLN F 127 -31.95 0.01 98.22
C GLN F 127 -32.88 0.78 97.27
N ALA F 128 -32.78 0.47 95.98
CA ALA F 128 -33.56 1.19 94.97
C ALA F 128 -34.88 0.49 94.66
N ASN F 129 -35.36 -0.32 95.61
CA ASN F 129 -36.61 -1.07 95.48
C ASN F 129 -36.60 -1.98 94.24
N LYS F 130 -35.42 -2.43 93.85
CA LYS F 130 -35.27 -3.32 92.70
C LYS F 130 -34.21 -4.36 93.03
N ALA F 131 -34.35 -5.56 92.49
CA ALA F 131 -33.42 -6.65 92.79
C ALA F 131 -33.21 -7.60 91.63
N THR F 132 -31.95 -7.81 91.25
CA THR F 132 -31.59 -8.74 90.20
C THR F 132 -30.30 -9.50 90.54
N LEU F 133 -30.30 -10.81 90.29
CA LEU F 133 -29.07 -11.59 90.37
C LEU F 133 -28.64 -11.95 88.97
N VAL F 134 -27.34 -12.09 88.75
CA VAL F 134 -26.81 -12.35 87.42
C VAL F 134 -25.75 -13.45 87.39
N CYS F 135 -25.99 -14.50 86.60
CA CYS F 135 -24.95 -15.49 86.35
C CYS F 135 -24.37 -15.27 84.95
N LEU F 136 -23.05 -15.29 84.88
CA LEU F 136 -22.35 -14.94 83.64
C LEU F 136 -21.62 -16.16 83.07
N ILE F 137 -22.09 -16.63 81.92
CA ILE F 137 -21.62 -17.88 81.34
C ILE F 137 -20.52 -17.65 80.31
N SER F 138 -19.31 -18.10 80.63
CA SER F 138 -18.12 -17.75 79.83
C SER F 138 -17.26 -18.94 79.43
N ASP F 139 -16.55 -18.77 78.32
CA ASP F 139 -15.70 -19.82 77.78
C ASP F 139 -16.34 -21.19 77.60
N PHE F 140 -17.30 -21.29 76.69
CA PHE F 140 -17.97 -22.58 76.41
C PHE F 140 -18.11 -22.84 74.91
N TYR F 141 -17.57 -23.98 74.48
CA TYR F 141 -17.66 -24.42 73.08
C TYR F 141 -18.41 -25.73 73.07
N PRO F 142 -19.48 -25.83 72.26
CA PRO F 142 -19.99 -24.72 71.43
C PRO F 142 -21.01 -23.87 72.16
N GLY F 143 -21.42 -22.77 71.53
CA GLY F 143 -22.36 -21.84 72.13
C GLY F 143 -23.81 -22.25 72.00
N ALA F 144 -24.21 -23.25 72.79
CA ALA F 144 -25.59 -23.74 72.79
C ALA F 144 -26.05 -24.13 74.19
N VAL F 145 -26.14 -23.15 75.07
CA VAL F 145 -26.54 -23.40 76.45
C VAL F 145 -28.00 -23.04 76.68
N THR F 146 -28.57 -23.63 77.71
CA THR F 146 -29.93 -23.35 78.12
C THR F 146 -29.95 -23.24 79.63
N VAL F 147 -30.33 -22.08 80.13
CA VAL F 147 -30.23 -21.80 81.55
C VAL F 147 -31.58 -21.61 82.22
N ALA F 148 -31.81 -22.38 83.28
CA ALA F 148 -33.00 -22.23 84.08
C ALA F 148 -32.66 -21.63 85.44
N TRP F 149 -33.66 -21.09 86.11
CA TRP F 149 -33.47 -20.55 87.45
C TRP F 149 -34.42 -21.24 88.42
N LYS F 150 -34.06 -21.24 89.70
CA LYS F 150 -34.87 -21.89 90.71
C LYS F 150 -34.95 -21.08 92.00
N ALA F 151 -36.18 -20.74 92.40
CA ALA F 151 -36.41 -20.20 93.73
C ALA F 151 -36.29 -21.36 94.70
N ASP F 152 -35.07 -21.58 95.19
CA ASP F 152 -34.72 -22.77 95.96
C ASP F 152 -35.00 -24.02 95.13
N SER F 153 -35.99 -24.81 95.54
CA SER F 153 -36.31 -26.05 94.82
C SER F 153 -37.09 -25.78 93.54
N SER F 154 -38.10 -24.92 93.63
CA SER F 154 -39.02 -24.68 92.52
C SER F 154 -38.41 -23.84 91.41
N PRO F 155 -38.69 -24.19 90.15
CA PRO F 155 -38.20 -23.46 88.98
C PRO F 155 -38.79 -22.06 88.85
N VAL F 156 -38.24 -21.25 87.96
CA VAL F 156 -38.70 -19.88 87.75
C VAL F 156 -38.87 -19.59 86.26
N LYS F 157 -40.01 -19.02 85.89
CA LYS F 157 -40.31 -18.71 84.50
C LYS F 157 -40.27 -17.21 84.20
N ALA F 158 -40.94 -16.44 85.05
CA ALA F 158 -41.13 -15.01 84.81
C ALA F 158 -39.87 -14.19 85.07
N GLY F 159 -39.77 -13.06 84.36
CA GLY F 159 -38.72 -12.09 84.59
C GLY F 159 -37.37 -12.44 84.02
N VAL F 160 -37.19 -13.70 83.64
CA VAL F 160 -35.90 -14.19 83.18
C VAL F 160 -35.53 -13.65 81.80
N GLU F 161 -34.58 -12.73 81.76
CA GLU F 161 -34.03 -12.23 80.50
C GLU F 161 -32.72 -12.95 80.21
N THR F 162 -32.48 -13.26 78.94
CA THR F 162 -31.32 -14.04 78.55
C THR F 162 -30.71 -13.58 77.23
N THR F 163 -29.37 -13.60 77.15
CA THR F 163 -28.67 -13.23 75.92
C THR F 163 -28.59 -14.39 74.94
N THR F 164 -27.97 -14.13 73.80
CA THR F 164 -27.73 -15.15 72.79
C THR F 164 -26.23 -15.43 72.72
N PRO F 165 -25.84 -16.71 72.72
CA PRO F 165 -24.43 -17.12 72.64
C PRO F 165 -23.65 -16.37 71.57
N SER F 166 -22.69 -15.56 72.01
CA SER F 166 -21.90 -14.74 71.10
C SER F 166 -20.42 -15.09 71.18
N LYS F 167 -19.80 -15.33 70.03
CA LYS F 167 -18.40 -15.69 69.98
C LYS F 167 -17.48 -14.47 70.15
N GLN F 168 -16.85 -14.38 71.32
CA GLN F 168 -15.83 -13.38 71.53
C GLN F 168 -14.64 -13.72 70.65
N SER F 169 -13.72 -12.77 70.45
CA SER F 169 -12.63 -12.95 69.50
C SER F 169 -11.81 -14.23 69.78
N ASN F 170 -11.48 -14.45 71.03
CA ASN F 170 -10.80 -15.67 71.42
C ASN F 170 -11.79 -16.84 71.28
N ASN F 171 -11.27 -18.02 70.96
CA ASN F 171 -12.13 -19.19 70.72
C ASN F 171 -13.02 -19.52 71.91
N LYS F 172 -14.03 -18.68 72.10
CA LYS F 172 -14.90 -18.78 73.27
C LYS F 172 -16.24 -18.14 72.97
N TYR F 173 -17.30 -18.68 73.57
CA TYR F 173 -18.62 -18.07 73.50
C TYR F 173 -18.96 -17.43 74.84
N ALA F 174 -19.88 -16.47 74.83
CA ALA F 174 -20.27 -15.79 76.05
C ALA F 174 -21.76 -15.48 76.07
N ALA F 175 -22.38 -15.68 77.23
CA ALA F 175 -23.80 -15.41 77.40
C ALA F 175 -24.12 -15.09 78.86
N SER F 176 -25.18 -14.32 79.08
CA SER F 176 -25.60 -13.92 80.41
C SER F 176 -27.06 -14.30 80.67
N SER F 177 -27.49 -14.19 81.92
CA SER F 177 -28.87 -14.48 82.28
C SER F 177 -29.29 -13.67 83.50
N TYR F 178 -30.51 -13.13 83.44
CA TYR F 178 -31.01 -12.25 84.49
C TYR F 178 -32.39 -12.68 84.98
N LEU F 179 -32.87 -11.97 86.00
CA LEU F 179 -34.25 -12.09 86.47
C LEU F 179 -34.57 -10.92 87.38
N SER F 180 -35.80 -10.44 87.31
CA SER F 180 -36.20 -9.26 88.07
C SER F 180 -37.08 -9.64 89.26
N LEU F 181 -36.59 -9.34 90.46
CA LEU F 181 -37.32 -9.63 91.68
C LEU F 181 -37.45 -8.39 92.54
N THR F 182 -38.08 -8.55 93.70
CA THR F 182 -38.12 -7.49 94.69
C THR F 182 -37.17 -7.89 95.83
N PRO F 183 -36.51 -6.91 96.45
CA PRO F 183 -35.55 -7.17 97.54
C PRO F 183 -36.13 -8.02 98.67
N GLU F 184 -37.42 -7.85 98.93
CA GLU F 184 -38.07 -8.51 100.05
C GLU F 184 -38.35 -9.98 99.78
N GLN F 185 -38.45 -10.35 98.51
CA GLN F 185 -38.68 -11.75 98.15
C GLN F 185 -37.36 -12.44 97.88
N TRP F 186 -36.30 -11.65 97.69
CA TRP F 186 -34.96 -12.19 97.51
C TRP F 186 -34.38 -12.59 98.87
N LYS F 187 -34.71 -11.82 99.89
CA LYS F 187 -34.26 -12.10 101.25
C LYS F 187 -35.12 -13.16 101.91
N SER F 188 -36.35 -13.31 101.44
CA SER F 188 -37.31 -14.23 102.04
C SER F 188 -36.92 -15.69 101.82
N HIS F 189 -36.40 -15.99 100.62
CA HIS F 189 -36.05 -17.35 100.26
C HIS F 189 -34.70 -17.76 100.82
N LYS F 190 -34.41 -19.05 100.76
CA LYS F 190 -33.17 -19.58 101.29
C LYS F 190 -32.02 -19.44 100.29
N SER F 191 -32.26 -19.82 99.04
CA SER F 191 -31.20 -19.76 98.02
C SER F 191 -31.74 -19.83 96.58
N TYR F 192 -31.55 -18.76 95.81
CA TYR F 192 -31.87 -18.78 94.39
C TYR F 192 -30.74 -19.44 93.61
N SER F 193 -31.06 -20.05 92.47
CA SER F 193 -30.08 -20.84 91.73
C SER F 193 -30.06 -20.58 90.22
N CYS F 194 -28.88 -20.67 89.62
CA CYS F 194 -28.71 -20.57 88.18
C CYS F 194 -28.16 -21.87 87.62
N GLN F 195 -29.00 -22.63 86.93
CA GLN F 195 -28.61 -23.92 86.39
C GLN F 195 -28.40 -23.88 84.88
N VAL F 196 -27.15 -23.76 84.46
CA VAL F 196 -26.84 -23.81 83.04
C VAL F 196 -26.79 -25.26 82.58
N THR F 197 -27.07 -25.47 81.30
CA THR F 197 -26.97 -26.79 80.71
C THR F 197 -26.07 -26.72 79.49
N HIS F 198 -24.94 -27.41 79.56
CA HIS F 198 -24.04 -27.46 78.41
C HIS F 198 -24.55 -28.53 77.44
N GLU F 199 -23.67 -29.00 76.57
CA GLU F 199 -24.04 -30.06 75.63
C GLU F 199 -24.51 -31.30 76.36
N GLY F 200 -23.82 -31.63 77.44
CA GLY F 200 -24.25 -32.72 78.29
C GLY F 200 -24.36 -32.28 79.73
N SER F 201 -23.31 -31.62 80.22
CA SER F 201 -23.20 -31.26 81.62
C SER F 201 -24.08 -30.09 82.04
N THR F 202 -24.58 -30.17 83.27
CA THR F 202 -25.32 -29.06 83.86
C THR F 202 -24.61 -28.59 85.12
N VAL F 203 -24.09 -27.38 85.08
CA VAL F 203 -23.40 -26.78 86.22
C VAL F 203 -24.37 -25.93 87.03
N GLU F 204 -24.29 -26.04 88.36
CA GLU F 204 -25.14 -25.24 89.23
C GLU F 204 -24.36 -24.14 89.93
N LYS F 205 -24.98 -22.98 90.03
CA LYS F 205 -24.48 -21.88 90.83
C LYS F 205 -25.64 -21.33 91.65
N THR F 206 -25.39 -21.04 92.93
CA THR F 206 -26.47 -20.73 93.85
C THR F 206 -26.07 -19.75 94.95
N VAL F 207 -26.72 -18.60 94.97
CA VAL F 207 -26.41 -17.58 95.96
C VAL F 207 -27.54 -17.38 96.97
N ALA F 208 -27.17 -17.29 98.24
CA ALA F 208 -28.12 -17.09 99.33
C ALA F 208 -28.04 -15.66 99.87
N PRO F 209 -29.12 -15.17 100.50
CA PRO F 209 -29.13 -13.79 101.01
C PRO F 209 -28.51 -13.63 102.39
N THR F 210 -27.83 -12.50 102.60
CA THR F 210 -27.24 -12.18 103.90
C THR F 210 -28.32 -12.01 104.96
#